data_6NOR
#
_entry.id   6NOR
#
_cell.length_a   123.997
_cell.length_b   123.997
_cell.length_c   272.569
_cell.angle_alpha   90.000
_cell.angle_beta   90.000
_cell.angle_gamma   120.000
#
_symmetry.space_group_name_H-M   'P 31 2 1'
#
loop_
_entity.id
_entity.type
_entity.pdbx_description
1 polymer 'Putative NAD dependent dehydrogenase'
2 non-polymer NICOTINAMIDE-ADENINE-DINUCLEOTIDE
3 water water
#
_entity_poly.entity_id   1
_entity_poly.type   'polypeptide(L)'
_entity_poly.pdbx_seq_one_letter_code
;MGSSHHHHHHSSGLVPRGSHMVERLGVAVVGGGFMGGVHAEVLTADPRVDLRWVVDRDERVGTDLATRFGARVTTTLDEA
LADDTVRFVVVATPAATHEPIAAQVIAAGRNVLVEKPLVLSTGHARQLAAAAHERGVVLAHGGNFVYAPKFVRAHELAAD
REALGTVHSVRVAFRTSGPDTDWFRSKATAGGGALTDLGWHAVELCRWMLGKPAIRAVTACTRQLSAAGDVEDQGVVLIE
FADGAIGQCDVSWACPGGEQLTVEVIGTEGLVTADLWQGMGVEAYTNTKFGAVWEPNQGWLRPEWEWIRNSGYVHQDRQV
VDAVLDGRPMTHTPDDAVAVVETLEAAYRSAADGRKVEMNA
;
_entity_poly.pdbx_strand_id   A,B,C,D,E,F
#
loop_
_chem_comp.id
_chem_comp.type
_chem_comp.name
_chem_comp.formula
NAD non-polymer NICOTINAMIDE-ADENINE-DINUCLEOTIDE 'C21 H27 N7 O14 P2'
#
# COMPACT_ATOMS: atom_id res chain seq x y z
N GLY A 13 -5.54 -52.81 -16.46
CA GLY A 13 -4.92 -51.52 -16.64
C GLY A 13 -4.75 -50.69 -15.37
N LEU A 14 -4.92 -49.38 -15.51
CA LEU A 14 -5.30 -48.79 -16.79
C LEU A 14 -4.40 -47.63 -17.24
N VAL A 15 -4.00 -47.71 -18.51
CA VAL A 15 -3.20 -46.70 -19.17
C VAL A 15 -4.09 -45.76 -19.99
N PRO A 16 -3.99 -44.45 -19.75
CA PRO A 16 -4.80 -43.53 -20.55
C PRO A 16 -4.41 -43.57 -22.02
N ARG A 17 -5.39 -43.48 -22.91
CA ARG A 17 -5.12 -43.59 -24.34
C ARG A 17 -4.25 -42.41 -24.76
N GLY A 18 -3.31 -42.64 -25.66
CA GLY A 18 -2.38 -41.60 -26.05
C GLY A 18 -3.02 -40.52 -26.92
N SER A 19 -2.66 -39.25 -26.65
CA SER A 19 -2.97 -38.13 -27.54
C SER A 19 -2.47 -38.54 -28.91
N HIS A 20 -3.24 -38.63 -29.99
CA HIS A 20 -4.59 -38.23 -30.43
C HIS A 20 -4.18 -37.33 -31.57
N MET A 21 -3.01 -37.68 -32.09
CA MET A 21 -2.10 -36.85 -32.90
C MET A 21 -2.65 -35.63 -33.65
N VAL A 22 -3.90 -35.74 -34.02
CA VAL A 22 -4.35 -35.24 -35.29
C VAL A 22 -4.99 -33.86 -35.37
N GLU A 23 -5.47 -33.29 -34.27
CA GLU A 23 -6.05 -31.97 -34.34
C GLU A 23 -4.87 -31.02 -34.32
N ARG A 24 -5.06 -29.77 -34.72
CA ARG A 24 -3.96 -28.83 -34.62
C ARG A 24 -4.40 -27.59 -33.89
N LEU A 25 -3.68 -27.27 -32.82
CA LEU A 25 -4.04 -26.13 -32.02
C LEU A 25 -2.87 -25.19 -31.96
N GLY A 26 -3.05 -24.00 -32.50
CA GLY A 26 -2.01 -23.00 -32.50
C GLY A 26 -1.93 -22.38 -31.13
N VAL A 27 -0.71 -22.26 -30.61
CA VAL A 27 -0.49 -21.81 -29.25
C VAL A 27 0.46 -20.62 -29.19
N ALA A 28 0.18 -19.64 -28.34
CA ALA A 28 1.18 -18.64 -27.98
C ALA A 28 1.57 -18.78 -26.51
N VAL A 29 2.85 -18.58 -26.23
CA VAL A 29 3.34 -18.60 -24.87
C VAL A 29 3.81 -17.19 -24.53
N VAL A 30 3.28 -16.65 -23.44
CA VAL A 30 3.62 -15.30 -23.01
C VAL A 30 4.45 -15.40 -21.76
N GLY A 31 5.66 -14.89 -21.81
CA GLY A 31 6.60 -15.10 -20.74
C GLY A 31 7.45 -16.30 -21.08
N GLY A 32 8.65 -16.07 -21.58
CA GLY A 32 9.53 -17.15 -21.99
C GLY A 32 10.57 -17.47 -20.94
N GLY A 33 10.18 -17.30 -19.68
CA GLY A 33 11.09 -17.59 -18.59
C GLY A 33 11.03 -19.06 -18.20
N PHE A 34 11.28 -19.34 -16.93
CA PHE A 34 11.28 -20.69 -16.44
C PHE A 34 9.99 -21.46 -16.73
N MET A 35 8.85 -20.88 -16.41
CA MET A 35 7.60 -21.62 -16.50
C MET A 35 7.08 -21.64 -17.93
N GLY A 36 7.37 -20.59 -18.68
CA GLY A 36 7.04 -20.59 -20.09
C GLY A 36 7.82 -21.64 -20.84
N GLY A 37 9.06 -21.88 -20.42
CA GLY A 37 9.84 -22.95 -20.99
C GLY A 37 9.29 -24.35 -20.69
N VAL A 38 8.92 -24.60 -19.44
CA VAL A 38 8.32 -25.87 -19.06
C VAL A 38 7.07 -26.16 -19.88
N HIS A 39 6.21 -25.15 -20.01
CA HIS A 39 4.97 -25.33 -20.75
C HIS A 39 5.25 -25.57 -22.23
N ALA A 40 6.19 -24.81 -22.77
CA ALA A 40 6.63 -24.99 -24.16
C ALA A 40 7.10 -26.41 -24.40
N GLU A 41 7.81 -26.96 -23.42
CA GLU A 41 8.32 -28.32 -23.56
C GLU A 41 7.19 -29.33 -23.42
N VAL A 42 6.26 -29.07 -22.52
CA VAL A 42 5.14 -29.99 -22.33
C VAL A 42 4.20 -29.93 -23.52
N LEU A 43 3.93 -28.72 -24.02
CA LEU A 43 2.93 -28.57 -25.08
C LEU A 43 3.45 -29.10 -26.42
N THR A 44 4.73 -28.84 -26.74
CA THR A 44 5.29 -29.34 -27.99
C THR A 44 5.42 -30.86 -28.02
N ALA A 45 5.40 -31.50 -26.86
CA ALA A 45 5.41 -32.97 -26.85
C ALA A 45 4.04 -33.54 -27.21
N ASP A 46 3.03 -32.68 -27.25
CA ASP A 46 1.66 -33.06 -27.57
C ASP A 46 1.50 -32.90 -29.07
N PRO A 47 1.21 -34.00 -29.78
CA PRO A 47 1.12 -34.01 -31.26
C PRO A 47 0.10 -33.00 -31.78
N ARG A 48 -0.90 -32.69 -30.97
CA ARG A 48 -1.97 -31.80 -31.40
C ARG A 48 -1.58 -30.32 -31.39
N VAL A 49 -0.42 -29.99 -30.85
CA VAL A 49 -0.07 -28.60 -30.58
C VAL A 49 0.92 -27.99 -31.55
N ASP A 50 0.58 -26.81 -32.03
CA ASP A 50 1.48 -26.02 -32.85
C ASP A 50 1.89 -24.74 -32.11
N LEU A 51 3.11 -24.72 -31.58
CA LEU A 51 3.64 -23.55 -30.88
C LEU A 51 4.04 -22.50 -31.90
N ARG A 52 3.23 -21.47 -32.03
CA ARG A 52 3.46 -20.46 -33.06
C ARG A 52 4.23 -19.24 -32.57
N TRP A 53 3.97 -18.83 -31.34
CA TRP A 53 4.57 -17.61 -30.82
C TRP A 53 5.09 -17.77 -29.40
N VAL A 54 6.25 -17.18 -29.15
CA VAL A 54 6.72 -16.83 -27.84
C VAL A 54 6.65 -15.30 -27.74
N VAL A 55 5.91 -14.81 -26.75
CA VAL A 55 5.83 -13.38 -26.46
C VAL A 55 6.62 -13.10 -25.20
N ASP A 56 7.53 -12.13 -25.25
CA ASP A 56 8.33 -11.77 -24.06
C ASP A 56 8.80 -10.34 -24.20
N ARG A 57 8.82 -9.59 -23.10
CA ARG A 57 9.32 -8.22 -23.14
C ARG A 57 10.81 -8.24 -23.49
N ASP A 58 11.54 -9.24 -23.00
CA ASP A 58 12.96 -9.40 -23.29
C ASP A 58 13.16 -10.23 -24.56
N GLU A 59 13.60 -9.59 -25.63
CA GLU A 59 13.68 -10.24 -26.93
C GLU A 59 14.70 -11.37 -26.98
N ARG A 60 15.82 -11.21 -26.29
CA ARG A 60 16.82 -12.26 -26.25
C ARG A 60 16.27 -13.53 -25.64
N VAL A 61 15.60 -13.39 -24.50
CA VAL A 61 14.98 -14.52 -23.82
C VAL A 61 13.87 -15.13 -24.67
N GLY A 62 13.04 -14.27 -25.23
CA GLY A 62 11.98 -14.71 -26.11
C GLY A 62 12.56 -15.45 -27.30
N THR A 63 13.61 -14.91 -27.88
CA THR A 63 14.19 -15.48 -29.08
C THR A 63 14.81 -16.82 -28.81
N ASP A 64 15.52 -16.94 -27.69
CA ASP A 64 16.15 -18.19 -27.29
C ASP A 64 15.11 -19.30 -27.13
N LEU A 65 13.98 -19.00 -26.52
CA LEU A 65 12.93 -20.00 -26.38
C LEU A 65 12.33 -20.37 -27.73
N ALA A 66 11.97 -19.36 -28.53
CA ALA A 66 11.38 -19.59 -29.85
C ALA A 66 12.24 -20.43 -30.80
N THR A 67 13.54 -20.18 -30.86
CA THR A 67 14.35 -20.93 -31.82
C THR A 67 14.48 -22.39 -31.38
N ARG A 68 14.37 -22.60 -30.08
CA ARG A 68 14.45 -23.93 -29.52
C ARG A 68 13.27 -24.78 -29.98
N PHE A 69 12.13 -24.15 -30.22
CA PHE A 69 10.94 -24.88 -30.65
C PHE A 69 10.43 -24.45 -32.02
N GLY A 70 11.21 -23.64 -32.71
CA GLY A 70 10.85 -23.21 -34.05
C GLY A 70 9.63 -22.31 -34.09
N ALA A 71 9.41 -21.55 -33.04
CA ALA A 71 8.31 -20.59 -33.00
C ALA A 71 8.76 -19.25 -33.53
N ARG A 72 7.82 -18.35 -33.73
CA ARG A 72 8.16 -16.93 -33.95
C ARG A 72 8.27 -16.19 -32.62
N VAL A 73 9.04 -15.12 -32.59
CA VAL A 73 9.21 -14.37 -31.37
C VAL A 73 8.72 -12.95 -31.55
N THR A 74 8.08 -12.39 -30.51
CA THR A 74 7.64 -11.01 -30.52
C THR A 74 7.67 -10.41 -29.12
N THR A 75 7.60 -9.09 -29.06
CA THR A 75 7.58 -8.39 -27.79
C THR A 75 6.21 -7.79 -27.59
N THR A 76 5.35 -7.98 -28.57
CA THR A 76 4.01 -7.40 -28.56
C THR A 76 2.96 -8.49 -28.57
N LEU A 77 2.21 -8.59 -27.49
CA LEU A 77 1.11 -9.54 -27.40
C LEU A 77 0.16 -9.44 -28.60
N ASP A 78 0.02 -8.23 -29.13
CA ASP A 78 -0.94 -7.99 -30.20
C ASP A 78 -0.53 -8.61 -31.52
N GLU A 79 0.77 -8.78 -31.73
CA GLU A 79 1.24 -9.41 -32.95
C GLU A 79 0.78 -10.87 -32.98
N ALA A 80 0.94 -11.56 -31.84
CA ALA A 80 0.53 -12.96 -31.74
C ALA A 80 -0.97 -13.11 -31.83
N LEU A 81 -1.70 -12.14 -31.31
CA LEU A 81 -3.15 -12.20 -31.31
C LEU A 81 -3.70 -11.81 -32.69
N ALA A 82 -2.83 -11.28 -33.55
CA ALA A 82 -3.25 -10.95 -34.91
C ALA A 82 -3.14 -12.19 -35.79
N ASP A 83 -2.53 -13.23 -35.24
CA ASP A 83 -2.41 -14.51 -35.89
C ASP A 83 -3.67 -15.32 -35.62
N ASP A 84 -4.49 -15.49 -36.64
CA ASP A 84 -5.75 -16.21 -36.49
C ASP A 84 -5.61 -17.69 -36.11
N THR A 85 -4.43 -18.28 -36.31
CA THR A 85 -4.25 -19.69 -36.02
C THR A 85 -4.07 -19.93 -34.51
N VAL A 86 -3.66 -18.89 -33.80
CA VAL A 86 -3.58 -18.96 -32.35
C VAL A 86 -4.98 -19.03 -31.72
N ARG A 87 -5.22 -20.09 -30.96
CA ARG A 87 -6.52 -20.30 -30.32
C ARG A 87 -6.34 -20.50 -28.81
N PHE A 88 -5.09 -20.61 -28.39
CA PHE A 88 -4.78 -20.98 -27.04
C PHE A 88 -3.53 -20.27 -26.59
N VAL A 89 -3.63 -19.55 -25.48
CA VAL A 89 -2.52 -18.76 -24.98
C VAL A 89 -2.17 -19.17 -23.55
N VAL A 90 -0.89 -19.41 -23.33
CA VAL A 90 -0.34 -19.69 -22.01
C VAL A 90 0.30 -18.43 -21.46
N VAL A 91 -0.14 -18.02 -20.28
CA VAL A 91 0.39 -16.82 -19.63
C VAL A 91 1.26 -17.16 -18.42
N ALA A 92 2.57 -16.99 -18.59
CA ALA A 92 3.53 -17.34 -17.55
C ALA A 92 4.42 -16.14 -17.29
N THR A 93 3.80 -15.05 -16.87
CA THR A 93 4.53 -13.82 -16.68
C THR A 93 4.49 -13.51 -15.19
N PRO A 94 5.13 -12.42 -14.72
CA PRO A 94 5.01 -12.11 -13.29
C PRO A 94 3.56 -11.97 -12.86
N ALA A 95 3.31 -12.25 -11.59
CA ALA A 95 1.94 -12.37 -11.07
C ALA A 95 1.05 -11.17 -11.38
N ALA A 96 1.54 -9.96 -11.20
CA ALA A 96 0.69 -8.77 -11.38
C ALA A 96 0.32 -8.50 -12.85
N THR A 97 1.03 -9.11 -13.79
CA THR A 97 0.71 -8.92 -15.20
C THR A 97 -0.37 -9.90 -15.67
N HIS A 98 -0.69 -10.92 -14.88
CA HIS A 98 -1.67 -11.93 -15.29
C HIS A 98 -3.03 -11.36 -15.67
N GLU A 99 -3.59 -10.51 -14.83
CA GLU A 99 -4.94 -10.00 -15.11
C GLU A 99 -5.04 -9.17 -16.41
N PRO A 100 -4.16 -8.16 -16.62
CA PRO A 100 -4.28 -7.43 -17.90
C PRO A 100 -4.09 -8.33 -19.12
N ILE A 101 -3.07 -9.19 -19.06
CA ILE A 101 -2.75 -10.03 -20.20
C ILE A 101 -3.87 -11.03 -20.47
N ALA A 102 -4.38 -11.68 -19.44
CA ALA A 102 -5.46 -12.65 -19.63
C ALA A 102 -6.75 -11.97 -20.05
N ALA A 103 -6.97 -10.74 -19.59
CA ALA A 103 -8.18 -10.01 -19.97
C ALA A 103 -8.17 -9.68 -21.47
N GLN A 104 -6.99 -9.35 -21.97
CA GLN A 104 -6.83 -9.02 -23.39
C GLN A 104 -6.91 -10.28 -24.28
N VAL A 105 -6.36 -11.39 -23.80
CA VAL A 105 -6.43 -12.65 -24.53
C VAL A 105 -7.87 -13.13 -24.63
N ILE A 106 -8.60 -13.00 -23.54
CA ILE A 106 -9.99 -13.38 -23.50
C ILE A 106 -10.84 -12.47 -24.39
N ALA A 107 -10.55 -11.18 -24.37
CA ALA A 107 -11.33 -10.24 -25.16
C ALA A 107 -11.13 -10.48 -26.66
N ALA A 108 -9.97 -11.02 -27.01
CA ALA A 108 -9.65 -11.33 -28.41
C ALA A 108 -10.19 -12.69 -28.78
N GLY A 109 -10.93 -13.30 -27.86
CA GLY A 109 -11.61 -14.56 -28.12
C GLY A 109 -10.75 -15.79 -28.09
N ARG A 110 -9.68 -15.75 -27.32
CA ARG A 110 -8.78 -16.90 -27.20
C ARG A 110 -8.91 -17.64 -25.87
N ASN A 111 -8.72 -18.95 -25.93
CA ASN A 111 -8.61 -19.75 -24.72
C ASN A 111 -7.32 -19.42 -24.01
N VAL A 112 -7.30 -19.54 -22.68
CA VAL A 112 -6.13 -19.11 -21.94
C VAL A 112 -5.87 -19.99 -20.70
N LEU A 113 -4.61 -20.36 -20.53
CA LEU A 113 -4.11 -20.99 -19.33
C LEU A 113 -3.23 -19.98 -18.62
N VAL A 114 -3.62 -19.57 -17.43
CA VAL A 114 -2.87 -18.64 -16.61
C VAL A 114 -2.15 -19.34 -15.48
N GLU A 115 -0.85 -19.12 -15.36
CA GLU A 115 -0.11 -19.65 -14.26
C GLU A 115 -0.66 -19.16 -12.91
N LYS A 116 -0.44 -19.98 -11.89
CA LYS A 116 -0.54 -19.61 -10.49
C LYS A 116 0.34 -18.38 -10.19
N PRO A 117 -0.14 -17.44 -9.38
CA PRO A 117 -1.53 -17.34 -8.90
C PRO A 117 -2.38 -16.73 -9.99
N LEU A 118 -3.62 -17.18 -10.14
CA LEU A 118 -4.47 -16.72 -11.25
C LEU A 118 -4.41 -15.20 -11.34
N VAL A 119 -4.91 -14.53 -10.32
CA VAL A 119 -4.85 -13.08 -10.18
C VAL A 119 -4.61 -12.75 -8.71
N LEU A 120 -4.59 -11.48 -8.35
CA LEU A 120 -4.25 -11.12 -6.99
C LEU A 120 -5.40 -10.55 -6.17
N SER A 121 -6.62 -10.68 -6.67
CA SER A 121 -7.78 -10.24 -5.90
C SER A 121 -8.99 -11.08 -6.26
N THR A 122 -9.90 -11.22 -5.32
CA THR A 122 -11.09 -12.02 -5.53
C THR A 122 -11.95 -11.45 -6.66
N GLY A 123 -12.07 -10.13 -6.70
CA GLY A 123 -12.80 -9.46 -7.77
C GLY A 123 -12.31 -9.80 -9.15
N HIS A 124 -11.02 -9.65 -9.36
CA HIS A 124 -10.39 -9.97 -10.63
C HIS A 124 -10.64 -11.40 -11.04
N ALA A 125 -10.70 -12.31 -10.08
CA ALA A 125 -10.85 -13.72 -10.39
C ALA A 125 -12.26 -14.00 -10.84
N ARG A 126 -13.22 -13.49 -10.09
CA ARG A 126 -14.62 -13.67 -10.47
C ARG A 126 -14.92 -13.01 -11.82
N GLN A 127 -14.30 -11.86 -12.07
CA GLN A 127 -14.57 -11.10 -13.29
C GLN A 127 -13.90 -11.67 -14.51
N LEU A 128 -12.70 -12.18 -14.33
CA LEU A 128 -12.02 -12.89 -15.40
C LEU A 128 -12.80 -14.14 -15.77
N ALA A 129 -13.26 -14.87 -14.76
CA ALA A 129 -14.03 -16.05 -15.01
C ALA A 129 -15.34 -15.74 -15.71
N ALA A 130 -16.04 -14.69 -15.28
CA ALA A 130 -17.28 -14.30 -15.94
C ALA A 130 -16.99 -13.88 -17.38
N ALA A 131 -15.88 -13.20 -17.63
CA ALA A 131 -15.56 -12.75 -18.98
C ALA A 131 -15.25 -13.91 -19.93
N ALA A 132 -14.58 -14.95 -19.43
CA ALA A 132 -14.27 -16.11 -20.26
C ALA A 132 -15.53 -16.87 -20.64
N HIS A 133 -16.42 -17.05 -19.68
CA HIS A 133 -17.66 -17.76 -19.89
C HIS A 133 -18.51 -17.03 -20.93
N GLU A 134 -18.55 -15.71 -20.82
CA GLU A 134 -19.31 -14.90 -21.77
C GLU A 134 -18.74 -15.03 -23.16
N ARG A 135 -17.42 -15.11 -23.24
CA ARG A 135 -16.73 -15.15 -24.52
C ARG A 135 -16.74 -16.58 -25.05
N GLY A 136 -17.30 -17.49 -24.28
CA GLY A 136 -17.31 -18.90 -24.62
C GLY A 136 -15.94 -19.56 -24.78
N VAL A 137 -14.95 -19.14 -23.97
CA VAL A 137 -13.61 -19.74 -24.02
C VAL A 137 -13.22 -20.40 -22.70
N VAL A 138 -12.20 -21.24 -22.76
CA VAL A 138 -11.70 -21.88 -21.56
C VAL A 138 -10.74 -20.94 -20.85
N LEU A 139 -11.00 -20.77 -19.55
CA LEU A 139 -10.05 -20.17 -18.61
C LEU A 139 -9.56 -21.29 -17.68
N ALA A 140 -8.26 -21.49 -17.65
CA ALA A 140 -7.69 -22.55 -16.86
C ALA A 140 -6.57 -21.97 -16.07
N HIS A 141 -6.26 -22.56 -14.92
CA HIS A 141 -5.20 -22.01 -14.07
C HIS A 141 -4.16 -23.06 -13.72
N GLY A 142 -2.94 -22.60 -13.49
CA GLY A 142 -1.81 -23.49 -13.32
C GLY A 142 -1.56 -24.13 -11.96
N GLY A 143 -2.60 -24.68 -11.33
CA GLY A 143 -2.39 -25.54 -10.16
C GLY A 143 -2.00 -26.96 -10.52
N ASN A 144 -0.74 -27.17 -10.86
CA ASN A 144 -0.30 -28.47 -11.39
C ASN A 144 -0.29 -29.64 -10.41
N PHE A 145 -0.10 -29.39 -9.11
CA PHE A 145 0.15 -30.53 -8.23
C PHE A 145 -1.09 -31.37 -7.98
N VAL A 146 -2.28 -30.82 -8.23
CA VAL A 146 -3.47 -31.66 -8.07
C VAL A 146 -3.59 -32.62 -9.25
N TYR A 147 -2.68 -32.53 -10.22
CA TYR A 147 -2.67 -33.49 -11.33
C TYR A 147 -1.48 -34.44 -11.24
N ALA A 148 -0.65 -34.25 -10.24
CA ALA A 148 0.50 -35.12 -10.03
C ALA A 148 0.03 -36.54 -9.73
N PRO A 149 0.52 -37.51 -10.50
CA PRO A 149 0.13 -38.92 -10.46
C PRO A 149 0.12 -39.49 -9.04
N LYS A 150 1.16 -39.19 -8.30
CA LYS A 150 1.29 -39.64 -6.92
C LYS A 150 0.19 -39.06 -6.02
N PHE A 151 -0.11 -37.77 -6.19
CA PHE A 151 -1.12 -37.10 -5.37
C PHE A 151 -2.52 -37.52 -5.78
N VAL A 152 -2.74 -37.81 -7.05
CA VAL A 152 -4.01 -38.31 -7.53
C VAL A 152 -4.32 -39.65 -6.86
N ARG A 153 -3.34 -40.55 -6.88
CA ARG A 153 -3.42 -41.79 -6.12
C ARG A 153 -3.75 -41.56 -4.65
N ALA A 154 -3.05 -40.64 -4.01
CA ALA A 154 -3.29 -40.38 -2.60
C ALA A 154 -4.69 -39.78 -2.37
N HIS A 155 -5.11 -38.94 -3.29
CA HIS A 155 -6.45 -38.36 -3.24
C HIS A 155 -7.52 -39.45 -3.28
N GLU A 156 -7.32 -40.46 -4.13
CA GLU A 156 -8.23 -41.59 -4.23
C GLU A 156 -8.36 -42.39 -2.93
N LEU A 157 -7.24 -42.63 -2.24
CA LEU A 157 -7.28 -43.32 -0.93
C LEU A 157 -7.86 -42.43 0.14
N ALA A 158 -7.63 -41.13 0.04
CA ALA A 158 -8.16 -40.22 1.04
C ALA A 158 -9.68 -40.09 0.92
N ALA A 159 -10.24 -40.65 -0.13
CA ALA A 159 -11.66 -40.52 -0.34
C ALA A 159 -12.38 -41.81 0.06
N ASP A 160 -11.61 -42.77 0.57
CA ASP A 160 -12.20 -44.00 1.08
C ASP A 160 -12.76 -43.73 2.48
N ARG A 161 -14.06 -43.57 2.59
CA ARG A 161 -14.66 -43.14 3.84
C ARG A 161 -14.70 -44.25 4.86
N GLU A 162 -14.92 -45.48 4.41
CA GLU A 162 -14.82 -46.61 5.31
C GLU A 162 -13.41 -46.70 5.90
N ALA A 163 -12.39 -46.46 5.08
CA ALA A 163 -11.01 -46.68 5.54
C ALA A 163 -10.50 -45.58 6.47
N LEU A 164 -10.94 -44.34 6.25
CA LEU A 164 -10.46 -43.22 7.07
C LEU A 164 -11.37 -42.82 8.21
N GLY A 165 -12.64 -43.18 8.12
CA GLY A 165 -13.62 -42.68 9.06
C GLY A 165 -13.83 -41.20 8.85
N THR A 166 -14.00 -40.48 9.94
CA THR A 166 -14.22 -39.06 9.89
C THR A 166 -12.89 -38.34 9.81
N VAL A 167 -12.65 -37.68 8.69
CA VAL A 167 -11.44 -36.90 8.48
C VAL A 167 -11.46 -35.63 9.34
N HIS A 168 -10.39 -35.39 10.11
CA HIS A 168 -10.33 -34.22 10.98
C HIS A 168 -9.12 -33.31 10.71
N SER A 169 -8.13 -33.82 9.99
CA SER A 169 -6.88 -33.10 9.80
C SER A 169 -6.36 -33.26 8.41
N VAL A 170 -5.92 -32.16 7.82
CA VAL A 170 -5.17 -32.24 6.60
C VAL A 170 -4.01 -31.27 6.75
N ARG A 171 -2.85 -31.64 6.21
CA ARG A 171 -1.68 -30.81 6.31
C ARG A 171 -0.88 -30.85 5.01
N VAL A 172 -0.53 -29.68 4.51
CA VAL A 172 0.35 -29.57 3.37
C VAL A 172 1.54 -28.71 3.72
N ALA A 173 2.73 -29.25 3.55
CA ALA A 173 3.95 -28.52 3.79
C ALA A 173 4.68 -28.30 2.50
N PHE A 174 5.09 -27.07 2.24
CA PHE A 174 5.76 -26.81 0.97
C PHE A 174 6.93 -25.85 1.21
N ARG A 175 8.13 -26.37 0.99
CA ARG A 175 9.34 -25.66 1.35
C ARG A 175 10.39 -25.66 0.27
N THR A 176 10.95 -24.48 0.05
CA THR A 176 12.00 -24.25 -0.91
C THR A 176 13.05 -23.33 -0.32
N SER A 177 14.13 -23.14 -1.05
CA SER A 177 15.12 -22.13 -0.70
C SER A 177 14.79 -20.79 -1.39
N GLY A 178 13.58 -20.65 -1.90
CA GLY A 178 13.14 -19.37 -2.40
C GLY A 178 13.32 -19.19 -3.89
N PRO A 179 12.72 -18.13 -4.44
CA PRO A 179 12.70 -17.87 -5.88
C PRO A 179 14.02 -17.39 -6.44
N ASP A 180 14.24 -17.60 -7.74
CA ASP A 180 15.48 -17.17 -8.38
C ASP A 180 15.40 -15.76 -8.93
N THR A 181 14.23 -15.35 -9.42
CA THR A 181 14.14 -14.06 -10.08
C THR A 181 13.53 -13.01 -9.18
N ASP A 182 13.94 -11.78 -9.43
CA ASP A 182 13.72 -10.67 -8.51
C ASP A 182 12.26 -10.24 -8.33
N TRP A 183 11.43 -10.38 -9.35
CA TRP A 183 10.09 -9.84 -9.27
C TRP A 183 9.27 -10.51 -8.18
N PHE A 184 9.62 -11.75 -7.85
CA PHE A 184 8.92 -12.49 -6.81
C PHE A 184 8.93 -11.78 -5.45
N ARG A 185 9.92 -10.92 -5.19
CA ARG A 185 10.05 -10.36 -3.85
C ARG A 185 9.45 -8.96 -3.65
N SER A 186 8.70 -8.46 -4.64
CA SER A 186 7.99 -7.19 -4.49
C SER A 186 6.48 -7.36 -4.58
N LYS A 187 5.74 -6.78 -3.64
CA LYS A 187 4.28 -6.78 -3.66
C LYS A 187 3.73 -6.27 -4.98
N ALA A 188 4.30 -5.18 -5.45
CA ALA A 188 3.83 -4.55 -6.67
C ALA A 188 3.79 -5.55 -7.83
N THR A 189 4.81 -6.39 -7.92
CA THR A 189 4.89 -7.30 -9.06
C THR A 189 4.42 -8.71 -8.72
N ALA A 190 4.38 -9.05 -7.43
CA ALA A 190 4.14 -10.44 -7.06
C ALA A 190 2.86 -10.67 -6.27
N GLY A 191 2.31 -9.64 -5.65
CA GLY A 191 1.12 -9.80 -4.84
C GLY A 191 1.46 -10.14 -3.40
N GLY A 192 2.37 -11.08 -3.21
CA GLY A 192 2.85 -11.44 -1.89
C GLY A 192 4.00 -12.41 -2.02
N GLY A 193 4.46 -12.95 -0.89
CA GLY A 193 5.62 -13.81 -0.88
C GLY A 193 5.25 -15.28 -0.90
N ALA A 194 5.91 -16.04 -0.03
CA ALA A 194 5.74 -17.50 0.05
C ALA A 194 4.29 -17.92 0.17
N LEU A 195 3.50 -17.12 0.86
CA LEU A 195 2.09 -17.46 1.04
C LEU A 195 1.33 -17.38 -0.27
N THR A 196 1.77 -16.51 -1.17
CA THR A 196 1.15 -16.45 -2.47
C THR A 196 1.77 -17.48 -3.40
N ASP A 197 3.09 -17.55 -3.38
CA ASP A 197 3.86 -18.35 -4.33
C ASP A 197 3.67 -19.85 -4.06
N LEU A 198 3.80 -20.25 -2.80
CA LEU A 198 3.72 -21.65 -2.40
C LEU A 198 2.37 -21.95 -1.78
N GLY A 199 1.83 -20.95 -1.09
CA GLY A 199 0.58 -21.11 -0.39
C GLY A 199 -0.54 -21.34 -1.35
N TRP A 200 -0.43 -20.83 -2.58
CA TRP A 200 -1.40 -21.16 -3.60
C TRP A 200 -1.58 -22.67 -3.70
N HIS A 201 -0.48 -23.38 -3.88
CA HIS A 201 -0.53 -24.83 -4.02
C HIS A 201 -0.98 -25.53 -2.78
N ALA A 202 -0.48 -25.07 -1.65
CA ALA A 202 -0.79 -25.74 -0.41
C ALA A 202 -2.30 -25.66 -0.17
N VAL A 203 -2.88 -24.48 -0.42
CA VAL A 203 -4.31 -24.31 -0.18
C VAL A 203 -5.14 -25.12 -1.17
N GLU A 204 -4.73 -25.15 -2.43
CA GLU A 204 -5.47 -25.94 -3.40
C GLU A 204 -5.41 -27.43 -3.04
N LEU A 205 -4.23 -27.93 -2.67
CA LEU A 205 -4.06 -29.33 -2.27
C LEU A 205 -4.89 -29.69 -1.05
N CYS A 206 -4.88 -28.82 -0.02
CA CYS A 206 -5.70 -29.04 1.18
C CYS A 206 -7.18 -29.22 0.86
N ARG A 207 -7.77 -28.23 0.18
CA ARG A 207 -9.19 -28.29 -0.25
C ARG A 207 -9.50 -29.59 -0.92
N TRP A 208 -8.69 -29.88 -1.93
CA TRP A 208 -8.89 -30.99 -2.83
C TRP A 208 -8.81 -32.31 -2.11
N MET A 209 -7.81 -32.47 -1.27
CA MET A 209 -7.67 -33.73 -0.53
C MET A 209 -8.91 -33.99 0.30
N LEU A 210 -9.61 -32.93 0.72
CA LEU A 210 -10.80 -33.11 1.55
C LEU A 210 -12.11 -33.25 0.78
N GLY A 211 -12.06 -33.12 -0.54
CA GLY A 211 -13.26 -33.19 -1.35
C GLY A 211 -13.87 -31.83 -1.57
N LYS A 212 -13.01 -30.81 -1.64
CA LYS A 212 -13.38 -29.42 -1.84
C LYS A 212 -14.59 -28.93 -1.04
N PRO A 213 -14.53 -29.01 0.29
CA PRO A 213 -15.58 -28.43 1.11
C PRO A 213 -15.38 -26.93 1.33
N ALA A 214 -16.44 -26.24 1.76
CA ALA A 214 -16.38 -24.80 2.04
C ALA A 214 -15.42 -24.50 3.18
N ILE A 215 -14.71 -23.38 3.07
CA ILE A 215 -13.85 -22.91 4.13
C ILE A 215 -14.59 -21.92 5.02
N ARG A 216 -14.65 -22.19 6.31
CA ARG A 216 -15.38 -21.33 7.23
C ARG A 216 -14.51 -20.20 7.80
N ALA A 217 -13.31 -20.51 8.25
CA ALA A 217 -12.42 -19.47 8.78
C ALA A 217 -10.94 -19.73 8.50
N VAL A 218 -10.12 -18.71 8.69
CA VAL A 218 -8.70 -18.78 8.42
C VAL A 218 -7.95 -18.04 9.52
N THR A 219 -6.80 -18.59 9.92
CA THR A 219 -5.86 -17.91 10.80
C THR A 219 -4.48 -18.03 10.18
N ALA A 220 -3.66 -17.00 10.28
CA ALA A 220 -2.36 -17.06 9.62
C ALA A 220 -1.30 -16.25 10.34
N CYS A 221 -0.06 -16.67 10.15
CA CYS A 221 1.09 -15.98 10.67
C CYS A 221 2.12 -15.90 9.55
N THR A 222 2.77 -14.74 9.39
CA THR A 222 3.85 -14.60 8.42
C THR A 222 5.08 -13.89 8.99
N ARG A 223 6.24 -14.18 8.43
CA ARG A 223 7.45 -13.40 8.75
C ARG A 223 8.25 -13.11 7.49
N GLN A 224 8.93 -11.97 7.49
CA GLN A 224 9.92 -11.70 6.47
C GLN A 224 11.31 -11.88 7.08
N LEU A 225 12.08 -12.78 6.50
CA LEU A 225 13.44 -13.05 6.94
C LEU A 225 14.43 -12.25 6.14
N SER A 226 14.30 -12.34 4.82
CA SER A 226 15.19 -11.66 3.89
C SER A 226 15.06 -10.14 3.95
N ALA A 227 16.17 -9.43 3.83
CA ALA A 227 16.15 -7.97 3.79
C ALA A 227 15.60 -7.46 2.46
N ALA A 228 15.98 -8.14 1.39
CA ALA A 228 15.51 -7.80 0.06
C ALA A 228 14.01 -7.96 -0.05
N GLY A 229 13.34 -6.97 -0.65
CA GLY A 229 11.93 -7.04 -0.94
C GLY A 229 11.06 -6.64 0.21
N ASP A 230 9.75 -6.73 0.01
CA ASP A 230 8.81 -6.37 1.07
C ASP A 230 7.74 -7.44 1.29
N VAL A 231 8.06 -8.69 0.99
CA VAL A 231 7.09 -9.78 1.15
C VAL A 231 7.59 -10.82 2.13
N GLU A 232 6.69 -11.67 2.60
CA GLU A 232 7.02 -12.67 3.62
C GLU A 232 7.77 -13.87 3.05
N ASP A 233 8.63 -14.47 3.88
CA ASP A 233 9.41 -15.68 3.52
C ASP A 233 8.81 -16.95 4.06
N GLN A 234 7.99 -16.82 5.09
CA GLN A 234 7.36 -17.98 5.67
C GLN A 234 5.98 -17.63 6.13
N GLY A 235 5.12 -18.63 6.11
CA GLY A 235 3.77 -18.47 6.57
C GLY A 235 3.17 -19.79 6.98
N VAL A 236 2.25 -19.71 7.93
CA VAL A 236 1.46 -20.83 8.35
C VAL A 236 0.01 -20.39 8.36
N VAL A 237 -0.83 -21.15 7.71
CA VAL A 237 -2.25 -20.90 7.69
C VAL A 237 -2.99 -22.01 8.41
N LEU A 238 -3.82 -21.65 9.38
CA LEU A 238 -4.76 -22.60 9.94
C LEU A 238 -6.13 -22.39 9.29
N ILE A 239 -6.59 -23.39 8.56
CA ILE A 239 -7.88 -23.34 7.89
C ILE A 239 -8.93 -24.14 8.63
N GLU A 240 -10.07 -23.51 8.90
CA GLU A 240 -11.19 -24.24 9.46
C GLU A 240 -12.21 -24.53 8.37
N PHE A 241 -12.32 -25.80 7.99
CA PHE A 241 -13.35 -26.18 7.03
C PHE A 241 -14.74 -26.31 7.67
N ALA A 242 -15.76 -26.29 6.82
CA ALA A 242 -17.15 -26.27 7.25
C ALA A 242 -17.58 -27.50 8.07
N ASP A 243 -17.09 -28.67 7.69
CA ASP A 243 -17.37 -29.90 8.44
C ASP A 243 -16.67 -29.95 9.80
N GLY A 244 -15.75 -29.02 10.03
CA GLY A 244 -14.99 -29.01 11.26
C GLY A 244 -13.59 -29.60 11.17
N ALA A 245 -13.12 -29.95 9.98
CA ALA A 245 -11.74 -30.41 9.86
C ALA A 245 -10.80 -29.23 9.86
N ILE A 246 -9.64 -29.40 10.47
CA ILE A 246 -8.61 -28.38 10.47
C ILE A 246 -7.56 -28.67 9.40
N GLY A 247 -7.29 -27.66 8.58
CA GLY A 247 -6.22 -27.70 7.61
C GLY A 247 -5.05 -26.87 8.08
N GLN A 248 -3.85 -27.31 7.71
CA GLN A 248 -2.65 -26.53 7.93
C GLN A 248 -1.89 -26.38 6.61
N CYS A 249 -1.44 -25.19 6.31
CA CYS A 249 -0.51 -24.97 5.21
C CYS A 249 0.75 -24.33 5.76
N ASP A 250 1.84 -25.05 5.64
CA ASP A 250 3.14 -24.62 6.13
C ASP A 250 4.00 -24.34 4.90
N VAL A 251 4.35 -23.09 4.65
CA VAL A 251 5.16 -22.76 3.49
C VAL A 251 6.37 -21.91 3.86
N SER A 252 7.45 -22.05 3.12
CA SER A 252 8.67 -21.36 3.45
C SER A 252 9.57 -21.22 2.24
N TRP A 253 10.21 -20.06 2.14
CA TRP A 253 11.25 -19.77 1.16
C TRP A 253 12.64 -19.88 1.78
N ALA A 254 12.73 -20.19 3.06
CA ALA A 254 14.02 -20.13 3.72
C ALA A 254 14.48 -21.50 4.18
N CYS A 255 14.02 -22.53 3.49
CA CYS A 255 14.38 -23.90 3.84
C CYS A 255 15.47 -24.48 2.94
N PRO A 256 16.60 -24.87 3.52
CA PRO A 256 17.75 -25.41 2.77
C PRO A 256 17.60 -26.91 2.44
N GLY A 257 18.45 -27.42 1.56
CA GLY A 257 18.58 -28.86 1.40
C GLY A 257 17.78 -29.49 0.29
N GLY A 258 16.95 -28.69 -0.37
CA GLY A 258 16.09 -29.19 -1.44
C GLY A 258 14.60 -28.99 -1.15
N GLU A 259 13.87 -28.75 -2.22
CA GLU A 259 12.41 -28.69 -2.22
C GLU A 259 11.73 -29.81 -1.42
N GLN A 260 10.73 -29.45 -0.62
CA GLN A 260 9.92 -30.43 0.09
C GLN A 260 8.44 -30.18 -0.22
N LEU A 261 7.71 -31.23 -0.56
CA LEU A 261 6.27 -31.08 -0.70
C LEU A 261 5.56 -32.34 -0.21
N THR A 262 4.79 -32.19 0.86
CA THR A 262 4.08 -33.32 1.45
C THR A 262 2.60 -33.03 1.76
N VAL A 263 1.80 -34.08 1.73
CA VAL A 263 0.39 -34.02 2.00
C VAL A 263 0.03 -35.09 3.01
N GLU A 264 -0.75 -34.71 4.01
CA GLU A 264 -1.16 -35.61 5.06
C GLU A 264 -2.65 -35.42 5.35
N VAL A 265 -3.39 -36.51 5.33
CA VAL A 265 -4.78 -36.50 5.70
C VAL A 265 -5.02 -37.51 6.81
N ILE A 266 -5.64 -37.07 7.90
CA ILE A 266 -5.89 -37.94 9.05
C ILE A 266 -7.36 -38.04 9.46
N GLY A 267 -7.88 -39.26 9.48
CA GLY A 267 -9.22 -39.53 9.96
C GLY A 267 -9.24 -40.33 11.24
N THR A 268 -10.42 -40.75 11.69
CA THR A 268 -10.52 -41.47 12.94
C THR A 268 -10.16 -42.95 12.78
N GLU A 269 -10.29 -43.48 11.57
CA GLU A 269 -9.98 -44.88 11.35
C GLU A 269 -8.74 -45.08 10.50
N GLY A 270 -8.20 -44.03 9.92
CA GLY A 270 -7.06 -44.18 9.03
C GLY A 270 -6.39 -42.89 8.63
N LEU A 271 -5.32 -42.99 7.84
CA LEU A 271 -4.60 -41.81 7.36
C LEU A 271 -3.94 -42.07 6.02
N VAL A 272 -3.65 -40.99 5.29
CA VAL A 272 -2.94 -41.09 4.04
C VAL A 272 -1.89 -40.00 3.96
N THR A 273 -0.67 -40.34 3.54
CA THR A 273 0.37 -39.34 3.34
C THR A 273 1.07 -39.58 2.03
N ALA A 274 1.68 -38.53 1.50
CA ALA A 274 2.39 -38.63 0.23
C ALA A 274 3.47 -37.58 0.21
N ASP A 275 4.61 -37.95 -0.35
CA ASP A 275 5.80 -37.13 -0.37
C ASP A 275 6.33 -37.06 -1.78
N LEU A 276 6.31 -35.87 -2.36
CA LEU A 276 6.70 -35.72 -3.77
C LEU A 276 8.21 -35.85 -3.99
N TRP A 277 8.97 -34.93 -3.43
CA TRP A 277 10.41 -34.85 -3.67
C TRP A 277 11.26 -35.83 -2.84
N GLN A 278 10.81 -36.17 -1.63
CA GLN A 278 11.53 -37.14 -0.80
C GLN A 278 10.91 -38.53 -0.88
N GLY A 279 9.95 -38.72 -1.78
CA GLY A 279 9.33 -40.01 -1.96
C GLY A 279 9.52 -40.60 -3.34
N MET A 280 10.64 -40.30 -3.98
CA MET A 280 10.84 -40.78 -5.32
C MET A 280 11.58 -42.11 -5.38
N GLY A 281 12.07 -42.58 -4.24
CA GLY A 281 12.62 -43.93 -4.14
C GLY A 281 14.00 -44.11 -4.73
N VAL A 282 14.70 -43.01 -4.99
CA VAL A 282 16.08 -43.09 -5.46
C VAL A 282 17.01 -42.43 -4.45
N GLU A 283 18.09 -43.09 -4.09
CA GLU A 283 19.07 -42.51 -3.19
C GLU A 283 20.48 -42.58 -3.76
N ALA A 284 21.29 -41.58 -3.47
CA ALA A 284 22.65 -41.59 -3.96
C ALA A 284 23.61 -40.93 -2.99
N TYR A 285 24.86 -41.34 -3.04
CA TYR A 285 25.89 -40.67 -2.30
C TYR A 285 27.09 -40.52 -3.19
N THR A 286 27.79 -39.40 -3.10
CA THR A 286 29.11 -39.32 -3.68
C THR A 286 30.10 -38.49 -2.85
N ASN A 287 31.36 -38.86 -2.91
CA ASN A 287 32.46 -38.07 -2.34
C ASN A 287 32.81 -36.84 -3.19
N THR A 288 32.40 -36.82 -4.45
CA THR A 288 32.68 -35.68 -5.33
C THR A 288 31.40 -34.92 -5.70
N LYS A 289 30.90 -35.12 -6.91
CA LYS A 289 29.59 -34.57 -7.25
C LYS A 289 28.93 -35.38 -8.35
N PHE A 290 27.60 -35.43 -8.35
CA PHE A 290 26.87 -35.99 -9.49
C PHE A 290 26.61 -34.90 -10.49
N GLY A 291 27.13 -35.04 -11.68
CA GLY A 291 26.92 -34.05 -12.72
C GLY A 291 25.46 -33.81 -13.09
N ALA A 292 24.67 -34.88 -13.17
CA ALA A 292 23.32 -34.74 -13.68
C ALA A 292 22.30 -34.47 -12.59
N VAL A 293 22.73 -33.92 -11.47
CA VAL A 293 21.77 -33.67 -10.39
C VAL A 293 21.75 -32.20 -9.97
N TRP A 294 20.54 -31.69 -9.77
CA TRP A 294 20.27 -30.39 -9.18
C TRP A 294 21.10 -30.14 -7.92
N GLU A 295 21.80 -29.02 -7.88
CA GLU A 295 22.57 -28.67 -6.69
C GLU A 295 21.59 -28.38 -5.54
N PRO A 296 21.91 -28.81 -4.32
CA PRO A 296 23.15 -29.48 -3.88
C PRO A 296 23.28 -30.92 -4.40
N ASN A 297 24.43 -31.23 -5.00
CA ASN A 297 24.63 -32.54 -5.60
C ASN A 297 25.91 -33.21 -5.12
N GLN A 298 26.21 -33.03 -3.83
CA GLN A 298 27.32 -33.74 -3.18
C GLN A 298 26.82 -34.34 -1.89
N GLY A 299 27.47 -35.41 -1.45
CA GLY A 299 27.04 -36.09 -0.24
C GLY A 299 25.83 -36.98 -0.50
N TRP A 300 24.95 -37.11 0.49
CA TRP A 300 23.73 -37.89 0.35
C TRP A 300 22.65 -37.09 -0.38
N LEU A 301 22.15 -37.65 -1.47
CA LEU A 301 21.10 -37.03 -2.26
C LEU A 301 19.88 -37.91 -2.36
N ARG A 302 18.73 -37.30 -2.64
CA ARG A 302 17.56 -38.03 -3.07
C ARG A 302 17.11 -37.50 -4.44
N PRO A 303 17.80 -37.92 -5.53
CA PRO A 303 17.58 -37.36 -6.87
C PRO A 303 16.16 -37.55 -7.39
N GLU A 304 15.68 -36.57 -8.15
CA GLU A 304 14.38 -36.69 -8.77
C GLU A 304 14.51 -37.49 -10.05
N TRP A 305 13.40 -38.10 -10.45
CA TRP A 305 13.25 -38.60 -11.82
C TRP A 305 11.96 -38.01 -12.38
N GLU A 306 11.93 -37.77 -13.69
CA GLU A 306 10.80 -37.20 -14.40
C GLU A 306 10.10 -36.08 -13.65
N TRP A 307 10.83 -35.03 -13.29
CA TRP A 307 10.30 -34.03 -12.40
C TRP A 307 9.10 -33.29 -13.01
N ILE A 308 9.09 -33.11 -14.33
CA ILE A 308 8.00 -32.40 -14.98
C ILE A 308 6.71 -33.20 -14.96
N ARG A 309 6.77 -34.44 -15.42
CA ARG A 309 5.61 -35.31 -15.35
C ARG A 309 5.16 -35.57 -13.90
N ASN A 310 6.11 -35.80 -13.01
CA ASN A 310 5.75 -36.12 -11.66
C ASN A 310 5.20 -34.94 -10.87
N SER A 311 5.48 -33.71 -11.33
CA SER A 311 4.88 -32.52 -10.69
C SER A 311 3.49 -32.24 -11.22
N GLY A 312 3.06 -32.97 -12.24
CA GLY A 312 1.73 -32.82 -12.80
C GLY A 312 1.56 -31.93 -14.02
N TYR A 313 2.64 -31.35 -14.54
CA TYR A 313 2.52 -30.40 -15.64
C TYR A 313 1.97 -31.04 -16.90
N VAL A 314 2.41 -32.27 -17.15
CA VAL A 314 2.01 -33.00 -18.35
C VAL A 314 0.51 -33.31 -18.32
N HIS A 315 0.01 -33.80 -17.20
CA HIS A 315 -1.41 -34.13 -17.08
C HIS A 315 -2.31 -32.90 -17.12
N GLN A 316 -1.88 -31.83 -16.46
CA GLN A 316 -2.58 -30.57 -16.49
C GLN A 316 -2.76 -30.05 -17.92
N ASP A 317 -1.66 -29.94 -18.64
CA ASP A 317 -1.68 -29.39 -19.97
C ASP A 317 -2.39 -30.31 -20.96
N ARG A 318 -2.40 -31.60 -20.72
CA ARG A 318 -3.13 -32.48 -21.59
C ARG A 318 -4.63 -32.24 -21.39
N GLN A 319 -5.04 -32.09 -20.14
CA GLN A 319 -6.43 -31.87 -19.86
C GLN A 319 -6.92 -30.49 -20.29
N VAL A 320 -6.04 -29.50 -20.26
CA VAL A 320 -6.41 -28.18 -20.75
C VAL A 320 -6.62 -28.20 -22.29
N VAL A 321 -5.71 -28.82 -23.00
CA VAL A 321 -5.84 -29.01 -24.43
C VAL A 321 -7.07 -29.86 -24.79
N ASP A 322 -7.38 -30.89 -24.02
CA ASP A 322 -8.59 -31.67 -24.23
C ASP A 322 -9.84 -30.80 -24.05
N ALA A 323 -9.80 -29.84 -23.13
CA ALA A 323 -10.94 -28.98 -22.89
C ALA A 323 -11.19 -28.05 -24.08
N VAL A 324 -10.12 -27.47 -24.62
CA VAL A 324 -10.23 -26.58 -25.76
C VAL A 324 -10.65 -27.30 -27.04
N LEU A 325 -9.97 -28.41 -27.37
CA LEU A 325 -10.17 -29.13 -28.61
C LEU A 325 -11.40 -30.03 -28.65
N ASP A 326 -11.72 -30.65 -27.52
CA ASP A 326 -12.76 -31.67 -27.48
C ASP A 326 -13.87 -31.33 -26.50
N GLY A 327 -13.84 -30.12 -25.95
CA GLY A 327 -14.85 -29.70 -24.99
C GLY A 327 -14.95 -30.57 -23.74
N ARG A 328 -13.92 -31.36 -23.46
CA ARG A 328 -13.90 -32.20 -22.26
C ARG A 328 -13.81 -31.37 -20.97
N PRO A 329 -14.88 -31.34 -20.17
CA PRO A 329 -14.97 -30.42 -19.02
C PRO A 329 -13.88 -30.70 -18.00
N MET A 330 -13.29 -29.64 -17.44
CA MET A 330 -12.15 -29.84 -16.57
C MET A 330 -12.54 -30.21 -15.14
N THR A 331 -11.67 -30.96 -14.50
CA THR A 331 -11.82 -31.34 -13.11
C THR A 331 -11.70 -30.12 -12.20
N HIS A 332 -10.72 -29.28 -12.51
CA HIS A 332 -10.45 -28.09 -11.73
C HIS A 332 -10.79 -26.83 -12.52
N THR A 333 -11.70 -26.04 -11.97
CA THR A 333 -12.36 -24.96 -12.69
C THR A 333 -12.05 -23.61 -12.09
N PRO A 334 -12.47 -22.52 -12.76
CA PRO A 334 -12.27 -21.20 -12.16
C PRO A 334 -12.91 -21.02 -10.78
N ASP A 335 -13.97 -21.74 -10.47
CA ASP A 335 -14.51 -21.75 -9.12
C ASP A 335 -13.45 -22.16 -8.07
N ASP A 336 -12.62 -23.14 -8.41
CA ASP A 336 -11.59 -23.58 -7.49
C ASP A 336 -10.54 -22.47 -7.30
N ALA A 337 -10.19 -21.80 -8.38
CA ALA A 337 -9.23 -20.71 -8.27
C ALA A 337 -9.79 -19.57 -7.41
N VAL A 338 -11.07 -19.23 -7.59
CA VAL A 338 -11.69 -18.20 -6.78
C VAL A 338 -11.64 -18.58 -5.30
N ALA A 339 -11.89 -19.84 -4.98
CA ALA A 339 -11.86 -20.26 -3.60
C ALA A 339 -10.45 -20.09 -3.02
N VAL A 340 -9.42 -20.42 -3.81
CA VAL A 340 -8.04 -20.28 -3.33
C VAL A 340 -7.70 -18.81 -3.12
N VAL A 341 -8.07 -17.96 -4.08
CA VAL A 341 -7.73 -16.55 -3.99
C VAL A 341 -8.33 -15.91 -2.72
N GLU A 342 -9.56 -16.25 -2.36
CA GLU A 342 -10.14 -15.60 -1.20
C GLU A 342 -9.58 -16.17 0.10
N THR A 343 -9.20 -17.45 0.09
CA THR A 343 -8.51 -18.00 1.24
C THR A 343 -7.21 -17.26 1.49
N LEU A 344 -6.44 -17.00 0.43
CA LEU A 344 -5.17 -16.29 0.61
C LEU A 344 -5.37 -14.85 1.05
N GLU A 345 -6.41 -14.20 0.55
CA GLU A 345 -6.67 -12.83 0.94
C GLU A 345 -7.09 -12.80 2.40
N ALA A 346 -7.89 -13.80 2.81
CA ALA A 346 -8.29 -13.90 4.21
C ALA A 346 -7.08 -14.15 5.09
N ALA A 347 -6.19 -15.03 4.66
CA ALA A 347 -4.99 -15.34 5.40
C ALA A 347 -4.10 -14.10 5.62
N TYR A 348 -3.90 -13.31 4.59
CA TYR A 348 -3.11 -12.09 4.71
C TYR A 348 -3.76 -11.08 5.68
N ARG A 349 -5.08 -11.00 5.67
CA ARG A 349 -5.75 -10.15 6.64
C ARG A 349 -5.54 -10.64 8.06
N SER A 350 -5.71 -11.95 8.26
CA SER A 350 -5.49 -12.57 9.57
C SER A 350 -4.08 -12.34 10.09
N ALA A 351 -3.10 -12.43 9.21
CA ALA A 351 -1.72 -12.23 9.66
C ALA A 351 -1.50 -10.77 10.03
N ALA A 352 -2.17 -9.88 9.34
CA ALA A 352 -1.93 -8.46 9.54
C ALA A 352 -2.45 -7.98 10.90
N ASP A 353 -3.59 -8.47 11.34
CA ASP A 353 -4.15 -7.95 12.60
C ASP A 353 -4.33 -8.96 13.74
N GLY A 354 -3.83 -10.18 13.56
CA GLY A 354 -3.67 -11.09 14.68
C GLY A 354 -4.98 -11.67 15.16
N ARG A 355 -5.86 -11.98 14.21
CA ARG A 355 -7.18 -12.43 14.54
C ARG A 355 -7.67 -13.45 13.51
N LYS A 356 -8.57 -14.33 13.94
CA LYS A 356 -9.21 -15.25 13.04
C LYS A 356 -10.12 -14.45 12.09
N VAL A 357 -10.13 -14.81 10.81
CA VAL A 357 -10.97 -14.14 9.82
C VAL A 357 -12.05 -15.11 9.34
N GLU A 358 -13.31 -14.75 9.58
CA GLU A 358 -14.46 -15.53 9.11
C GLU A 358 -14.63 -15.40 7.61
N MET A 359 -14.78 -16.53 6.92
CA MET A 359 -15.06 -16.48 5.49
C MET A 359 -16.55 -16.38 5.28
N ASN A 360 -16.93 -16.12 4.05
CA ASN A 360 -18.34 -16.04 3.70
C ASN A 360 -18.48 -16.30 2.21
N ALA A 361 -17.43 -15.96 1.46
CA ALA A 361 -17.47 -16.00 0.01
C ALA A 361 -17.51 -17.42 -0.55
N HIS B 20 42.00 14.71 26.50
CA HIS B 20 42.85 15.09 25.36
C HIS B 20 42.63 16.54 24.94
N MET B 21 43.43 17.02 23.99
CA MET B 21 43.32 18.39 23.47
C MET B 21 42.49 18.43 22.19
N VAL B 22 42.36 17.28 21.52
CA VAL B 22 41.40 17.09 20.45
C VAL B 22 40.62 15.79 20.71
N GLU B 23 39.35 15.80 20.35
CA GLU B 23 38.49 14.63 20.49
C GLU B 23 38.88 13.54 19.50
N ARG B 24 38.62 12.29 19.85
CA ARG B 24 38.73 11.22 18.88
C ARG B 24 37.46 10.38 18.89
N LEU B 25 36.99 10.06 17.69
CA LEU B 25 35.69 9.44 17.50
C LEU B 25 35.84 8.10 16.81
N GLY B 26 35.42 7.04 17.48
CA GLY B 26 35.60 5.70 16.96
C GLY B 26 34.51 5.35 15.95
N VAL B 27 34.93 4.82 14.80
CA VAL B 27 34.06 4.69 13.64
C VAL B 27 34.11 3.28 13.05
N ALA B 28 32.96 2.77 12.60
CA ALA B 28 32.90 1.55 11.83
C ALA B 28 32.25 1.84 10.48
N VAL B 29 32.77 1.25 9.42
CA VAL B 29 32.19 1.38 8.11
C VAL B 29 31.57 0.06 7.73
N VAL B 30 30.25 0.05 7.51
CA VAL B 30 29.56 -1.17 7.08
C VAL B 30 29.33 -1.20 5.57
N GLY B 31 29.96 -2.15 4.90
CA GLY B 31 29.98 -2.19 3.45
C GLY B 31 31.28 -1.57 2.97
N GLY B 32 32.20 -2.41 2.52
CA GLY B 32 33.50 -1.94 2.11
C GLY B 32 33.66 -1.93 0.60
N GLY B 33 32.57 -1.65 -0.11
CA GLY B 33 32.62 -1.54 -1.54
C GLY B 33 32.93 -0.10 -1.93
N PHE B 34 32.40 0.34 -3.06
CA PHE B 34 32.78 1.62 -3.61
C PHE B 34 32.57 2.79 -2.64
N MET B 35 31.33 2.98 -2.19
CA MET B 35 31.02 4.07 -1.27
C MET B 35 31.63 3.92 0.12
N GLY B 36 31.83 2.68 0.58
CA GLY B 36 32.51 2.48 1.84
C GLY B 36 33.96 2.90 1.77
N GLY B 37 34.59 2.66 0.62
CA GLY B 37 35.96 3.09 0.37
C GLY B 37 36.02 4.61 0.34
N VAL B 38 35.01 5.25 -0.24
CA VAL B 38 35.01 6.70 -0.29
C VAL B 38 34.90 7.31 1.11
N HIS B 39 33.95 6.82 1.91
CA HIS B 39 33.77 7.34 3.27
C HIS B 39 35.02 7.10 4.11
N ALA B 40 35.64 5.94 3.92
CA ALA B 40 36.86 5.60 4.65
C ALA B 40 37.96 6.61 4.39
N GLU B 41 38.15 6.91 3.12
CA GLU B 41 39.14 7.89 2.67
C GLU B 41 38.84 9.26 3.24
N VAL B 42 37.56 9.64 3.21
CA VAL B 42 37.18 10.95 3.73
C VAL B 42 37.31 11.03 5.24
N LEU B 43 36.78 10.03 5.94
CA LEU B 43 36.81 10.03 7.39
C LEU B 43 38.23 9.95 7.98
N THR B 44 39.08 9.11 7.41
CA THR B 44 40.43 8.96 7.96
C THR B 44 41.30 10.17 7.69
N ALA B 45 40.86 11.06 6.82
CA ALA B 45 41.60 12.29 6.57
C ALA B 45 41.31 13.28 7.67
N ASP B 46 40.28 12.98 8.45
CA ASP B 46 39.86 13.78 9.60
C ASP B 46 40.61 13.30 10.86
N PRO B 47 41.33 14.22 11.51
CA PRO B 47 42.14 13.87 12.68
C PRO B 47 41.32 13.47 13.91
N ARG B 48 40.10 13.99 14.01
CA ARG B 48 39.20 13.63 15.11
C ARG B 48 38.70 12.20 14.99
N VAL B 49 39.04 11.53 13.89
CA VAL B 49 38.41 10.27 13.60
C VAL B 49 39.35 9.10 13.69
N ASP B 50 38.89 8.01 14.29
CA ASP B 50 39.61 6.74 14.30
C ASP B 50 38.76 5.65 13.67
N LEU B 51 39.21 5.11 12.54
CA LEU B 51 38.49 4.05 11.86
C LEU B 51 38.90 2.70 12.40
N ARG B 52 38.00 2.08 13.16
CA ARG B 52 38.32 0.86 13.90
C ARG B 52 37.93 -0.41 13.18
N TRP B 53 36.74 -0.42 12.58
CA TRP B 53 36.21 -1.61 11.93
C TRP B 53 35.70 -1.35 10.52
N VAL B 54 35.95 -2.33 9.65
CA VAL B 54 35.19 -2.49 8.42
C VAL B 54 34.33 -3.75 8.51
N VAL B 55 33.02 -3.57 8.39
CA VAL B 55 32.08 -4.69 8.40
C VAL B 55 31.59 -5.01 6.99
N ASP B 56 32.10 -6.07 6.38
CA ASP B 56 31.57 -6.54 5.11
C ASP B 56 31.30 -8.03 5.11
N ARG B 57 30.17 -8.43 4.54
CA ARG B 57 29.78 -9.83 4.50
C ARG B 57 30.62 -10.63 3.51
N ASP B 58 31.34 -9.91 2.65
CA ASP B 58 32.37 -10.53 1.83
C ASP B 58 33.71 -10.29 2.53
N GLU B 59 34.30 -11.36 3.06
CA GLU B 59 35.51 -11.23 3.88
C GLU B 59 36.70 -10.67 3.09
N ARG B 60 36.88 -11.12 1.86
CA ARG B 60 37.95 -10.65 1.00
C ARG B 60 37.84 -9.14 0.72
N VAL B 61 36.68 -8.68 0.24
CA VAL B 61 36.44 -7.25 0.03
C VAL B 61 36.67 -6.42 1.31
N GLY B 62 36.07 -6.85 2.41
CA GLY B 62 36.20 -6.17 3.69
C GLY B 62 37.65 -6.11 4.19
N THR B 63 38.40 -7.19 3.95
CA THR B 63 39.79 -7.25 4.35
C THR B 63 40.64 -6.23 3.62
N ASP B 64 40.47 -6.16 2.31
CA ASP B 64 41.24 -5.22 1.49
C ASP B 64 41.04 -3.78 1.93
N LEU B 65 39.80 -3.40 2.20
CA LEU B 65 39.53 -2.05 2.63
C LEU B 65 40.15 -1.79 4.01
N ALA B 66 40.09 -2.79 4.88
CA ALA B 66 40.55 -2.67 6.25
C ALA B 66 42.06 -2.47 6.34
N THR B 67 42.80 -3.26 5.57
CA THR B 67 44.25 -3.18 5.57
C THR B 67 44.78 -1.85 5.06
N ARG B 68 44.11 -1.27 4.06
CA ARG B 68 44.50 0.02 3.52
C ARG B 68 44.44 1.09 4.60
N PHE B 69 43.52 0.94 5.54
CA PHE B 69 43.30 2.00 6.52
C PHE B 69 43.55 1.55 7.95
N GLY B 70 44.32 0.48 8.10
CA GLY B 70 44.71 -0.04 9.40
C GLY B 70 43.56 -0.27 10.36
N ALA B 71 42.53 -0.95 9.88
CA ALA B 71 41.34 -1.19 10.67
C ALA B 71 41.13 -2.69 10.84
N ARG B 72 40.37 -3.08 11.86
CA ARG B 72 40.01 -4.48 12.00
C ARG B 72 38.93 -4.81 10.99
N VAL B 73 38.81 -6.07 10.62
CA VAL B 73 37.78 -6.50 9.71
C VAL B 73 36.87 -7.56 10.33
N THR B 74 35.57 -7.43 10.11
CA THR B 74 34.63 -8.44 10.56
C THR B 74 33.54 -8.67 9.53
N THR B 75 32.98 -9.87 9.53
CA THR B 75 31.85 -10.17 8.66
C THR B 75 30.53 -10.07 9.41
N THR B 76 30.61 -9.82 10.71
CA THR B 76 29.40 -9.69 11.49
C THR B 76 29.39 -8.34 12.22
N LEU B 77 28.28 -7.64 12.04
CA LEU B 77 28.11 -6.30 12.54
C LEU B 77 28.20 -6.22 14.06
N ASP B 78 27.80 -7.30 14.72
CA ASP B 78 27.74 -7.31 16.17
C ASP B 78 29.14 -7.32 16.79
N GLU B 79 30.10 -7.92 16.08
CA GLU B 79 31.47 -7.94 16.56
C GLU B 79 32.04 -6.53 16.62
N ALA B 80 31.53 -5.64 15.78
CA ALA B 80 31.98 -4.24 15.79
C ALA B 80 31.16 -3.42 16.76
N LEU B 81 29.93 -3.85 17.01
CA LEU B 81 29.09 -3.15 17.97
C LEU B 81 29.39 -3.63 19.40
N ALA B 82 30.24 -4.64 19.51
CA ALA B 82 30.73 -5.10 20.81
C ALA B 82 31.82 -4.14 21.29
N ASP B 83 32.60 -3.63 20.35
CA ASP B 83 33.60 -2.60 20.63
C ASP B 83 32.89 -1.35 21.15
N ASP B 84 33.20 -0.94 22.36
CA ASP B 84 32.47 0.17 22.95
C ASP B 84 33.09 1.53 22.59
N THR B 85 34.22 1.51 21.89
CA THR B 85 34.83 2.74 21.41
C THR B 85 34.11 3.25 20.14
N VAL B 86 33.50 2.34 19.39
CA VAL B 86 32.69 2.72 18.23
C VAL B 86 31.40 3.47 18.60
N ARG B 87 31.33 4.75 18.25
CA ARG B 87 30.19 5.59 18.53
CA ARG B 87 30.15 5.54 18.54
C ARG B 87 29.45 6.02 17.27
N PHE B 88 30.06 5.76 16.11
CA PHE B 88 29.54 6.25 14.84
C PHE B 88 29.75 5.19 13.77
N VAL B 89 28.68 4.84 13.09
CA VAL B 89 28.75 3.84 12.02
C VAL B 89 28.26 4.40 10.69
N VAL B 90 29.05 4.16 9.65
CA VAL B 90 28.69 4.52 8.31
C VAL B 90 28.14 3.31 7.59
N VAL B 91 26.88 3.39 7.15
CA VAL B 91 26.23 2.29 6.47
C VAL B 91 26.20 2.52 4.96
N ALA B 92 27.07 1.81 4.26
CA ALA B 92 27.20 1.94 2.82
C ALA B 92 27.00 0.59 2.14
N THR B 93 25.82 0.01 2.34
CA THR B 93 25.50 -1.31 1.83
C THR B 93 24.34 -1.20 0.84
N PRO B 94 23.98 -2.29 0.13
CA PRO B 94 22.85 -2.14 -0.78
C PRO B 94 21.58 -1.66 -0.07
N ALA B 95 20.73 -0.97 -0.80
CA ALA B 95 19.63 -0.18 -0.25
C ALA B 95 18.71 -0.93 0.74
N ALA B 96 18.34 -2.16 0.42
CA ALA B 96 17.35 -2.86 1.21
C ALA B 96 17.89 -3.30 2.58
N THR B 97 19.20 -3.33 2.72
CA THR B 97 19.81 -3.71 3.97
C THR B 97 19.88 -2.54 4.94
N HIS B 98 19.58 -1.34 4.45
CA HIS B 98 19.78 -0.12 5.24
C HIS B 98 18.93 -0.08 6.49
N GLU B 99 17.63 -0.36 6.34
CA GLU B 99 16.70 -0.24 7.46
C GLU B 99 17.05 -1.23 8.58
N PRO B 100 17.28 -2.51 8.26
CA PRO B 100 17.67 -3.36 9.38
C PRO B 100 19.03 -3.02 10.00
N ILE B 101 20.04 -2.70 9.18
CA ILE B 101 21.35 -2.39 9.74
C ILE B 101 21.31 -1.10 10.57
N ALA B 102 20.68 -0.07 10.04
CA ALA B 102 20.54 1.17 10.81
C ALA B 102 19.75 0.96 12.10
N ALA B 103 18.71 0.14 12.03
CA ALA B 103 17.89 -0.15 13.20
C ALA B 103 18.71 -0.79 14.30
N GLN B 104 19.50 -1.79 13.93
CA GLN B 104 20.38 -2.46 14.88
C GLN B 104 21.47 -1.51 15.43
N VAL B 105 21.93 -0.58 14.60
CA VAL B 105 22.96 0.36 15.02
C VAL B 105 22.38 1.39 16.02
N ILE B 106 21.17 1.85 15.77
CA ILE B 106 20.55 2.79 16.68
C ILE B 106 20.16 2.10 17.98
N ALA B 107 19.78 0.83 17.88
CA ALA B 107 19.40 0.04 19.05
C ALA B 107 20.60 -0.15 19.99
N ALA B 108 21.79 -0.24 19.40
CA ALA B 108 23.01 -0.35 20.19
C ALA B 108 23.49 1.02 20.66
N GLY B 109 22.65 2.03 20.48
CA GLY B 109 22.97 3.39 20.88
C GLY B 109 24.11 4.07 20.15
N ARG B 110 24.35 3.73 18.88
CA ARG B 110 25.40 4.46 18.15
C ARG B 110 24.80 5.48 17.19
N ASN B 111 25.57 6.55 16.93
CA ASN B 111 25.23 7.47 15.88
C ASN B 111 25.44 6.80 14.53
N VAL B 112 24.65 7.19 13.53
CA VAL B 112 24.71 6.48 12.24
C VAL B 112 24.54 7.42 11.02
N LEU B 113 25.33 7.16 9.99
CA LEU B 113 25.16 7.84 8.69
C LEU B 113 24.78 6.80 7.66
N VAL B 114 23.61 6.97 7.06
CA VAL B 114 23.08 6.00 6.12
C VAL B 114 23.16 6.53 4.69
N GLU B 115 23.78 5.77 3.81
CA GLU B 115 23.86 6.21 2.43
C GLU B 115 22.47 6.37 1.82
N LYS B 116 22.41 7.18 0.78
CA LYS B 116 21.19 7.45 0.07
C LYS B 116 20.60 6.16 -0.51
N PRO B 117 19.38 6.27 -1.06
CA PRO B 117 18.11 5.79 -0.52
C PRO B 117 18.29 5.50 0.95
N LEU B 118 17.81 6.40 1.80
CA LEU B 118 17.81 6.17 3.24
C LEU B 118 17.18 4.80 3.49
N VAL B 119 15.88 4.72 3.22
CA VAL B 119 15.15 3.46 3.22
C VAL B 119 14.19 3.42 2.03
N LEU B 120 13.42 2.35 1.92
CA LEU B 120 12.59 2.17 0.74
C LEU B 120 11.11 2.49 0.99
N SER B 121 10.76 2.92 2.19
CA SER B 121 9.36 3.24 2.48
C SER B 121 9.24 4.43 3.42
N THR B 122 8.21 5.24 3.22
CA THR B 122 7.95 6.38 4.09
C THR B 122 7.84 5.96 5.55
N GLY B 123 7.23 4.80 5.76
CA GLY B 123 7.04 4.25 7.10
C GLY B 123 8.31 3.91 7.84
N HIS B 124 9.18 3.11 7.22
CA HIS B 124 10.46 2.80 7.85
C HIS B 124 11.28 4.07 8.10
N ALA B 125 11.12 5.05 7.22
CA ALA B 125 11.88 6.29 7.35
C ALA B 125 11.51 7.02 8.61
N ARG B 126 10.22 7.33 8.74
CA ARG B 126 9.73 8.09 9.89
C ARG B 126 9.98 7.34 11.20
N GLN B 127 9.97 6.02 11.13
CA GLN B 127 10.13 5.21 12.32
C GLN B 127 11.61 5.10 12.69
N LEU B 128 12.47 5.14 11.69
CA LEU B 128 13.91 5.13 11.94
C LEU B 128 14.33 6.47 12.53
N ALA B 129 13.78 7.53 11.98
CA ALA B 129 13.99 8.86 12.54
C ALA B 129 13.58 8.90 14.02
N ALA B 130 12.38 8.40 14.30
CA ALA B 130 11.85 8.42 15.65
C ALA B 130 12.77 7.66 16.60
N ALA B 131 13.15 6.46 16.20
CA ALA B 131 14.09 5.64 16.95
C ALA B 131 15.40 6.36 17.27
N ALA B 132 15.90 7.15 16.32
CA ALA B 132 17.13 7.89 16.55
C ALA B 132 16.91 8.99 17.58
N HIS B 133 15.80 9.71 17.42
CA HIS B 133 15.38 10.77 18.34
C HIS B 133 15.25 10.20 19.75
N GLU B 134 14.59 9.04 19.83
CA GLU B 134 14.47 8.24 21.03
C GLU B 134 15.75 8.14 21.85
N ARG B 135 16.80 7.58 21.27
CA ARG B 135 18.06 7.31 21.98
C ARG B 135 18.96 8.55 22.05
N GLY B 136 18.49 9.65 21.50
CA GLY B 136 19.30 10.84 21.40
C GLY B 136 20.59 10.61 20.62
N VAL B 137 20.53 9.89 19.50
CA VAL B 137 21.71 9.74 18.67
C VAL B 137 21.48 10.42 17.33
N VAL B 138 22.56 10.73 16.63
CA VAL B 138 22.45 11.39 15.32
C VAL B 138 22.07 10.37 14.26
N LEU B 139 21.05 10.69 13.48
CA LEU B 139 20.76 9.99 12.24
C LEU B 139 20.99 10.95 11.08
N ALA B 140 21.96 10.62 10.23
CA ALA B 140 22.24 11.43 9.05
C ALA B 140 22.10 10.60 7.78
N HIS B 141 21.85 11.27 6.65
CA HIS B 141 21.78 10.54 5.40
C HIS B 141 22.73 11.08 4.35
N GLY B 142 23.13 10.20 3.44
CA GLY B 142 24.18 10.48 2.47
C GLY B 142 23.86 11.27 1.21
N GLY B 143 22.99 12.27 1.28
CA GLY B 143 22.78 13.14 0.15
C GLY B 143 23.87 14.19 0.00
N ASN B 144 24.98 13.81 -0.62
CA ASN B 144 26.19 14.62 -0.60
C ASN B 144 26.17 15.91 -1.45
N PHE B 145 25.38 15.96 -2.52
CA PHE B 145 25.50 17.10 -3.46
C PHE B 145 24.94 18.42 -2.92
N VAL B 146 24.09 18.38 -1.89
CA VAL B 146 23.68 19.62 -1.24
C VAL B 146 24.82 20.20 -0.38
N TYR B 147 25.94 19.48 -0.31
CA TYR B 147 27.14 19.95 0.39
C TYR B 147 28.27 20.33 -0.55
N ALA B 148 28.06 20.11 -1.85
CA ALA B 148 29.07 20.45 -2.83
C ALA B 148 29.28 21.95 -2.82
N PRO B 149 30.55 22.41 -2.81
CA PRO B 149 30.80 23.84 -2.65
C PRO B 149 30.27 24.70 -3.81
N LYS B 150 30.34 24.19 -5.01
CA LYS B 150 29.79 24.89 -6.17
C LYS B 150 28.27 25.08 -6.03
N PHE B 151 27.59 24.03 -5.58
CA PHE B 151 26.14 24.03 -5.45
C PHE B 151 25.68 24.89 -4.28
N VAL B 152 26.46 24.88 -3.20
CA VAL B 152 26.15 25.69 -2.03
C VAL B 152 26.20 27.17 -2.43
N ARG B 153 27.23 27.55 -3.17
CA ARG B 153 27.29 28.88 -3.72
C ARG B 153 26.08 29.23 -4.59
N ALA B 154 25.66 28.28 -5.42
CA ALA B 154 24.54 28.52 -6.30
C ALA B 154 23.24 28.66 -5.52
N HIS B 155 23.13 27.89 -4.44
CA HIS B 155 21.97 27.95 -3.57
C HIS B 155 21.87 29.33 -2.89
N GLU B 156 23.02 29.88 -2.53
CA GLU B 156 23.09 31.21 -1.94
C GLU B 156 22.58 32.29 -2.89
N LEU B 157 22.91 32.16 -4.17
CA LEU B 157 22.42 33.11 -5.16
C LEU B 157 20.96 32.87 -5.51
N ALA B 158 20.52 31.60 -5.44
CA ALA B 158 19.13 31.31 -5.72
C ALA B 158 18.21 31.81 -4.59
N ALA B 159 18.76 32.11 -3.43
CA ALA B 159 17.93 32.54 -2.31
C ALA B 159 17.82 34.07 -2.26
N ASP B 160 18.41 34.75 -3.23
CA ASP B 160 18.35 36.20 -3.32
C ASP B 160 17.06 36.63 -4.01
N ARG B 161 16.04 36.91 -3.22
CA ARG B 161 14.72 37.18 -3.78
C ARG B 161 14.67 38.46 -4.64
N GLU B 162 15.46 39.46 -4.29
CA GLU B 162 15.45 40.69 -5.07
C GLU B 162 16.00 40.44 -6.47
N ALA B 163 17.01 39.58 -6.56
CA ALA B 163 17.70 39.32 -7.82
C ALA B 163 16.89 38.42 -8.76
N LEU B 164 16.23 37.43 -8.18
CA LEU B 164 15.51 36.41 -8.93
C LEU B 164 14.02 36.67 -9.11
N GLY B 165 13.44 37.53 -8.29
CA GLY B 165 12.00 37.73 -8.28
C GLY B 165 11.27 36.46 -7.87
N THR B 166 10.10 36.22 -8.45
CA THR B 166 9.34 35.01 -8.14
C THR B 166 9.88 33.80 -8.86
N VAL B 167 10.37 32.82 -8.12
CA VAL B 167 10.96 31.62 -8.71
C VAL B 167 9.89 30.69 -9.19
N HIS B 168 9.90 30.37 -10.48
CA HIS B 168 8.89 29.48 -11.05
C HIS B 168 9.39 28.13 -11.55
N SER B 169 10.69 27.99 -11.80
CA SER B 169 11.24 26.76 -12.38
C SER B 169 12.51 26.32 -11.70
N VAL B 170 12.65 25.02 -11.54
CA VAL B 170 13.91 24.48 -11.13
C VAL B 170 14.07 23.19 -11.91
N ARG B 171 15.27 22.92 -12.38
CA ARG B 171 15.52 21.68 -13.09
C ARG B 171 16.85 21.11 -12.64
N VAL B 172 16.87 19.81 -12.41
CA VAL B 172 18.11 19.12 -12.13
C VAL B 172 18.24 17.97 -13.10
N ALA B 173 19.34 17.90 -13.83
CA ALA B 173 19.56 16.79 -14.71
C ALA B 173 20.74 15.99 -14.19
N PHE B 174 20.54 14.70 -14.04
CA PHE B 174 21.61 13.81 -13.61
C PHE B 174 21.73 12.60 -14.54
N ARG B 175 22.83 12.56 -15.26
CA ARG B 175 23.03 11.52 -16.26
C ARG B 175 24.35 10.81 -16.08
N THR B 176 24.32 9.54 -16.44
CA THR B 176 25.32 8.59 -16.06
C THR B 176 25.28 7.42 -17.07
N SER B 177 26.38 6.67 -17.18
CA SER B 177 26.39 5.48 -18.02
C SER B 177 25.97 4.17 -17.28
N GLY B 178 25.39 4.30 -16.11
CA GLY B 178 24.88 3.14 -15.41
C GLY B 178 25.81 2.58 -14.35
N PRO B 179 25.26 1.76 -13.47
CA PRO B 179 25.96 1.22 -12.30
C PRO B 179 26.90 0.06 -12.61
N ASP B 180 27.93 -0.06 -11.79
CA ASP B 180 28.91 -1.14 -11.89
C ASP B 180 28.31 -2.50 -11.55
N THR B 181 27.89 -2.64 -10.30
CA THR B 181 27.53 -3.93 -9.75
C THR B 181 26.06 -4.33 -9.96
N ASP B 182 25.79 -5.62 -9.77
CA ASP B 182 24.54 -6.23 -10.16
C ASP B 182 23.32 -5.83 -9.34
N TRP B 183 23.49 -5.61 -8.05
CA TRP B 183 22.32 -5.43 -7.18
C TRP B 183 21.58 -4.14 -7.50
N PHE B 184 22.21 -3.24 -8.26
CA PHE B 184 21.60 -1.97 -8.61
C PHE B 184 20.40 -2.17 -9.54
N ARG B 185 20.37 -3.28 -10.26
CA ARG B 185 19.31 -3.52 -11.22
C ARG B 185 18.25 -4.50 -10.71
N SER B 186 18.33 -4.82 -9.43
CA SER B 186 17.31 -5.61 -8.76
C SER B 186 16.40 -4.72 -7.96
N LYS B 187 15.12 -4.71 -8.33
CA LYS B 187 14.12 -3.87 -7.67
C LYS B 187 14.03 -4.15 -6.16
N ALA B 188 14.11 -5.43 -5.81
CA ALA B 188 13.96 -5.89 -4.43
C ALA B 188 15.10 -5.41 -3.53
N THR B 189 16.29 -5.32 -4.10
CA THR B 189 17.48 -4.90 -3.37
C THR B 189 17.74 -3.39 -3.45
N ALA B 190 17.64 -2.84 -4.65
CA ALA B 190 17.93 -1.41 -4.86
C ALA B 190 16.74 -0.50 -4.60
N GLY B 191 15.52 -1.04 -4.73
CA GLY B 191 14.32 -0.26 -4.53
C GLY B 191 13.81 0.46 -5.77
N GLY B 192 14.58 0.39 -6.85
CA GLY B 192 14.27 1.09 -8.08
C GLY B 192 15.52 1.26 -8.93
N GLY B 193 15.38 1.91 -10.08
CA GLY B 193 16.52 2.16 -10.93
C GLY B 193 17.03 3.60 -10.87
N ALA B 194 17.18 4.20 -12.04
CA ALA B 194 17.71 5.56 -12.17
C ALA B 194 16.98 6.55 -11.31
N LEU B 195 15.67 6.37 -11.20
CA LEU B 195 14.84 7.26 -10.41
C LEU B 195 15.17 7.18 -8.92
N THR B 196 15.66 6.05 -8.47
CA THR B 196 16.08 5.93 -7.08
C THR B 196 17.54 6.29 -6.95
N ASP B 197 18.37 5.63 -7.75
CA ASP B 197 19.82 5.80 -7.64
C ASP B 197 20.27 7.23 -7.97
N LEU B 198 19.66 7.86 -8.96
CA LEU B 198 20.04 9.24 -9.30
C LEU B 198 18.96 10.23 -8.87
N GLY B 199 17.71 9.78 -8.89
CA GLY B 199 16.60 10.68 -8.66
C GLY B 199 16.53 11.17 -7.22
N TRP B 200 17.13 10.40 -6.32
CA TRP B 200 17.23 10.80 -4.94
C TRP B 200 17.92 12.17 -4.85
N HIS B 201 19.09 12.25 -5.46
CA HIS B 201 19.84 13.48 -5.53
C HIS B 201 19.11 14.59 -6.28
N ALA B 202 18.50 14.25 -7.41
CA ALA B 202 17.83 15.25 -8.21
C ALA B 202 16.70 15.89 -7.41
N VAL B 203 15.93 15.05 -6.73
CA VAL B 203 14.80 15.54 -5.94
C VAL B 203 15.26 16.35 -4.73
N GLU B 204 16.30 15.86 -4.06
CA GLU B 204 16.85 16.58 -2.94
C GLU B 204 17.37 17.96 -3.37
N LEU B 205 18.05 18.02 -4.52
CA LEU B 205 18.59 19.28 -5.02
C LEU B 205 17.49 20.26 -5.43
N CYS B 206 16.47 19.78 -6.14
CA CYS B 206 15.29 20.60 -6.46
C CYS B 206 14.66 21.27 -5.25
N ARG B 207 14.34 20.47 -4.24
CA ARG B 207 13.74 20.93 -2.97
C ARG B 207 14.57 22.03 -2.39
N TRP B 208 15.84 21.72 -2.24
CA TRP B 208 16.79 22.56 -1.54
C TRP B 208 16.97 23.91 -2.20
N MET B 209 17.02 23.92 -3.53
CA MET B 209 17.29 25.15 -4.26
C MET B 209 16.10 26.10 -4.11
N LEU B 210 14.93 25.55 -3.85
CA LEU B 210 13.73 26.37 -3.66
C LEU B 210 13.53 26.82 -2.22
N GLY B 211 14.37 26.35 -1.31
CA GLY B 211 14.21 26.68 0.10
C GLY B 211 13.32 25.65 0.77
N LYS B 212 13.32 24.45 0.21
CA LYS B 212 12.58 23.32 0.75
C LYS B 212 11.08 23.53 0.98
N PRO B 213 10.35 24.01 -0.03
CA PRO B 213 8.91 24.14 0.18
C PRO B 213 8.21 22.79 0.12
N ALA B 214 6.93 22.76 0.45
CA ALA B 214 6.16 21.53 0.40
C ALA B 214 5.91 21.09 -1.05
N ILE B 215 5.86 19.79 -1.27
CA ILE B 215 5.53 19.24 -2.57
C ILE B 215 4.07 18.80 -2.62
N ARG B 216 3.28 19.39 -3.51
CA ARG B 216 1.85 19.08 -3.57
C ARG B 216 1.47 18.03 -4.60
N ALA B 217 2.29 17.83 -5.61
CA ALA B 217 1.97 16.81 -6.61
C ALA B 217 3.17 16.39 -7.45
N VAL B 218 3.13 15.16 -7.93
CA VAL B 218 4.19 14.61 -8.74
C VAL B 218 3.63 13.89 -9.97
N THR B 219 4.26 14.13 -11.12
CA THR B 219 4.02 13.35 -12.34
C THR B 219 5.34 12.78 -12.82
N ALA B 220 5.36 11.52 -13.24
CA ALA B 220 6.60 10.88 -13.61
C ALA B 220 6.46 9.89 -14.75
N CYS B 221 7.45 9.85 -15.63
CA CYS B 221 7.54 8.86 -16.69
C CYS B 221 8.84 8.08 -16.57
N THR B 222 8.82 6.77 -16.80
CA THR B 222 10.02 5.95 -16.66
C THR B 222 10.09 4.91 -17.75
N ARG B 223 11.29 4.38 -17.97
CA ARG B 223 11.50 3.43 -19.04
C ARG B 223 12.71 2.56 -18.78
N GLN B 224 12.56 1.27 -19.03
CA GLN B 224 13.68 0.36 -18.97
C GLN B 224 14.24 0.18 -20.37
N LEU B 225 15.54 0.45 -20.54
CA LEU B 225 16.22 0.24 -21.81
C LEU B 225 17.09 -1.01 -21.77
N SER B 226 17.75 -1.23 -20.64
CA SER B 226 18.61 -2.39 -20.46
C SER B 226 17.82 -3.67 -20.54
N ALA B 227 18.47 -4.71 -21.05
CA ALA B 227 17.87 -6.03 -21.12
C ALA B 227 17.91 -6.66 -19.74
N ALA B 228 18.98 -6.36 -19.01
CA ALA B 228 19.21 -6.88 -17.68
C ALA B 228 18.35 -6.21 -16.62
N GLY B 229 18.06 -6.96 -15.56
CA GLY B 229 17.37 -6.43 -14.41
C GLY B 229 15.92 -6.13 -14.70
N ASP B 230 15.27 -5.49 -13.74
CA ASP B 230 13.85 -5.18 -13.81
C ASP B 230 13.59 -3.79 -13.23
N VAL B 231 14.56 -2.89 -13.40
CA VAL B 231 14.37 -1.49 -13.02
C VAL B 231 14.54 -0.54 -14.21
N GLU B 232 14.05 0.68 -14.06
CA GLU B 232 14.12 1.69 -15.11
C GLU B 232 15.51 2.30 -15.30
N ASP B 233 15.81 2.68 -16.53
CA ASP B 233 17.08 3.27 -16.94
C ASP B 233 16.96 4.77 -17.10
N GLN B 234 15.74 5.26 -17.18
CA GLN B 234 15.55 6.68 -17.35
C GLN B 234 14.23 7.07 -16.78
N GLY B 235 14.13 8.31 -16.37
CA GLY B 235 12.90 8.82 -15.82
C GLY B 235 12.90 10.32 -15.78
N VAL B 236 11.71 10.87 -15.89
CA VAL B 236 11.51 12.28 -15.77
C VAL B 236 10.43 12.49 -14.74
N VAL B 237 10.71 13.30 -13.73
CA VAL B 237 9.74 13.63 -12.72
C VAL B 237 9.42 15.11 -12.81
N LEU B 238 8.14 15.42 -12.96
CA LEU B 238 7.65 16.78 -12.85
C LEU B 238 7.08 16.97 -11.45
N ILE B 239 7.61 17.93 -10.73
CA ILE B 239 7.15 18.17 -9.37
C ILE B 239 6.39 19.46 -9.29
N GLU B 240 5.22 19.41 -8.66
CA GLU B 240 4.45 20.60 -8.35
C GLU B 240 4.69 20.99 -6.91
N PHE B 241 5.22 22.17 -6.69
CA PHE B 241 5.50 22.66 -5.36
C PHE B 241 4.36 23.52 -4.85
N ALA B 242 4.28 23.73 -3.54
CA ALA B 242 3.13 24.41 -2.94
C ALA B 242 2.98 25.82 -3.48
N ASP B 243 4.10 26.52 -3.56
CA ASP B 243 4.18 27.87 -4.09
C ASP B 243 3.65 27.99 -5.53
N GLY B 244 3.84 26.94 -6.32
CA GLY B 244 3.40 26.95 -7.71
C GLY B 244 4.51 26.59 -8.69
N ALA B 245 5.77 26.73 -8.26
CA ALA B 245 6.90 26.42 -9.12
C ALA B 245 6.85 24.97 -9.62
N ILE B 246 7.46 24.72 -10.76
CA ILE B 246 7.59 23.34 -11.27
C ILE B 246 9.03 22.88 -11.17
N GLY B 247 9.23 21.74 -10.54
CA GLY B 247 10.51 21.09 -10.60
C GLY B 247 10.59 20.06 -11.72
N GLN B 248 11.74 19.97 -12.38
CA GLN B 248 12.01 18.88 -13.30
C GLN B 248 13.22 18.10 -12.82
N CYS B 249 13.07 16.79 -12.75
CA CYS B 249 14.21 15.93 -12.45
C CYS B 249 14.36 15.01 -13.62
N ASP B 250 15.50 15.08 -14.27
CA ASP B 250 15.79 14.35 -15.49
C ASP B 250 16.95 13.44 -15.17
N VAL B 251 16.70 12.14 -15.10
CA VAL B 251 17.78 11.23 -14.75
C VAL B 251 17.92 10.11 -15.74
N SER B 252 19.13 9.62 -15.90
CA SER B 252 19.39 8.55 -16.85
C SER B 252 20.63 7.76 -16.53
N TRP B 253 20.52 6.45 -16.72
CA TRP B 253 21.66 5.54 -16.67
C TRP B 253 22.20 5.25 -18.08
N ALA B 254 21.62 5.86 -19.11
CA ALA B 254 21.97 5.47 -20.47
C ALA B 254 22.65 6.58 -21.28
N CYS B 255 23.47 7.38 -20.62
CA CYS B 255 24.04 8.54 -21.27
C CYS B 255 25.55 8.37 -21.37
N PRO B 256 26.07 8.41 -22.61
CA PRO B 256 27.48 8.17 -22.86
C PRO B 256 28.29 9.44 -22.71
N GLY B 257 29.61 9.32 -22.69
CA GLY B 257 30.46 10.49 -22.80
C GLY B 257 30.90 11.06 -21.49
N GLY B 258 30.28 10.61 -20.40
CA GLY B 258 30.70 11.11 -19.10
C GLY B 258 29.57 11.71 -18.32
N GLU B 259 29.62 11.50 -17.01
CA GLU B 259 28.63 11.96 -16.06
C GLU B 259 28.29 13.45 -16.21
N GLN B 260 27.00 13.77 -16.06
CA GLN B 260 26.58 15.17 -16.02
C GLN B 260 25.69 15.43 -14.83
N LEU B 261 25.93 16.50 -14.10
CA LEU B 261 25.01 16.93 -13.05
C LEU B 261 24.86 18.42 -13.11
N THR B 262 23.65 18.85 -13.43
CA THR B 262 23.34 20.25 -13.68
C THR B 262 22.12 20.70 -12.84
N VAL B 263 22.16 21.95 -12.40
CA VAL B 263 21.08 22.57 -11.63
C VAL B 263 20.73 23.91 -12.23
N GLU B 264 19.45 24.23 -12.25
CA GLU B 264 18.99 25.45 -12.86
C GLU B 264 17.75 25.98 -12.15
N VAL B 265 17.83 27.22 -11.70
CA VAL B 265 16.71 27.88 -11.02
C VAL B 265 16.36 29.16 -11.77
N ILE B 266 15.12 29.29 -12.18
CA ILE B 266 14.68 30.45 -12.95
C ILE B 266 13.53 31.19 -12.29
N GLY B 267 13.71 32.49 -12.14
CA GLY B 267 12.65 33.35 -11.68
C GLY B 267 12.28 34.40 -12.71
N THR B 268 11.37 35.29 -12.34
CA THR B 268 10.92 36.33 -13.25
C THR B 268 11.98 37.40 -13.50
N GLU B 269 12.88 37.61 -12.55
CA GLU B 269 13.85 38.71 -12.66
C GLU B 269 15.26 38.22 -12.87
N GLY B 270 15.49 36.94 -12.61
CA GLY B 270 16.83 36.40 -12.67
C GLY B 270 16.85 34.89 -12.73
N LEU B 271 18.02 34.32 -12.94
CA LEU B 271 18.18 32.86 -12.91
C LEU B 271 19.56 32.50 -12.38
N VAL B 272 19.74 31.24 -12.00
CA VAL B 272 21.03 30.74 -11.54
C VAL B 272 21.20 29.33 -12.08
N THR B 273 22.42 29.01 -12.44
CA THR B 273 22.77 27.80 -13.15
C THR B 273 24.09 27.25 -12.58
N ALA B 274 24.20 25.94 -12.43
CA ALA B 274 25.48 25.38 -12.02
C ALA B 274 25.66 24.01 -12.61
N ASP B 275 26.91 23.71 -12.94
CA ASP B 275 27.31 22.54 -13.69
C ASP B 275 28.49 21.88 -12.98
N LEU B 276 28.29 20.68 -12.46
CA LEU B 276 29.35 20.07 -11.66
C LEU B 276 30.49 19.53 -12.51
N TRP B 277 30.23 18.58 -13.39
CA TRP B 277 31.31 17.91 -14.12
C TRP B 277 31.76 18.58 -15.41
N GLN B 278 30.88 19.35 -16.05
CA GLN B 278 31.26 20.10 -17.23
C GLN B 278 31.61 21.54 -16.88
N GLY B 279 31.64 21.87 -15.60
CA GLY B 279 32.00 23.21 -15.21
C GLY B 279 33.24 23.26 -14.33
N MET B 280 34.21 22.39 -14.59
CA MET B 280 35.41 22.33 -13.77
C MET B 280 36.53 23.20 -14.32
N GLY B 281 36.35 23.70 -15.53
CA GLY B 281 37.22 24.74 -16.06
C GLY B 281 38.55 24.21 -16.58
N VAL B 282 38.67 22.90 -16.73
CA VAL B 282 39.89 22.34 -17.30
C VAL B 282 39.55 21.62 -18.60
N GLU B 283 40.39 21.77 -19.61
CA GLU B 283 40.12 21.11 -20.88
C GLU B 283 41.41 20.52 -21.42
N ALA B 284 41.33 19.37 -22.06
CA ALA B 284 42.50 18.75 -22.66
C ALA B 284 42.17 18.04 -23.95
N TYR B 285 43.15 17.96 -24.84
CA TYR B 285 43.06 17.11 -26.01
C TYR B 285 44.30 16.24 -26.15
N THR B 286 44.14 15.01 -26.57
CA THR B 286 45.31 14.23 -26.95
C THR B 286 45.03 13.30 -28.11
N ASN B 287 46.02 13.18 -29.00
CA ASN B 287 45.98 12.20 -30.09
C ASN B 287 46.14 10.77 -29.61
N THR B 288 46.62 10.61 -28.37
CA THR B 288 46.85 9.28 -27.80
C THR B 288 45.95 9.06 -26.58
N LYS B 289 46.51 9.09 -25.36
CA LYS B 289 45.66 9.04 -24.16
C LYS B 289 46.36 9.67 -22.97
N PHE B 290 45.56 10.24 -22.07
CA PHE B 290 46.06 10.71 -20.79
C PHE B 290 45.97 9.58 -19.78
N GLY B 291 47.11 9.18 -19.25
CA GLY B 291 47.18 8.10 -18.27
C GLY B 291 46.52 8.36 -16.93
N ALA B 292 46.23 9.62 -16.62
CA ALA B 292 45.67 9.96 -15.32
C ALA B 292 44.22 10.46 -15.38
N VAL B 293 43.45 9.99 -16.36
CA VAL B 293 42.08 10.48 -16.50
C VAL B 293 41.05 9.34 -16.58
N TRP B 294 39.90 9.53 -15.93
CA TRP B 294 38.75 8.65 -16.09
C TRP B 294 38.51 8.44 -17.59
N GLU B 295 38.21 7.22 -18.01
CA GLU B 295 38.55 6.88 -19.37
C GLU B 295 37.50 6.97 -20.45
N PRO B 296 36.70 8.06 -20.40
CA PRO B 296 36.75 8.86 -21.63
C PRO B 296 38.09 9.59 -21.57
N ASN B 297 39.19 9.00 -22.04
CA ASN B 297 40.49 9.67 -21.89
C ASN B 297 41.30 9.82 -23.19
N GLN B 298 40.59 9.83 -24.32
CA GLN B 298 41.13 10.02 -25.65
C GLN B 298 40.38 11.16 -26.37
N GLY B 299 41.11 11.98 -27.14
CA GLY B 299 40.48 13.09 -27.83
C GLY B 299 40.19 14.24 -26.88
N TRP B 300 39.04 14.87 -27.02
CA TRP B 300 38.70 16.02 -26.19
C TRP B 300 38.09 15.62 -24.85
N LEU B 301 38.67 16.17 -23.79
CA LEU B 301 38.31 15.81 -22.42
C LEU B 301 38.03 17.03 -21.58
N ARG B 302 37.11 16.89 -20.64
CA ARG B 302 36.92 17.87 -19.57
C ARG B 302 37.19 17.16 -18.23
N PRO B 303 38.48 16.97 -17.90
CA PRO B 303 38.94 16.20 -16.76
C PRO B 303 38.51 16.80 -15.43
N GLU B 304 38.18 15.96 -14.46
CA GLU B 304 37.80 16.44 -13.14
C GLU B 304 39.04 16.73 -12.30
N TRP B 305 38.86 17.56 -11.28
CA TRP B 305 39.88 17.70 -10.22
C TRP B 305 39.16 17.61 -8.88
N GLU B 306 39.85 17.08 -7.86
CA GLU B 306 39.29 16.85 -6.52
C GLU B 306 37.83 16.39 -6.52
N TRP B 307 37.55 15.27 -7.18
CA TRP B 307 36.16 14.90 -7.43
C TRP B 307 35.41 14.59 -6.12
N ILE B 308 36.13 14.08 -5.13
CA ILE B 308 35.52 13.74 -3.85
C ILE B 308 35.11 14.99 -3.09
N ARG B 309 36.00 15.97 -3.00
CA ARG B 309 35.64 17.17 -2.29
C ARG B 309 34.59 17.95 -3.07
N ASN B 310 34.77 18.09 -4.36
CA ASN B 310 33.80 18.81 -5.17
C ASN B 310 32.43 18.13 -5.28
N SER B 311 32.35 16.83 -5.04
CA SER B 311 31.05 16.17 -4.98
C SER B 311 30.33 16.31 -3.64
N GLY B 312 31.00 16.88 -2.65
CA GLY B 312 30.36 17.20 -1.38
C GLY B 312 30.61 16.23 -0.23
N TYR B 313 31.32 15.14 -0.49
CA TYR B 313 31.54 14.11 0.53
C TYR B 313 32.32 14.61 1.74
N VAL B 314 33.34 15.41 1.49
CA VAL B 314 34.16 15.92 2.57
C VAL B 314 33.33 16.83 3.49
N HIS B 315 32.57 17.75 2.91
CA HIS B 315 31.79 18.67 3.71
C HIS B 315 30.63 17.96 4.43
N GLN B 316 30.05 16.96 3.79
CA GLN B 316 29.00 16.14 4.40
C GLN B 316 29.51 15.47 5.68
N ASP B 317 30.62 14.76 5.55
CA ASP B 317 31.15 13.96 6.62
C ASP B 317 31.73 14.80 7.76
N ARG B 318 32.26 15.98 7.44
CA ARG B 318 32.71 16.90 8.46
C ARG B 318 31.53 17.35 9.31
N GLN B 319 30.44 17.69 8.65
CA GLN B 319 29.25 18.17 9.34
C GLN B 319 28.61 17.10 10.21
N VAL B 320 28.67 15.86 9.76
CA VAL B 320 28.09 14.77 10.52
C VAL B 320 28.96 14.50 11.75
N VAL B 321 30.26 14.51 11.56
CA VAL B 321 31.19 14.33 12.65
C VAL B 321 31.06 15.47 13.67
N ASP B 322 30.84 16.70 13.20
CA ASP B 322 30.61 17.86 14.06
C ASP B 322 29.31 17.72 14.85
N ALA B 323 28.30 17.18 14.21
CA ALA B 323 27.03 16.94 14.89
C ALA B 323 27.21 15.93 16.01
N VAL B 324 27.91 14.85 15.74
CA VAL B 324 28.13 13.79 16.73
C VAL B 324 29.02 14.24 17.90
N LEU B 325 30.00 15.08 17.62
CA LEU B 325 30.99 15.48 18.64
C LEU B 325 30.67 16.78 19.34
N ASP B 326 30.08 17.73 18.62
CA ASP B 326 29.92 19.09 19.14
C ASP B 326 28.47 19.52 19.29
N GLY B 327 27.55 18.57 19.13
CA GLY B 327 26.13 18.90 19.18
C GLY B 327 25.67 19.85 18.07
N ARG B 328 26.59 20.21 17.19
CA ARG B 328 26.32 21.12 16.09
C ARG B 328 25.19 20.60 15.19
N PRO B 329 24.02 21.27 15.24
CA PRO B 329 22.82 20.81 14.53
C PRO B 329 23.00 20.81 13.01
N MET B 330 22.41 19.82 12.35
CA MET B 330 22.65 19.64 10.92
C MET B 330 21.73 20.52 10.09
N THR B 331 22.24 20.95 8.95
CA THR B 331 21.45 21.72 7.99
C THR B 331 20.38 20.84 7.37
N HIS B 332 20.76 19.62 7.03
CA HIS B 332 19.85 18.70 6.37
C HIS B 332 19.52 17.54 7.31
N THR B 333 18.24 17.42 7.60
CA THR B 333 17.76 16.60 8.70
C THR B 333 17.08 15.35 8.19
N PRO B 334 16.73 14.42 9.09
CA PRO B 334 15.99 13.25 8.58
C PRO B 334 14.61 13.62 8.00
N ASP B 335 14.03 14.74 8.41
CA ASP B 335 12.81 15.25 7.78
C ASP B 335 12.99 15.45 6.27
N ASP B 336 14.18 15.87 5.86
CA ASP B 336 14.47 16.10 4.46
C ASP B 336 14.54 14.77 3.72
N ALA B 337 15.15 13.78 4.35
CA ALA B 337 15.20 12.45 3.79
C ALA B 337 13.81 11.86 3.61
N VAL B 338 12.93 12.11 4.59
CA VAL B 338 11.56 11.60 4.55
C VAL B 338 10.82 12.16 3.33
N ALA B 339 10.94 13.47 3.10
CA ALA B 339 10.34 14.12 1.95
C ALA B 339 10.77 13.54 0.62
N VAL B 340 12.05 13.18 0.51
CA VAL B 340 12.55 12.57 -0.71
C VAL B 340 11.93 11.19 -0.92
N VAL B 341 11.94 10.39 0.13
CA VAL B 341 11.30 9.07 0.09
C VAL B 341 9.83 9.17 -0.34
N GLU B 342 9.06 10.06 0.27
CA GLU B 342 7.66 10.29 -0.16
C GLU B 342 7.59 10.65 -1.64
N THR B 343 8.46 11.54 -2.08
CA THR B 343 8.41 12.00 -3.45
C THR B 343 8.71 10.89 -4.43
N LEU B 344 9.74 10.09 -4.13
CA LEU B 344 10.11 8.98 -4.99
C LEU B 344 9.01 7.91 -5.04
N GLU B 345 8.42 7.60 -3.90
CA GLU B 345 7.32 6.66 -3.85
C GLU B 345 6.12 7.15 -4.68
N ALA B 346 5.79 8.44 -4.59
CA ALA B 346 4.71 9.01 -5.39
C ALA B 346 5.02 9.02 -6.89
N ALA B 347 6.27 9.28 -7.25
CA ALA B 347 6.69 9.28 -8.65
C ALA B 347 6.58 7.89 -9.27
N TYR B 348 6.94 6.85 -8.52
CA TYR B 348 6.77 5.51 -9.03
C TYR B 348 5.28 5.16 -9.24
N ARG B 349 4.42 5.61 -8.33
CA ARG B 349 2.99 5.41 -8.50
C ARG B 349 2.51 6.11 -9.76
N SER B 350 2.87 7.38 -9.89
CA SER B 350 2.55 8.18 -11.07
C SER B 350 2.96 7.48 -12.36
N ALA B 351 4.20 7.04 -12.41
CA ALA B 351 4.74 6.36 -13.58
C ALA B 351 4.01 5.06 -13.90
N ALA B 352 3.54 4.38 -12.86
CA ALA B 352 2.82 3.12 -13.11
C ALA B 352 1.39 3.38 -13.64
N ASP B 353 0.70 4.33 -13.02
CA ASP B 353 -0.71 4.55 -13.28
C ASP B 353 -0.95 5.46 -14.49
N GLY B 354 0.05 6.25 -14.85
CA GLY B 354 -0.10 7.25 -15.88
C GLY B 354 -0.97 8.40 -15.40
N ARG B 355 -0.79 8.81 -14.15
CA ARG B 355 -1.53 9.92 -13.59
C ARG B 355 -0.67 10.80 -12.70
N LYS B 356 -1.10 12.05 -12.54
CA LYS B 356 -0.55 12.92 -11.55
C LYS B 356 -0.97 12.46 -10.15
N VAL B 357 -0.01 12.29 -9.26
CA VAL B 357 -0.28 11.85 -7.91
C VAL B 357 -0.16 13.00 -6.93
N GLU B 358 -1.31 13.44 -6.40
CA GLU B 358 -1.35 14.49 -5.37
C GLU B 358 -0.77 13.94 -4.08
N MET B 359 -0.09 14.82 -3.35
CA MET B 359 0.40 14.51 -2.06
C MET B 359 0.45 15.74 -1.19
N ASN B 360 1.03 15.47 -0.03
CA ASN B 360 1.52 16.37 1.01
C ASN B 360 3.02 16.67 0.84
N VAL C 22 24.86 -46.33 48.04
CA VAL C 22 25.72 -45.95 49.16
C VAL C 22 25.15 -44.72 49.88
N GLU C 23 24.66 -43.75 49.09
CA GLU C 23 23.79 -42.72 49.60
C GLU C 23 22.40 -43.24 49.32
N ARG C 24 21.62 -43.55 50.36
CA ARG C 24 20.28 -44.03 50.09
C ARG C 24 19.28 -42.88 50.22
N LEU C 25 18.31 -42.85 49.31
CA LEU C 25 17.28 -41.83 49.31
C LEU C 25 15.93 -42.50 49.45
N GLY C 26 15.16 -42.07 50.44
CA GLY C 26 13.85 -42.65 50.69
C GLY C 26 12.78 -41.93 49.90
N VAL C 27 12.00 -42.70 49.16
CA VAL C 27 11.06 -42.18 48.19
C VAL C 27 9.64 -42.68 48.46
N ALA C 28 8.66 -41.82 48.22
CA ALA C 28 7.27 -42.23 48.17
C ALA C 28 6.65 -41.89 46.82
N VAL C 29 5.82 -42.78 46.31
CA VAL C 29 5.13 -42.55 45.06
C VAL C 29 3.67 -42.36 45.35
N VAL C 30 3.13 -41.22 44.92
CA VAL C 30 1.71 -40.91 45.10
C VAL C 30 0.98 -41.09 43.78
N GLY C 31 -0.02 -41.97 43.79
CA GLY C 31 -0.68 -42.41 42.58
C GLY C 31 -0.04 -43.69 42.08
N GLY C 32 -0.75 -44.80 42.23
CA GLY C 32 -0.22 -46.09 41.83
C GLY C 32 -0.69 -46.55 40.47
N GLY C 33 -1.08 -45.59 39.64
CA GLY C 33 -1.54 -45.90 38.29
C GLY C 33 -0.41 -46.07 37.28
N PHE C 34 -0.71 -45.76 36.03
CA PHE C 34 0.23 -45.97 34.96
C PHE C 34 1.59 -45.30 35.18
N MET C 35 1.60 -43.99 35.44
CA MET C 35 2.85 -43.24 35.62
C MET C 35 3.56 -43.51 36.94
N GLY C 36 2.78 -43.70 38.00
CA GLY C 36 3.35 -44.12 39.26
C GLY C 36 4.08 -45.44 39.04
N GLY C 37 3.46 -46.31 38.25
CA GLY C 37 4.07 -47.59 37.90
C GLY C 37 5.41 -47.44 37.18
N VAL C 38 5.45 -46.54 36.21
CA VAL C 38 6.67 -46.30 35.44
C VAL C 38 7.78 -45.74 36.31
N HIS C 39 7.45 -44.75 37.12
CA HIS C 39 8.42 -44.12 38.01
C HIS C 39 8.98 -45.12 39.01
N ALA C 40 8.10 -45.92 39.59
CA ALA C 40 8.51 -46.95 40.52
C ALA C 40 9.51 -47.92 39.88
N GLU C 41 9.24 -48.28 38.64
CA GLU C 41 10.14 -49.10 37.84
C GLU C 41 11.50 -48.45 37.61
N VAL C 42 11.49 -47.16 37.31
CA VAL C 42 12.69 -46.42 37.01
C VAL C 42 13.52 -46.14 38.27
N LEU C 43 12.86 -45.70 39.32
CA LEU C 43 13.58 -45.36 40.54
C LEU C 43 14.15 -46.59 41.26
N THR C 44 13.46 -47.73 41.20
CA THR C 44 13.99 -48.87 41.95
C THR C 44 15.14 -49.51 41.20
N ALA C 45 15.33 -49.14 39.94
CA ALA C 45 16.50 -49.56 39.22
C ALA C 45 17.71 -48.72 39.63
N ASP C 46 17.47 -47.57 40.23
CA ASP C 46 18.55 -46.75 40.78
C ASP C 46 19.05 -47.34 42.12
N PRO C 47 20.30 -47.76 42.15
CA PRO C 47 20.89 -48.30 43.37
C PRO C 47 20.85 -47.33 44.55
N ARG C 48 20.69 -46.04 44.32
CA ARG C 48 20.66 -45.06 45.42
C ARG C 48 19.28 -44.95 46.05
N VAL C 49 18.28 -45.59 45.45
CA VAL C 49 16.90 -45.31 45.84
C VAL C 49 16.20 -46.41 46.61
N ASP C 50 15.49 -46.01 47.66
CA ASP C 50 14.67 -46.96 48.40
C ASP C 50 13.21 -46.54 48.34
N LEU C 51 12.44 -47.26 47.55
CA LEU C 51 11.02 -47.00 47.46
C LEU C 51 10.32 -47.56 48.68
N ARG C 52 9.83 -46.67 49.55
CA ARG C 52 9.31 -47.06 50.85
C ARG C 52 7.79 -47.09 50.89
N TRP C 53 7.16 -46.19 50.15
CA TRP C 53 5.71 -46.05 50.20
C TRP C 53 5.07 -45.88 48.84
N VAL C 54 3.89 -46.47 48.69
CA VAL C 54 3.01 -46.13 47.60
C VAL C 54 1.76 -45.54 48.21
N VAL C 55 1.42 -44.33 47.82
CA VAL C 55 0.20 -43.73 48.27
C VAL C 55 -0.83 -43.71 47.14
N ASP C 56 -2.05 -44.16 47.40
CA ASP C 56 -3.11 -44.12 46.41
C ASP C 56 -4.48 -44.19 47.08
N ARG C 57 -5.42 -43.41 46.54
CA ARG C 57 -6.77 -43.32 47.09
C ARG C 57 -7.49 -44.65 46.96
N ASP C 58 -7.24 -45.33 45.84
CA ASP C 58 -7.74 -46.68 45.63
C ASP C 58 -6.77 -47.66 46.28
N GLU C 59 -7.21 -48.36 47.32
CA GLU C 59 -6.30 -49.21 48.08
C GLU C 59 -5.85 -50.43 47.28
N ARG C 60 -6.73 -50.96 46.44
CA ARG C 60 -6.40 -52.12 45.64
C ARG C 60 -5.29 -51.82 44.63
N VAL C 61 -5.37 -50.66 44.00
CA VAL C 61 -4.37 -50.24 43.03
C VAL C 61 -3.03 -50.02 43.72
N GLY C 62 -3.05 -49.29 44.83
CA GLY C 62 -1.84 -49.00 45.57
C GLY C 62 -1.20 -50.26 46.13
N THR C 63 -2.04 -51.20 46.52
CA THR C 63 -1.56 -52.43 47.13
C THR C 63 -0.85 -53.28 46.10
N ASP C 64 -1.47 -53.38 44.94
CA ASP C 64 -0.87 -54.08 43.82
C ASP C 64 0.53 -53.55 43.47
N LEU C 65 0.67 -52.23 43.36
CA LEU C 65 1.97 -51.62 43.06
C LEU C 65 2.96 -51.83 44.21
N ALA C 66 2.50 -51.64 45.44
CA ALA C 66 3.36 -51.82 46.60
C ALA C 66 3.91 -53.25 46.70
N THR C 67 3.05 -54.25 46.53
CA THR C 67 3.48 -55.64 46.68
C THR C 67 4.46 -56.01 45.56
N ARG C 68 4.28 -55.42 44.40
CA ARG C 68 5.20 -55.66 43.29
C ARG C 68 6.62 -55.13 43.58
N PHE C 69 6.74 -54.02 44.29
CA PHE C 69 8.06 -53.44 44.56
C PHE C 69 8.50 -53.47 46.01
N GLY C 70 7.78 -54.20 46.86
CA GLY C 70 8.15 -54.35 48.26
C GLY C 70 8.07 -53.08 49.11
N ALA C 71 7.10 -52.23 48.83
CA ALA C 71 6.94 -51.01 49.60
C ALA C 71 5.75 -51.10 50.53
N ARG C 72 5.67 -50.17 51.47
CA ARG C 72 4.49 -50.04 52.29
C ARG C 72 3.42 -49.39 51.45
N VAL C 73 2.17 -49.55 51.86
CA VAL C 73 1.08 -48.93 51.13
C VAL C 73 0.15 -48.21 52.07
N THR C 74 -0.37 -47.08 51.62
CA THR C 74 -1.40 -46.39 52.39
C THR C 74 -2.32 -45.60 51.48
N THR C 75 -3.41 -45.12 52.04
CA THR C 75 -4.34 -44.27 51.31
C THR C 75 -4.25 -42.83 51.79
N THR C 76 -3.34 -42.58 52.71
CA THR C 76 -3.22 -41.28 53.36
C THR C 76 -1.80 -40.74 53.24
N LEU C 77 -1.64 -39.68 52.47
CA LEU C 77 -0.31 -39.13 52.23
C LEU C 77 0.41 -38.79 53.51
N ASP C 78 -0.35 -38.34 54.51
CA ASP C 78 0.27 -37.91 55.76
C ASP C 78 0.87 -39.08 56.55
N GLU C 79 0.39 -40.29 56.32
CA GLU C 79 1.03 -41.45 56.93
C GLU C 79 2.42 -41.67 56.36
N ALA C 80 2.59 -41.34 55.08
CA ALA C 80 3.90 -41.46 54.42
C ALA C 80 4.81 -40.28 54.74
N LEU C 81 4.22 -39.11 55.00
CA LEU C 81 5.02 -37.95 55.35
C LEU C 81 5.43 -37.97 56.84
N ALA C 82 4.72 -38.76 57.64
CA ALA C 82 5.14 -38.98 59.02
C ALA C 82 6.46 -39.77 59.10
N ASP C 83 6.79 -40.47 58.02
CA ASP C 83 8.03 -41.24 57.93
C ASP C 83 9.20 -40.31 57.58
N ASP C 84 10.10 -40.11 58.53
CA ASP C 84 11.21 -39.17 58.36
C ASP C 84 12.28 -39.67 57.39
N THR C 85 12.14 -40.90 56.91
CA THR C 85 13.09 -41.46 55.96
C THR C 85 12.77 -40.97 54.56
N VAL C 86 11.48 -40.71 54.34
CA VAL C 86 11.01 -40.20 53.07
C VAL C 86 11.47 -38.76 52.87
N ARG C 87 12.39 -38.58 51.94
CA ARG C 87 12.91 -37.26 51.60
C ARG C 87 12.51 -36.82 50.19
N PHE C 88 11.82 -37.68 49.45
CA PHE C 88 11.51 -37.37 48.07
C PHE C 88 10.21 -38.06 47.65
N VAL C 89 9.34 -37.30 47.02
CA VAL C 89 8.00 -37.76 46.65
C VAL C 89 7.71 -37.53 45.18
N VAL C 90 7.22 -38.57 44.52
CA VAL C 90 6.78 -38.46 43.14
C VAL C 90 5.26 -38.37 43.11
N VAL C 91 4.74 -37.35 42.45
CA VAL C 91 3.30 -37.14 42.40
C VAL C 91 2.74 -37.49 41.03
N ALA C 92 2.05 -38.61 40.93
CA ALA C 92 1.58 -39.09 39.64
C ALA C 92 0.08 -39.34 39.69
N THR C 93 -0.64 -38.28 40.01
CA THR C 93 -2.08 -38.36 40.21
C THR C 93 -2.75 -37.47 39.16
N PRO C 94 -4.08 -37.52 39.05
CA PRO C 94 -4.74 -36.63 38.09
C PRO C 94 -4.34 -35.16 38.26
N ALA C 95 -4.31 -34.43 37.16
CA ALA C 95 -3.80 -33.06 37.07
C ALA C 95 -4.27 -32.11 38.17
N ALA C 96 -5.58 -32.10 38.45
CA ALA C 96 -6.15 -31.15 39.40
C ALA C 96 -5.71 -31.42 40.84
N THR C 97 -5.26 -32.64 41.10
CA THR C 97 -4.82 -32.97 42.45
C THR C 97 -3.38 -32.54 42.69
N HIS C 98 -2.68 -32.11 41.63
CA HIS C 98 -1.23 -31.84 41.75
C HIS C 98 -0.87 -30.74 42.73
N GLU C 99 -1.57 -29.61 42.67
CA GLU C 99 -1.21 -28.48 43.50
C GLU C 99 -1.47 -28.74 45.00
N PRO C 100 -2.68 -29.19 45.38
CA PRO C 100 -2.84 -29.49 46.81
C PRO C 100 -1.82 -30.50 47.34
N ILE C 101 -1.56 -31.57 46.60
CA ILE C 101 -0.60 -32.57 47.05
C ILE C 101 0.81 -32.03 47.14
N ALA C 102 1.27 -31.37 46.09
CA ALA C 102 2.62 -30.80 46.04
C ALA C 102 2.84 -29.75 47.12
N ALA C 103 1.81 -28.98 47.42
CA ALA C 103 1.91 -27.96 48.44
C ALA C 103 2.10 -28.64 49.79
N GLN C 104 1.33 -29.68 50.03
CA GLN C 104 1.45 -30.46 51.25
C GLN C 104 2.86 -31.02 51.42
N VAL C 105 3.39 -31.61 50.34
CA VAL C 105 4.68 -32.28 50.39
C VAL C 105 5.81 -31.29 50.68
N ILE C 106 5.74 -30.13 50.05
CA ILE C 106 6.73 -29.08 50.25
C ILE C 106 6.63 -28.49 51.64
N ALA C 107 5.38 -28.35 52.12
CA ALA C 107 5.14 -27.82 53.45
C ALA C 107 5.72 -28.75 54.51
N ALA C 108 5.81 -30.03 54.18
CA ALA C 108 6.38 -31.02 55.08
C ALA C 108 7.89 -31.19 54.88
N GLY C 109 8.48 -30.35 54.04
CA GLY C 109 9.92 -30.33 53.90
C GLY C 109 10.50 -31.37 52.96
N ARG C 110 9.68 -31.92 52.08
CA ARG C 110 10.15 -32.95 51.15
C ARG C 110 10.40 -32.42 49.75
N ASN C 111 11.43 -32.96 49.10
CA ASN C 111 11.65 -32.72 47.69
C ASN C 111 10.55 -33.39 46.88
N VAL C 112 10.19 -32.80 45.75
CA VAL C 112 9.05 -33.33 45.03
C VAL C 112 9.24 -33.30 43.53
N LEU C 113 8.72 -34.32 42.88
CA LEU C 113 8.64 -34.36 41.43
C LEU C 113 7.18 -34.49 41.05
N VAL C 114 6.70 -33.55 40.26
CA VAL C 114 5.28 -33.53 39.90
C VAL C 114 5.13 -33.81 38.43
N GLU C 115 4.31 -34.79 38.09
CA GLU C 115 4.09 -35.14 36.70
C GLU C 115 3.50 -33.98 35.92
N LYS C 116 3.60 -34.04 34.59
CA LYS C 116 3.15 -32.96 33.69
C LYS C 116 1.64 -32.78 33.86
N PRO C 117 1.07 -31.69 33.30
CA PRO C 117 0.61 -30.44 33.89
C PRO C 117 1.08 -30.35 35.31
N LEU C 118 2.12 -29.55 35.54
CA LEU C 118 2.55 -29.25 36.89
C LEU C 118 1.36 -28.73 37.67
N VAL C 119 0.83 -27.59 37.23
CA VAL C 119 -0.44 -27.07 37.74
C VAL C 119 -1.20 -26.43 36.59
N LEU C 120 -2.44 -26.07 36.85
CA LEU C 120 -3.32 -25.58 35.80
C LEU C 120 -3.33 -24.06 35.72
N SER C 121 -2.79 -23.42 36.75
CA SER C 121 -2.79 -21.95 36.81
C SER C 121 -1.40 -21.40 37.05
N THR C 122 -1.10 -20.30 36.37
CA THR C 122 0.20 -19.66 36.47
C THR C 122 0.49 -19.15 37.86
N GLY C 123 -0.56 -18.69 38.55
CA GLY C 123 -0.40 -18.24 39.92
C GLY C 123 0.05 -19.38 40.82
N HIS C 124 -0.65 -20.50 40.73
CA HIS C 124 -0.30 -21.71 41.45
C HIS C 124 1.12 -22.21 41.15
N ALA C 125 1.55 -22.14 39.90
CA ALA C 125 2.91 -22.55 39.57
C ALA C 125 3.96 -21.70 40.27
N ARG C 126 3.74 -20.39 40.26
CA ARG C 126 4.69 -19.47 40.87
C ARG C 126 4.72 -19.64 42.38
N GLN C 127 3.57 -19.91 42.99
CA GLN C 127 3.51 -20.17 44.43
C GLN C 127 4.33 -21.39 44.79
N LEU C 128 4.10 -22.50 44.09
CA LEU C 128 4.81 -23.73 44.39
C LEU C 128 6.30 -23.54 44.28
N ALA C 129 6.72 -22.81 43.25
CA ALA C 129 8.16 -22.61 43.04
C ALA C 129 8.73 -21.82 44.20
N ALA C 130 7.98 -20.80 44.60
CA ALA C 130 8.42 -19.91 45.66
C ALA C 130 8.41 -20.65 46.99
N ALA C 131 7.37 -21.46 47.22
CA ALA C 131 7.29 -22.30 48.42
C ALA C 131 8.43 -23.30 48.50
N ALA C 132 8.80 -23.87 47.35
CA ALA C 132 9.91 -24.79 47.31
C ALA C 132 11.25 -24.10 47.56
N HIS C 133 11.41 -22.89 47.04
CA HIS C 133 12.67 -22.20 47.18
C HIS C 133 12.88 -21.81 48.64
N GLU C 134 11.81 -21.32 49.25
CA GLU C 134 11.80 -20.91 50.63
C GLU C 134 12.17 -22.09 51.53
N ARG C 135 11.47 -23.21 51.39
CA ARG C 135 11.75 -24.40 52.20
C ARG C 135 13.12 -25.01 51.93
N GLY C 136 13.74 -24.62 50.82
CA GLY C 136 15.03 -25.18 50.43
C GLY C 136 14.99 -26.57 49.81
N VAL C 137 13.88 -26.93 49.16
CA VAL C 137 13.77 -28.26 48.57
C VAL C 137 13.75 -28.24 47.04
N VAL C 138 13.90 -29.41 46.45
CA VAL C 138 13.85 -29.50 44.99
C VAL C 138 12.41 -29.68 44.52
N LEU C 139 12.01 -28.82 43.60
CA LEU C 139 10.77 -29.01 42.87
C LEU C 139 11.11 -29.29 41.42
N ALA C 140 10.66 -30.43 40.94
CA ALA C 140 10.98 -30.87 39.60
C ALA C 140 9.69 -31.26 38.91
N HIS C 141 9.65 -31.16 37.59
CA HIS C 141 8.42 -31.47 36.86
C HIS C 141 8.67 -32.52 35.77
N GLY C 142 7.64 -33.30 35.49
CA GLY C 142 7.75 -34.46 34.61
C GLY C 142 7.75 -34.31 33.09
N GLY C 143 8.49 -33.35 32.57
CA GLY C 143 8.67 -33.25 31.13
C GLY C 143 9.77 -34.18 30.64
N ASN C 144 9.45 -35.45 30.47
CA ASN C 144 10.46 -36.45 30.22
C ASN C 144 11.16 -36.37 28.85
N PHE C 145 10.47 -35.88 27.81
CA PHE C 145 11.01 -35.96 26.45
C PHE C 145 12.19 -35.00 26.18
N VAL C 146 12.32 -33.93 26.96
CA VAL C 146 13.54 -33.13 26.88
C VAL C 146 14.76 -33.86 27.46
N TYR C 147 14.57 -35.07 27.96
CA TYR C 147 15.68 -35.89 28.45
C TYR C 147 15.92 -37.11 27.57
N ALA C 148 15.07 -37.34 26.59
CA ALA C 148 15.22 -38.46 25.65
C ALA C 148 16.54 -38.37 24.89
N PRO C 149 17.32 -39.45 24.86
CA PRO C 149 18.67 -39.44 24.29
C PRO C 149 18.72 -39.02 22.84
N LYS C 150 17.78 -39.47 22.03
CA LYS C 150 17.71 -39.06 20.65
C LYS C 150 17.41 -37.55 20.51
N PHE C 151 16.47 -37.05 21.30
CA PHE C 151 16.13 -35.63 21.24
C PHE C 151 17.26 -34.77 21.79
N VAL C 152 17.96 -35.27 22.80
CA VAL C 152 19.10 -34.58 23.38
C VAL C 152 20.20 -34.42 22.32
N ARG C 153 20.38 -35.43 21.48
CA ARG C 153 21.33 -35.33 20.40
C ARG C 153 20.88 -34.31 19.36
N ALA C 154 19.60 -34.37 18.98
CA ALA C 154 19.05 -33.43 18.01
C ALA C 154 19.15 -31.99 18.52
N HIS C 155 18.99 -31.80 19.83
CA HIS C 155 19.10 -30.50 20.43
C HIS C 155 20.52 -29.97 20.36
N GLU C 156 21.49 -30.86 20.45
CA GLU C 156 22.88 -30.46 20.32
C GLU C 156 23.19 -29.99 18.90
N LEU C 157 22.70 -30.73 17.92
CA LEU C 157 22.87 -30.35 16.51
C LEU C 157 22.20 -29.02 16.25
N ALA C 158 20.96 -28.87 16.69
CA ALA C 158 20.20 -27.66 16.49
C ALA C 158 20.82 -26.43 17.16
N ALA C 159 21.78 -26.64 18.06
CA ALA C 159 22.44 -25.54 18.75
C ALA C 159 23.72 -25.11 18.04
N ASP C 160 24.08 -25.79 16.94
CA ASP C 160 25.22 -25.41 16.13
C ASP C 160 24.83 -24.24 15.23
N ARG C 161 25.19 -23.04 15.65
CA ARG C 161 24.76 -21.83 14.97
C ARG C 161 25.35 -21.70 13.58
N GLU C 162 26.62 -22.07 13.42
CA GLU C 162 27.25 -22.04 12.10
C GLU C 162 26.57 -23.01 11.12
N ALA C 163 26.14 -24.17 11.63
CA ALA C 163 25.53 -25.17 10.77
C ALA C 163 24.11 -24.81 10.35
N LEU C 164 23.34 -24.23 11.27
CA LEU C 164 21.94 -23.91 10.97
C LEU C 164 21.68 -22.48 10.47
N GLY C 165 22.62 -21.57 10.74
CA GLY C 165 22.38 -20.17 10.42
C GLY C 165 21.32 -19.63 11.36
N THR C 166 20.41 -18.81 10.84
CA THR C 166 19.33 -18.26 11.66
C THR C 166 18.15 -19.22 11.71
N VAL C 167 17.79 -19.64 12.92
CA VAL C 167 16.66 -20.54 13.13
C VAL C 167 15.32 -19.80 13.05
N HIS C 168 14.42 -20.24 12.19
CA HIS C 168 13.16 -19.53 11.97
C HIS C 168 11.91 -20.38 12.16
N SER C 169 12.09 -21.69 12.25
CA SER C 169 10.96 -22.62 12.43
C SER C 169 11.32 -23.74 13.39
N VAL C 170 10.40 -24.05 14.28
CA VAL C 170 10.44 -25.29 15.04
C VAL C 170 9.03 -25.86 15.00
N ARG C 171 8.92 -27.17 14.83
CA ARG C 171 7.63 -27.82 14.84
C ARG C 171 7.67 -29.12 15.62
N VAL C 172 6.69 -29.30 16.50
CA VAL C 172 6.57 -30.51 17.25
C VAL C 172 5.18 -31.09 17.02
N ALA C 173 5.12 -32.31 16.50
CA ALA C 173 3.85 -33.00 16.32
C ALA C 173 3.76 -34.14 17.29
N PHE C 174 2.69 -34.21 18.07
CA PHE C 174 2.52 -35.29 19.01
C PHE C 174 1.12 -35.87 18.83
N ARG C 175 1.06 -37.11 18.36
CA ARG C 175 -0.23 -37.75 18.01
C ARG C 175 -0.40 -39.08 18.67
N THR C 176 -1.58 -39.28 19.26
CA THR C 176 -1.92 -40.54 19.92
C THR C 176 -3.35 -40.92 19.58
N SER C 177 -3.74 -42.11 20.00
CA SER C 177 -5.12 -42.52 19.82
C SER C 177 -5.92 -42.16 21.06
N GLY C 178 -5.32 -41.36 21.95
CA GLY C 178 -6.04 -40.84 23.08
C GLY C 178 -5.91 -41.68 24.33
N PRO C 179 -6.26 -41.10 25.48
CA PRO C 179 -6.14 -41.72 26.80
C PRO C 179 -7.26 -42.71 27.06
N ASP C 180 -7.04 -43.61 27.99
CA ASP C 180 -7.98 -44.71 28.24
C ASP C 180 -8.73 -44.55 29.56
N THR C 181 -8.17 -43.80 30.50
CA THR C 181 -8.85 -43.56 31.77
C THR C 181 -9.67 -42.28 31.70
N ASP C 182 -10.81 -42.29 32.41
CA ASP C 182 -11.87 -41.34 32.19
C ASP C 182 -11.55 -39.92 32.64
N TRP C 183 -10.75 -39.78 33.69
CA TRP C 183 -10.51 -38.44 34.22
C TRP C 183 -9.78 -37.53 33.23
N PHE C 184 -9.12 -38.13 32.24
CA PHE C 184 -8.40 -37.34 31.23
C PHE C 184 -9.36 -36.49 30.41
N ARG C 185 -10.60 -36.95 30.30
CA ARG C 185 -11.56 -36.27 29.45
C ARG C 185 -12.54 -35.41 30.23
N SER C 186 -12.25 -35.20 31.52
CA SER C 186 -13.01 -34.26 32.33
C SER C 186 -12.19 -33.00 32.59
N LYS C 187 -12.77 -31.84 32.29
CA LYS C 187 -12.08 -30.56 32.45
C LYS C 187 -11.82 -30.28 33.93
N ALA C 188 -12.72 -30.72 34.80
CA ALA C 188 -12.61 -30.45 36.22
C ALA C 188 -11.39 -31.11 36.83
N THR C 189 -11.12 -32.35 36.41
CA THR C 189 -10.00 -33.08 36.96
C THR C 189 -8.75 -33.06 36.06
N ALA C 190 -8.90 -32.88 34.76
CA ALA C 190 -7.75 -32.88 33.87
C ALA C 190 -7.23 -31.45 33.56
N GLY C 191 -8.09 -30.46 33.69
CA GLY C 191 -7.70 -29.09 33.41
C GLY C 191 -7.50 -28.81 31.92
N GLY C 192 -7.93 -29.73 31.07
CA GLY C 192 -7.73 -29.61 29.64
C GLY C 192 -7.71 -30.95 28.94
N GLY C 193 -7.76 -30.93 27.61
CA GLY C 193 -7.66 -32.14 26.83
C GLY C 193 -6.27 -32.32 26.23
N ALA C 194 -6.25 -32.66 24.94
CA ALA C 194 -5.01 -32.93 24.21
C ALA C 194 -3.99 -31.79 24.29
N LEU C 195 -4.48 -30.55 24.32
CA LEU C 195 -3.59 -29.41 24.36
C LEU C 195 -2.83 -29.34 25.67
N THR C 196 -3.40 -29.94 26.71
CA THR C 196 -2.76 -29.97 28.00
C THR C 196 -1.97 -31.24 28.17
N ASP C 197 -2.61 -32.37 27.86
CA ASP C 197 -2.01 -33.68 28.02
C ASP C 197 -0.79 -33.83 27.11
N LEU C 198 -0.95 -33.56 25.81
CA LEU C 198 0.12 -33.67 24.85
C LEU C 198 0.84 -32.34 24.64
N GLY C 199 0.10 -31.25 24.66
CA GLY C 199 0.66 -29.94 24.41
C GLY C 199 1.72 -29.53 25.40
N TRP C 200 1.63 -30.00 26.63
CA TRP C 200 2.66 -29.71 27.61
C TRP C 200 4.03 -30.05 27.04
N HIS C 201 4.15 -31.27 26.51
CA HIS C 201 5.38 -31.75 25.91
C HIS C 201 5.77 -31.01 24.65
N ALA C 202 4.81 -30.85 23.75
CA ALA C 202 5.01 -30.15 22.49
C ALA C 202 5.64 -28.76 22.73
N VAL C 203 4.98 -27.98 23.58
CA VAL C 203 5.47 -26.65 23.93
C VAL C 203 6.83 -26.70 24.63
N GLU C 204 7.01 -27.60 25.59
CA GLU C 204 8.33 -27.68 26.24
C GLU C 204 9.45 -28.06 25.27
N LEU C 205 9.16 -28.98 24.35
CA LEU C 205 10.13 -29.36 23.32
C LEU C 205 10.47 -28.21 22.37
N CYS C 206 9.45 -27.51 21.85
CA CYS C 206 9.62 -26.35 20.96
C CYS C 206 10.56 -25.32 21.57
N ARG C 207 10.15 -24.87 22.74
CA ARG C 207 10.88 -23.92 23.55
C ARG C 207 12.34 -24.36 23.73
N TRP C 208 12.54 -25.60 24.12
CA TRP C 208 13.87 -26.13 24.40
C TRP C 208 14.78 -26.23 23.18
N MET C 209 14.20 -26.66 22.07
CA MET C 209 14.96 -26.80 20.83
C MET C 209 15.54 -25.47 20.37
N LEU C 210 14.91 -24.37 20.75
CA LEU C 210 15.43 -23.06 20.35
C LEU C 210 16.37 -22.43 21.35
N GLY C 211 16.71 -23.12 22.42
CA GLY C 211 17.58 -22.54 23.43
C GLY C 211 16.77 -21.76 24.46
N LYS C 212 15.48 -22.08 24.55
CA LYS C 212 14.59 -21.51 25.56
C LYS C 212 14.44 -19.98 25.54
N PRO C 213 14.06 -19.41 24.41
CA PRO C 213 13.85 -17.96 24.35
C PRO C 213 12.46 -17.57 24.86
N ALA C 214 12.23 -16.30 25.12
CA ALA C 214 10.92 -15.86 25.58
C ALA C 214 9.84 -15.95 24.49
N ILE C 215 8.62 -16.22 24.90
CA ILE C 215 7.47 -16.26 24.01
C ILE C 215 6.73 -14.94 24.06
N ARG C 216 6.47 -14.36 22.89
CA ARG C 216 5.84 -13.04 22.77
C ARG C 216 4.36 -13.10 22.49
N ALA C 217 3.94 -14.08 21.71
CA ALA C 217 2.53 -14.23 21.36
C ALA C 217 2.19 -15.68 21.05
N VAL C 218 0.92 -16.02 21.18
CA VAL C 218 0.45 -17.37 20.96
C VAL C 218 -0.88 -17.33 20.24
N THR C 219 -1.00 -18.05 19.13
CA THR C 219 -2.32 -18.23 18.49
C THR C 219 -2.70 -19.71 18.53
N ALA C 220 -3.97 -20.02 18.77
CA ALA C 220 -4.35 -21.43 18.80
C ALA C 220 -5.75 -21.78 18.33
N CYS C 221 -5.90 -23.00 17.83
CA CYS C 221 -7.18 -23.51 17.40
C CYS C 221 -7.39 -24.92 17.95
N THR C 222 -8.55 -25.18 18.54
CA THR C 222 -8.84 -26.49 19.10
C THR C 222 -10.15 -27.06 18.60
N ARG C 223 -10.36 -28.34 18.85
CA ARG C 223 -11.58 -28.99 18.45
C ARG C 223 -11.88 -30.25 19.27
N GLN C 224 -13.15 -30.42 19.64
CA GLN C 224 -13.60 -31.63 20.29
C GLN C 224 -14.27 -32.55 19.27
N LEU C 225 -13.81 -33.79 19.21
CA LEU C 225 -14.33 -34.75 18.24
C LEU C 225 -15.26 -35.75 18.88
N SER C 226 -14.74 -36.47 19.88
CA SER C 226 -15.52 -37.45 20.62
C SER C 226 -16.67 -36.78 21.35
N ALA C 227 -17.74 -37.54 21.57
CA ALA C 227 -18.92 -37.03 22.26
C ALA C 227 -18.71 -37.05 23.77
N ALA C 228 -17.93 -38.03 24.20
CA ALA C 228 -17.59 -38.17 25.61
C ALA C 228 -16.74 -37.00 26.09
N GLY C 229 -17.03 -36.54 27.30
CA GLY C 229 -16.22 -35.53 27.95
C GLY C 229 -16.49 -34.12 27.49
N ASP C 230 -15.70 -33.18 27.99
CA ASP C 230 -15.88 -31.78 27.67
C ASP C 230 -14.56 -31.08 27.35
N VAL C 231 -13.59 -31.84 26.84
CA VAL C 231 -12.28 -31.31 26.46
C VAL C 231 -11.92 -31.57 24.99
N GLU C 232 -11.02 -30.78 24.43
CA GLU C 232 -10.63 -30.93 23.03
C GLU C 232 -9.85 -32.21 22.77
N ASP C 233 -9.90 -32.70 21.53
CA ASP C 233 -9.18 -33.90 21.10
C ASP C 233 -8.00 -33.52 20.23
N GLN C 234 -8.06 -32.33 19.67
CA GLN C 234 -6.96 -31.87 18.84
C GLN C 234 -6.80 -30.37 18.94
N GLY C 235 -5.59 -29.92 18.69
CA GLY C 235 -5.29 -28.50 18.70
C GLY C 235 -3.97 -28.20 18.03
N VAL C 236 -3.84 -26.96 17.58
CA VAL C 236 -2.64 -26.47 16.93
C VAL C 236 -2.31 -25.16 17.61
N VAL C 237 -1.04 -24.95 17.92
CA VAL C 237 -0.61 -23.70 18.50
C VAL C 237 0.51 -23.13 17.65
N LEU C 238 0.36 -21.88 17.24
CA LEU C 238 1.46 -21.14 16.63
C LEU C 238 2.05 -20.23 17.67
N ILE C 239 3.36 -20.29 17.80
CA ILE C 239 4.07 -19.56 18.85
C ILE C 239 5.03 -18.57 18.26
N GLU C 240 4.89 -17.30 18.61
CA GLU C 240 5.88 -16.33 18.19
C GLU C 240 6.91 -16.16 19.28
N PHE C 241 8.14 -16.56 19.01
CA PHE C 241 9.21 -16.37 19.96
C PHE C 241 9.82 -14.99 19.80
N ALA C 242 10.47 -14.50 20.85
CA ALA C 242 11.07 -13.16 20.88
C ALA C 242 11.86 -12.78 19.63
N ASP C 243 12.72 -13.67 19.16
CA ASP C 243 13.55 -13.36 18.00
C ASP C 243 12.74 -13.33 16.70
N GLY C 244 11.55 -13.90 16.71
CA GLY C 244 10.73 -13.93 15.51
C GLY C 244 10.54 -15.30 14.89
N ALA C 245 11.20 -16.31 15.44
CA ALA C 245 11.02 -17.68 14.97
C ALA C 245 9.62 -18.13 15.27
N ILE C 246 9.04 -18.95 14.39
CA ILE C 246 7.69 -19.44 14.60
C ILE C 246 7.70 -20.89 15.06
N GLY C 247 7.00 -21.17 16.13
CA GLY C 247 6.84 -22.53 16.60
C GLY C 247 5.49 -23.06 16.22
N GLN C 248 5.42 -24.34 15.88
CA GLN C 248 4.15 -25.02 15.67
C GLN C 248 4.07 -26.20 16.63
N CYS C 249 2.96 -26.33 17.35
CA CYS C 249 2.69 -27.51 18.14
C CYS C 249 1.43 -28.12 17.64
N ASP C 250 1.51 -29.35 17.15
CA ASP C 250 0.37 -30.03 16.56
C ASP C 250 0.09 -31.28 17.40
N VAL C 251 -1.03 -31.30 18.11
CA VAL C 251 -1.34 -32.42 18.97
C VAL C 251 -2.72 -32.99 18.73
N SER C 252 -2.87 -34.29 18.97
CA SER C 252 -4.13 -34.95 18.68
C SER C 252 -4.29 -36.28 19.42
N TRP C 253 -5.50 -36.51 19.89
CA TRP C 253 -5.93 -37.76 20.50
C TRP C 253 -6.67 -38.60 19.49
N ALA C 254 -6.71 -38.18 18.24
CA ALA C 254 -7.59 -38.85 17.30
C ALA C 254 -6.84 -39.49 16.16
N CYS C 255 -5.54 -39.72 16.36
CA CYS C 255 -4.70 -40.25 15.30
C CYS C 255 -4.49 -41.76 15.43
N PRO C 256 -4.82 -42.52 14.38
CA PRO C 256 -4.75 -43.98 14.40
C PRO C 256 -3.40 -44.50 13.93
N GLY C 257 -3.15 -45.80 14.09
CA GLY C 257 -1.98 -46.45 13.51
C GLY C 257 -0.71 -46.46 14.35
N GLY C 258 -0.76 -45.86 15.52
CA GLY C 258 0.43 -45.78 16.36
C GLY C 258 0.77 -44.34 16.73
N GLU C 259 1.25 -44.17 17.95
CA GLU C 259 1.76 -42.91 18.47
C GLU C 259 2.86 -42.27 17.59
N GLN C 260 2.81 -40.96 17.43
CA GLN C 260 3.86 -40.23 16.71
C GLN C 260 4.39 -39.08 17.54
N LEU C 261 5.70 -38.88 17.52
CA LEU C 261 6.30 -37.71 18.16
C LEU C 261 7.51 -37.27 17.37
N THR C 262 7.41 -36.13 16.70
CA THR C 262 8.50 -35.66 15.88
C THR C 262 8.85 -34.22 16.22
N VAL C 263 10.10 -33.89 15.94
CA VAL C 263 10.65 -32.59 16.20
C VAL C 263 11.38 -32.11 14.96
N GLU C 264 11.18 -30.84 14.60
CA GLU C 264 11.81 -30.29 13.42
C GLU C 264 12.31 -28.88 13.69
N VAL C 265 13.58 -28.62 13.39
CA VAL C 265 14.13 -27.27 13.47
C VAL C 265 14.77 -26.88 12.17
N ILE C 266 14.35 -25.74 11.62
CA ILE C 266 14.83 -25.28 10.33
C ILE C 266 15.45 -23.89 10.42
N GLY C 267 16.67 -23.76 9.92
CA GLY C 267 17.31 -22.45 9.83
C GLY C 267 17.63 -22.07 8.39
N THR C 268 18.26 -20.93 8.20
CA THR C 268 18.56 -20.51 6.83
C THR C 268 19.66 -21.34 6.22
N GLU C 269 20.57 -21.86 7.03
CA GLU C 269 21.68 -22.63 6.50
C GLU C 269 21.55 -24.14 6.71
N GLY C 270 20.59 -24.56 7.52
CA GLY C 270 20.50 -25.97 7.88
C GLY C 270 19.23 -26.34 8.60
N LEU C 271 19.09 -27.63 8.89
CA LEU C 271 17.93 -28.12 9.62
C LEU C 271 18.24 -29.42 10.36
N VAL C 272 17.41 -29.76 11.33
CA VAL C 272 17.51 -30.99 12.10
C VAL C 272 16.12 -31.55 12.35
N THR C 273 15.95 -32.84 12.16
CA THR C 273 14.68 -33.49 12.47
C THR C 273 14.94 -34.73 13.31
N ALA C 274 14.04 -35.06 14.20
CA ALA C 274 14.15 -36.30 14.94
C ALA C 274 12.78 -36.92 15.14
N ASP C 275 12.75 -38.24 15.00
CA ASP C 275 11.51 -38.97 15.03
C ASP C 275 11.62 -40.04 16.12
N LEU C 276 10.78 -39.99 17.14
CA LEU C 276 10.93 -40.95 18.26
C LEU C 276 10.35 -42.33 17.93
N TRP C 277 9.06 -42.42 17.64
CA TRP C 277 8.42 -43.73 17.49
C TRP C 277 8.52 -44.34 16.08
N GLN C 278 8.67 -43.51 15.04
CA GLN C 278 8.90 -44.05 13.70
C GLN C 278 10.36 -44.01 13.28
N GLY C 279 11.23 -43.57 14.17
CA GLY C 279 12.65 -43.55 13.86
C GLY C 279 13.43 -44.50 14.74
N MET C 280 12.81 -45.62 15.09
CA MET C 280 13.48 -46.58 15.96
C MET C 280 14.20 -47.70 15.20
N GLY C 281 14.05 -47.74 13.88
CA GLY C 281 14.87 -48.56 13.02
C GLY C 281 14.58 -50.05 12.97
N VAL C 282 13.43 -50.46 13.46
CA VAL C 282 13.01 -51.84 13.35
C VAL C 282 11.71 -51.91 12.55
N GLU C 283 11.68 -52.78 11.54
CA GLU C 283 10.47 -52.96 10.76
C GLU C 283 10.06 -54.43 10.82
N ALA C 284 8.77 -54.69 10.85
CA ALA C 284 8.30 -56.05 10.85
C ALA C 284 7.01 -56.18 10.03
N TYR C 285 6.79 -57.37 9.49
CA TYR C 285 5.53 -57.70 8.87
C TYR C 285 5.08 -59.08 9.32
N THR C 286 3.77 -59.24 9.49
CA THR C 286 3.21 -60.58 9.66
C THR C 286 1.81 -60.73 9.09
N ASN C 287 1.54 -61.91 8.55
CA ASN C 287 0.18 -62.31 8.14
C ASN C 287 -0.74 -62.65 9.31
N THR C 288 -0.16 -62.86 10.48
CA THR C 288 -0.95 -63.17 11.68
C THR C 288 -0.83 -62.04 12.69
N LYS C 289 -0.15 -62.29 13.80
CA LYS C 289 0.19 -61.20 14.72
C LYS C 289 1.49 -61.47 15.47
N PHE C 290 2.12 -60.39 15.96
CA PHE C 290 3.27 -60.47 16.85
C PHE C 290 2.81 -60.33 18.30
N GLY C 291 3.00 -61.37 19.10
CA GLY C 291 2.61 -61.33 20.50
C GLY C 291 3.35 -60.34 21.36
N ALA C 292 4.63 -60.11 21.07
CA ALA C 292 5.44 -59.20 21.86
C ALA C 292 5.32 -57.75 21.41
N VAL C 293 4.24 -57.39 20.73
CA VAL C 293 4.11 -56.01 20.25
C VAL C 293 2.77 -55.36 20.62
N TRP C 294 2.86 -54.09 21.03
CA TRP C 294 1.71 -53.21 21.24
C TRP C 294 0.80 -53.21 20.01
N GLU C 295 -0.48 -53.48 20.21
CA GLU C 295 -1.44 -53.45 19.11
C GLU C 295 -1.61 -52.03 18.62
N PRO C 296 -1.61 -51.81 17.28
CA PRO C 296 -1.66 -52.76 16.16
C PRO C 296 -0.44 -53.66 16.06
N ASN C 297 -0.65 -54.97 16.08
CA ASN C 297 0.45 -55.91 15.93
C ASN C 297 0.24 -56.87 14.76
N GLN C 298 -0.56 -56.43 13.78
CA GLN C 298 -0.76 -57.19 12.55
C GLN C 298 -0.28 -56.35 11.36
N GLY C 299 0.19 -57.03 10.32
CA GLY C 299 0.60 -56.38 9.09
C GLY C 299 1.95 -55.71 9.28
N TRP C 300 2.13 -54.56 8.63
CA TRP C 300 3.40 -53.86 8.74
C TRP C 300 3.47 -53.04 10.02
N LEU C 301 4.58 -53.20 10.74
CA LEU C 301 4.73 -52.60 12.06
C LEU C 301 6.04 -51.87 12.15
N ARG C 302 6.09 -50.86 13.00
CA ARG C 302 7.37 -50.30 13.38
C ARG C 302 7.54 -50.35 14.91
N PRO C 303 7.97 -51.51 15.42
CA PRO C 303 8.03 -51.81 16.85
C PRO C 303 9.03 -50.96 17.62
N GLU C 304 8.67 -50.60 18.84
CA GLU C 304 9.56 -49.86 19.73
C GLU C 304 10.52 -50.81 20.43
N TRP C 305 11.64 -50.26 20.87
CA TRP C 305 12.50 -50.96 21.82
C TRP C 305 12.87 -49.97 22.92
N GLU C 306 13.14 -50.49 24.11
CA GLU C 306 13.41 -49.71 25.34
C GLU C 306 12.60 -48.42 25.45
N TRP C 307 11.28 -48.51 25.39
CA TRP C 307 10.44 -47.32 25.31
C TRP C 307 10.54 -46.41 26.53
N ILE C 308 10.80 -46.98 27.70
CA ILE C 308 10.91 -46.17 28.92
C ILE C 308 12.17 -45.33 28.87
N ARG C 309 13.31 -45.96 28.59
CA ARG C 309 14.56 -45.21 28.47
C ARG C 309 14.51 -44.24 27.30
N ASN C 310 14.00 -44.68 26.16
CA ASN C 310 14.02 -43.85 24.96
C ASN C 310 13.08 -42.65 25.07
N SER C 311 12.08 -42.76 25.94
CA SER C 311 11.18 -41.64 26.20
C SER C 311 11.75 -40.61 27.17
N GLY C 312 12.91 -40.90 27.74
CA GLY C 312 13.54 -39.99 28.67
C GLY C 312 13.31 -40.18 30.17
N TYR C 313 12.46 -41.13 30.58
CA TYR C 313 12.16 -41.29 32.01
C TYR C 313 13.37 -41.63 32.84
N VAL C 314 14.23 -42.49 32.32
CA VAL C 314 15.40 -42.93 33.08
C VAL C 314 16.31 -41.75 33.35
N HIS C 315 16.62 -40.97 32.31
CA HIS C 315 17.52 -39.84 32.49
C HIS C 315 16.92 -38.76 33.37
N GLN C 316 15.63 -38.47 33.17
CA GLN C 316 14.91 -37.52 34.00
C GLN C 316 15.06 -37.86 35.48
N ASP C 317 14.73 -39.09 35.84
CA ASP C 317 14.68 -39.50 37.22
C ASP C 317 16.07 -39.62 37.80
N ARG C 318 17.07 -39.89 36.96
CA ARG C 318 18.44 -39.89 37.46
C ARG C 318 18.89 -38.47 37.79
N GLN C 319 18.52 -37.51 36.95
CA GLN C 319 18.93 -36.14 37.16
C GLN C 319 18.17 -35.45 38.30
N VAL C 320 16.95 -35.90 38.59
CA VAL C 320 16.23 -35.40 39.75
C VAL C 320 16.77 -36.00 41.06
N VAL C 321 17.15 -37.26 41.03
CA VAL C 321 17.75 -37.87 42.20
C VAL C 321 19.11 -37.25 42.45
N ASP C 322 19.86 -36.99 41.38
CA ASP C 322 21.17 -36.34 41.49
C ASP C 322 21.06 -34.96 42.16
N ALA C 323 20.00 -34.24 41.82
CA ALA C 323 19.77 -32.91 42.35
C ALA C 323 19.51 -33.00 43.83
N VAL C 324 18.64 -33.93 44.23
CA VAL C 324 18.25 -34.06 45.62
C VAL C 324 19.40 -34.53 46.50
N LEU C 325 20.25 -35.40 45.97
CA LEU C 325 21.35 -35.96 46.75
C LEU C 325 22.59 -35.09 46.70
N ASP C 326 22.97 -34.65 45.52
CA ASP C 326 24.26 -33.99 45.34
C ASP C 326 24.14 -32.48 45.09
N GLY C 327 22.92 -31.94 45.19
CA GLY C 327 22.68 -30.52 45.02
C GLY C 327 23.08 -30.01 43.65
N ARG C 328 23.48 -30.94 42.79
CA ARG C 328 23.88 -30.64 41.43
C ARG C 328 22.68 -30.04 40.69
N PRO C 329 22.77 -28.73 40.37
CA PRO C 329 21.69 -27.87 39.86
C PRO C 329 21.03 -28.45 38.61
N MET C 330 19.73 -28.23 38.45
CA MET C 330 19.00 -28.90 37.37
C MET C 330 18.94 -28.10 36.06
N THR C 331 19.11 -28.81 34.96
CA THR C 331 18.97 -28.25 33.62
C THR C 331 17.60 -27.62 33.35
N HIS C 332 16.54 -28.34 33.73
CA HIS C 332 15.19 -27.86 33.52
C HIS C 332 14.56 -27.50 34.86
N THR C 333 14.16 -26.25 34.98
CA THR C 333 13.86 -25.68 36.28
C THR C 333 12.38 -25.35 36.42
N PRO C 334 11.93 -24.94 37.62
CA PRO C 334 10.54 -24.51 37.74
C PRO C 334 10.20 -23.29 36.88
N ASP C 335 11.20 -22.51 36.49
CA ASP C 335 11.01 -21.39 35.59
C ASP C 335 10.54 -21.86 34.22
N ASP C 336 11.03 -23.01 33.81
CA ASP C 336 10.64 -23.60 32.54
C ASP C 336 9.20 -24.06 32.63
N ALA C 337 8.81 -24.58 33.77
CA ALA C 337 7.48 -25.11 33.94
C ALA C 337 6.46 -23.98 33.94
N VAL C 338 6.83 -22.86 34.55
CA VAL C 338 5.98 -21.69 34.59
C VAL C 338 5.75 -21.16 33.17
N ALA C 339 6.83 -21.10 32.39
CA ALA C 339 6.74 -20.65 31.02
C ALA C 339 5.75 -21.51 30.24
N VAL C 340 5.74 -22.81 30.51
CA VAL C 340 4.88 -23.71 29.79
C VAL C 340 3.43 -23.51 30.23
N VAL C 341 3.22 -23.34 31.53
CA VAL C 341 1.86 -23.16 32.05
C VAL C 341 1.23 -21.90 31.44
N GLU C 342 2.01 -20.81 31.37
CA GLU C 342 1.53 -19.55 30.82
C GLU C 342 1.10 -19.70 29.37
N THR C 343 1.95 -20.36 28.60
CA THR C 343 1.73 -20.56 27.19
C THR C 343 0.46 -21.34 26.95
N LEU C 344 0.24 -22.40 27.73
CA LEU C 344 -0.98 -23.20 27.58
C LEU C 344 -2.19 -22.37 27.99
N GLU C 345 -2.07 -21.58 29.06
CA GLU C 345 -3.12 -20.66 29.43
C GLU C 345 -3.43 -19.70 28.27
N ALA C 346 -2.39 -19.15 27.64
CA ALA C 346 -2.59 -18.21 26.54
C ALA C 346 -3.19 -18.87 25.33
N ALA C 347 -2.82 -20.12 25.08
CA ALA C 347 -3.32 -20.87 23.93
C ALA C 347 -4.81 -21.13 24.06
N TYR C 348 -5.26 -21.53 25.24
CA TYR C 348 -6.69 -21.80 25.43
C TYR C 348 -7.51 -20.52 25.31
N ARG C 349 -6.95 -19.38 25.71
CA ARG C 349 -7.66 -18.12 25.57
C ARG C 349 -7.74 -17.72 24.10
N SER C 350 -6.63 -17.85 23.39
CA SER C 350 -6.58 -17.60 21.97
C SER C 350 -7.60 -18.47 21.23
N ALA C 351 -7.70 -19.74 21.59
CA ALA C 351 -8.65 -20.65 20.95
C ALA C 351 -10.10 -20.22 21.20
N ALA C 352 -10.36 -19.64 22.37
CA ALA C 352 -11.71 -19.18 22.69
C ALA C 352 -12.03 -17.82 22.03
N ASP C 353 -11.06 -16.91 21.99
CA ASP C 353 -11.29 -15.55 21.51
C ASP C 353 -11.09 -15.38 20.01
N GLY C 354 -10.53 -16.40 19.35
CA GLY C 354 -10.20 -16.31 17.96
C GLY C 354 -9.20 -15.20 17.71
N ARG C 355 -8.22 -15.05 18.59
CA ARG C 355 -7.27 -13.97 18.43
C ARG C 355 -5.88 -14.29 18.98
N LYS C 356 -4.87 -13.60 18.46
CA LYS C 356 -3.53 -13.73 18.95
C LYS C 356 -3.48 -13.16 20.34
N VAL C 357 -2.85 -13.90 21.25
CA VAL C 357 -2.71 -13.45 22.62
C VAL C 357 -1.27 -13.06 22.88
N GLU C 358 -1.05 -11.82 23.32
CA GLU C 358 0.29 -11.34 23.62
C GLU C 358 0.73 -11.76 25.02
N MET C 359 1.98 -12.19 25.13
CA MET C 359 2.53 -12.62 26.41
C MET C 359 3.30 -11.50 27.07
N ASN C 360 2.70 -10.92 28.09
CA ASN C 360 3.43 -9.99 28.94
C ASN C 360 4.10 -10.76 30.06
N ALA C 361 4.84 -11.80 29.66
CA ALA C 361 5.65 -12.63 30.54
C ALA C 361 6.43 -13.68 29.74
N HIS D 20 -31.95 17.16 6.73
CA HIS D 20 -32.32 17.79 8.00
C HIS D 20 -31.63 17.06 9.16
N MET D 21 -31.34 17.80 10.24
CA MET D 21 -30.64 17.28 11.41
C MET D 21 -29.35 16.59 11.04
N VAL D 22 -28.43 17.36 10.48
CA VAL D 22 -27.06 16.90 10.29
C VAL D 22 -26.27 17.46 11.49
N GLU D 23 -26.05 16.61 12.50
CA GLU D 23 -25.55 17.06 13.80
C GLU D 23 -24.07 16.77 14.06
N ARG D 24 -23.38 16.22 13.05
CA ARG D 24 -22.04 15.64 13.24
C ARG D 24 -20.91 16.67 13.32
N LEU D 25 -19.75 16.20 13.78
CA LEU D 25 -18.54 17.01 13.85
C LEU D 25 -17.32 16.16 13.59
N GLY D 26 -16.57 16.50 12.56
CA GLY D 26 -15.42 15.71 12.14
C GLY D 26 -14.18 16.07 12.92
N VAL D 27 -13.38 15.06 13.27
CA VAL D 27 -12.29 15.23 14.22
C VAL D 27 -11.06 14.43 13.84
N ALA D 28 -9.88 15.04 13.99
CA ALA D 28 -8.62 14.32 13.86
C ALA D 28 -7.87 14.31 15.20
N VAL D 29 -7.27 13.18 15.53
CA VAL D 29 -6.49 13.05 16.75
C VAL D 29 -5.01 12.88 16.42
N VAL D 30 -4.22 13.91 16.73
CA VAL D 30 -2.79 13.86 16.49
C VAL D 30 -2.08 13.29 17.70
N GLY D 31 -1.46 12.14 17.51
CA GLY D 31 -0.84 11.41 18.60
C GLY D 31 -1.71 10.20 18.87
N GLY D 32 -1.14 9.03 18.62
CA GLY D 32 -1.87 7.79 18.79
C GLY D 32 -1.35 7.05 20.00
N GLY D 33 -0.73 7.81 20.90
CA GLY D 33 -0.24 7.24 22.14
C GLY D 33 -1.33 7.15 23.20
N PHE D 34 -0.89 7.04 24.45
CA PHE D 34 -1.79 6.90 25.58
C PHE D 34 -2.95 7.89 25.59
N MET D 35 -2.62 9.17 25.43
CA MET D 35 -3.60 10.23 25.61
C MET D 35 -4.49 10.44 24.42
N GLY D 36 -3.95 10.23 23.21
CA GLY D 36 -4.77 10.26 22.02
C GLY D 36 -5.77 9.13 22.10
N GLY D 37 -5.32 7.96 22.59
CA GLY D 37 -6.16 6.80 22.75
C GLY D 37 -7.32 7.08 23.69
N VAL D 38 -7.00 7.71 24.81
CA VAL D 38 -8.00 8.15 25.76
C VAL D 38 -9.01 9.11 25.11
N HIS D 39 -8.51 10.13 24.44
CA HIS D 39 -9.40 11.10 23.82
C HIS D 39 -10.27 10.49 22.72
N ALA D 40 -9.76 9.47 22.04
CA ALA D 40 -10.54 8.81 21.01
C ALA D 40 -11.66 7.98 21.64
N GLU D 41 -11.34 7.29 22.74
CA GLU D 41 -12.36 6.57 23.50
C GLU D 41 -13.50 7.49 23.90
N VAL D 42 -13.16 8.66 24.42
CA VAL D 42 -14.12 9.61 24.94
C VAL D 42 -14.93 10.30 23.85
N LEU D 43 -14.25 10.72 22.80
CA LEU D 43 -14.88 11.50 21.73
C LEU D 43 -15.85 10.68 20.91
N THR D 44 -15.47 9.46 20.56
CA THR D 44 -16.37 8.60 19.81
C THR D 44 -17.55 8.09 20.63
N ALA D 45 -17.61 8.42 21.93
CA ALA D 45 -18.79 8.09 22.73
C ALA D 45 -19.78 9.25 22.66
N ASP D 46 -19.31 10.38 22.17
CA ASP D 46 -20.19 11.50 21.86
C ASP D 46 -20.81 11.22 20.50
N PRO D 47 -22.15 11.04 20.47
CA PRO D 47 -22.88 10.74 19.23
C PRO D 47 -22.63 11.79 18.15
N ARG D 48 -22.48 13.04 18.56
CA ARG D 48 -22.20 14.13 17.64
C ARG D 48 -20.86 14.05 16.95
N VAL D 49 -20.02 13.08 17.29
CA VAL D 49 -18.65 13.14 16.82
C VAL D 49 -18.28 12.04 15.86
N ASP D 50 -17.63 12.43 14.76
CA ASP D 50 -17.09 11.51 13.78
C ASP D 50 -15.57 11.57 13.75
N LEU D 51 -14.95 10.54 14.32
CA LEU D 51 -13.50 10.39 14.28
C LEU D 51 -13.03 9.93 12.89
N ARG D 52 -12.41 10.83 12.15
CA ARG D 52 -11.98 10.56 10.77
C ARG D 52 -10.53 10.12 10.65
N TRP D 53 -9.62 10.81 11.33
CA TRP D 53 -8.21 10.46 11.23
C TRP D 53 -7.51 10.30 12.56
N VAL D 54 -6.58 9.36 12.57
CA VAL D 54 -5.53 9.34 13.56
C VAL D 54 -4.22 9.71 12.85
N VAL D 55 -3.61 10.80 13.31
CA VAL D 55 -2.31 11.25 12.83
C VAL D 55 -1.19 10.87 13.80
N ASP D 56 -0.29 9.98 13.38
CA ASP D 56 0.86 9.60 14.19
C ASP D 56 2.06 9.25 13.31
N ARG D 57 3.25 9.73 13.69
CA ARG D 57 4.46 9.51 12.89
C ARG D 57 4.87 8.04 12.84
N ASP D 58 4.59 7.29 13.89
CA ASP D 58 4.68 5.86 13.78
C ASP D 58 3.37 5.35 13.20
N GLU D 59 3.44 4.59 12.13
CA GLU D 59 2.23 4.08 11.51
C GLU D 59 1.78 2.81 12.23
N ARG D 60 2.74 2.09 12.80
CA ARG D 60 2.41 0.90 13.60
C ARG D 60 1.50 1.27 14.76
N VAL D 61 1.82 2.39 15.40
CA VAL D 61 1.06 2.92 16.52
C VAL D 61 -0.22 3.61 16.07
N GLY D 62 -0.12 4.42 15.03
CA GLY D 62 -1.27 5.14 14.51
C GLY D 62 -2.33 4.22 13.92
N THR D 63 -1.91 3.09 13.38
CA THR D 63 -2.85 2.18 12.72
C THR D 63 -3.68 1.45 13.74
N ASP D 64 -3.04 1.04 14.83
CA ASP D 64 -3.74 0.32 15.90
C ASP D 64 -4.84 1.14 16.54
N LEU D 65 -4.59 2.42 16.79
CA LEU D 65 -5.65 3.26 17.34
C LEU D 65 -6.77 3.39 16.31
N ALA D 66 -6.41 3.76 15.09
CA ALA D 66 -7.39 3.98 14.03
C ALA D 66 -8.21 2.73 13.71
N THR D 67 -7.57 1.57 13.75
CA THR D 67 -8.27 0.34 13.43
C THR D 67 -9.31 0.05 14.50
N ARG D 68 -9.06 0.54 15.71
CA ARG D 68 -9.92 0.24 16.84
C ARG D 68 -11.17 1.10 16.81
N PHE D 69 -11.10 2.24 16.10
CA PHE D 69 -12.28 3.08 15.95
C PHE D 69 -12.68 3.29 14.51
N GLY D 70 -12.13 2.45 13.63
CA GLY D 70 -12.39 2.55 12.20
C GLY D 70 -12.10 3.89 11.54
N ALA D 71 -11.08 4.60 12.02
CA ALA D 71 -10.70 5.86 11.40
C ALA D 71 -9.60 5.64 10.37
N ARG D 72 -9.37 6.62 9.51
CA ARG D 72 -8.25 6.55 8.57
C ARG D 72 -6.95 6.93 9.28
N VAL D 73 -5.84 6.36 8.84
CA VAL D 73 -4.53 6.72 9.39
C VAL D 73 -3.81 7.64 8.41
N THR D 74 -2.68 8.18 8.87
CA THR D 74 -1.75 8.96 8.06
C THR D 74 -0.59 9.39 8.97
N THR D 75 0.57 9.64 8.40
CA THR D 75 1.72 10.06 9.19
C THR D 75 1.97 11.54 9.03
N THR D 76 1.03 12.22 8.40
CA THR D 76 1.19 13.61 8.13
C THR D 76 -0.08 14.35 8.47
N LEU D 77 0.08 15.51 9.07
CA LEU D 77 -1.05 16.24 9.55
C LEU D 77 -1.72 16.98 8.39
N ASP D 78 -0.99 17.10 7.29
CA ASP D 78 -1.47 17.85 6.13
C ASP D 78 -2.58 17.09 5.42
N GLU D 79 -2.42 15.77 5.34
CA GLU D 79 -3.41 14.91 4.70
C GLU D 79 -4.72 15.05 5.44
N ALA D 80 -4.63 15.07 6.77
CA ALA D 80 -5.80 15.25 7.61
C ALA D 80 -6.36 16.66 7.46
N LEU D 81 -5.49 17.66 7.36
CA LEU D 81 -5.98 19.01 7.20
C LEU D 81 -6.49 19.26 5.79
N ALA D 82 -6.21 18.34 4.88
CA ALA D 82 -6.77 18.42 3.53
C ALA D 82 -8.28 18.18 3.61
N ASP D 83 -8.66 17.11 4.29
CA ASP D 83 -10.08 16.75 4.45
C ASP D 83 -10.84 17.89 5.13
N ASP D 84 -11.91 18.32 4.48
CA ASP D 84 -12.58 19.56 4.83
C ASP D 84 -13.71 19.40 5.84
N THR D 85 -14.03 18.17 6.22
CA THR D 85 -15.09 18.00 7.22
C THR D 85 -14.49 17.74 8.60
N VAL D 86 -13.16 17.61 8.62
CA VAL D 86 -12.38 17.77 9.84
C VAL D 86 -12.38 19.23 10.25
N ARG D 87 -13.05 19.54 11.35
CA ARG D 87 -13.18 20.92 11.82
C ARG D 87 -12.72 21.07 13.28
N PHE D 88 -12.11 20.01 13.81
CA PHE D 88 -11.65 20.01 15.19
C PHE D 88 -10.53 19.01 15.33
N VAL D 89 -9.42 19.45 15.91
CA VAL D 89 -8.26 18.60 16.08
C VAL D 89 -7.79 18.51 17.53
N VAL D 90 -7.46 17.30 17.96
CA VAL D 90 -6.94 17.06 19.30
C VAL D 90 -5.45 16.79 19.24
N VAL D 91 -4.66 17.68 19.80
CA VAL D 91 -3.20 17.51 19.78
C VAL D 91 -2.70 16.78 21.01
N ALA D 92 -2.34 15.52 20.84
CA ALA D 92 -1.83 14.70 21.95
C ALA D 92 -0.40 14.21 21.70
N THR D 93 0.48 15.15 21.38
CA THR D 93 1.86 14.85 21.03
C THR D 93 2.81 15.40 22.11
N PRO D 94 4.10 15.01 22.08
CA PRO D 94 5.10 15.57 23.00
C PRO D 94 5.04 17.10 23.11
N ALA D 95 5.33 17.60 24.32
CA ALA D 95 5.10 19.00 24.69
C ALA D 95 5.72 20.02 23.74
N ALA D 96 6.95 19.76 23.31
CA ALA D 96 7.66 20.68 22.41
C ALA D 96 6.93 20.80 21.09
N THR D 97 6.36 19.70 20.63
CA THR D 97 5.73 19.63 19.31
C THR D 97 4.40 20.36 19.25
N HIS D 98 3.86 20.74 20.41
CA HIS D 98 2.53 21.34 20.47
C HIS D 98 2.43 22.64 19.69
N GLU D 99 3.31 23.60 19.96
CA GLU D 99 3.24 24.91 19.33
C GLU D 99 3.32 24.88 17.80
N PRO D 100 4.20 24.05 17.21
CA PRO D 100 4.12 23.92 15.74
C PRO D 100 2.75 23.39 15.32
N ILE D 101 2.44 22.18 15.77
CA ILE D 101 1.23 21.47 15.40
C ILE D 101 -0.01 22.31 15.67
N ALA D 102 -0.08 22.94 16.83
CA ALA D 102 -1.25 23.77 17.12
C ALA D 102 -1.34 24.98 16.19
N ALA D 103 -0.20 25.60 15.88
CA ALA D 103 -0.20 26.77 15.01
C ALA D 103 -0.63 26.43 13.57
N GLN D 104 -0.14 25.31 13.06
CA GLN D 104 -0.58 24.81 11.76
C GLN D 104 -2.08 24.55 11.74
N VAL D 105 -2.59 23.87 12.77
CA VAL D 105 -4.01 23.55 12.89
C VAL D 105 -4.86 24.82 12.91
N ILE D 106 -4.41 25.81 13.66
CA ILE D 106 -5.12 27.08 13.74
C ILE D 106 -5.01 27.87 12.44
N ALA D 107 -3.88 27.76 11.76
CA ALA D 107 -3.70 28.43 10.47
C ALA D 107 -4.68 27.87 9.45
N ALA D 108 -4.89 26.56 9.49
CA ALA D 108 -5.81 25.91 8.55
C ALA D 108 -7.27 26.08 8.95
N GLY D 109 -7.53 26.94 9.92
CA GLY D 109 -8.88 27.30 10.28
C GLY D 109 -9.68 26.31 11.13
N ARG D 110 -9.00 25.33 11.71
CA ARG D 110 -9.68 24.33 12.55
C ARG D 110 -9.59 24.64 14.03
N ASN D 111 -10.62 24.24 14.76
CA ASN D 111 -10.59 24.30 16.22
C ASN D 111 -9.63 23.28 16.75
N VAL D 112 -9.02 23.59 17.90
CA VAL D 112 -7.99 22.71 18.41
C VAL D 112 -8.04 22.59 19.93
N LEU D 113 -7.78 21.38 20.40
CA LEU D 113 -7.60 21.09 21.81
C LEU D 113 -6.18 20.62 21.99
N VAL D 114 -5.37 21.37 22.72
CA VAL D 114 -3.99 21.00 22.94
C VAL D 114 -3.81 20.39 24.33
N GLU D 115 -3.23 19.21 24.37
CA GLU D 115 -2.89 18.59 25.65
C GLU D 115 -2.00 19.49 26.51
N LYS D 116 -1.87 19.15 27.79
CA LYS D 116 -1.13 19.97 28.75
C LYS D 116 0.36 20.04 28.40
N PRO D 117 1.13 20.88 29.11
CA PRO D 117 1.96 21.89 28.47
C PRO D 117 1.33 22.41 27.20
N LEU D 118 0.52 23.47 27.32
CA LEU D 118 0.01 24.19 26.14
C LEU D 118 1.21 24.50 25.26
N VAL D 119 2.08 25.36 25.79
CA VAL D 119 3.39 25.64 25.22
C VAL D 119 4.38 25.90 26.34
N LEU D 120 5.64 25.58 26.13
CA LEU D 120 6.68 25.71 27.14
C LEU D 120 7.18 27.15 27.27
N SER D 121 6.37 28.13 26.85
CA SER D 121 6.80 29.51 26.80
C SER D 121 5.61 30.47 26.81
N THR D 122 5.69 31.48 27.66
CA THR D 122 4.61 32.45 27.77
C THR D 122 4.30 33.12 26.44
N GLY D 123 5.35 33.48 25.70
CA GLY D 123 5.17 34.22 24.47
C GLY D 123 4.35 33.45 23.48
N HIS D 124 4.65 32.16 23.36
CA HIS D 124 3.97 31.30 22.41
C HIS D 124 2.51 31.12 22.80
N ALA D 125 2.26 31.17 24.10
CA ALA D 125 0.91 30.97 24.62
C ALA D 125 -0.01 32.09 24.20
N ARG D 126 0.46 33.33 24.32
CA ARG D 126 -0.38 34.47 23.96
C ARG D 126 -0.40 34.60 22.45
N GLN D 127 0.62 34.02 21.82
CA GLN D 127 0.74 34.00 20.37
C GLN D 127 -0.30 33.06 19.80
N LEU D 128 -0.27 31.80 20.25
CA LEU D 128 -1.29 30.83 19.91
C LEU D 128 -2.70 31.32 20.21
N ALA D 129 -2.87 32.06 21.31
CA ALA D 129 -4.19 32.56 21.67
C ALA D 129 -4.61 33.66 20.75
N ALA D 130 -3.66 34.49 20.36
CA ALA D 130 -3.95 35.57 19.44
C ALA D 130 -4.32 34.95 18.11
N ALA D 131 -3.61 33.90 17.73
CA ALA D 131 -3.88 33.21 16.48
C ALA D 131 -5.23 32.48 16.46
N ALA D 132 -5.70 32.03 17.62
CA ALA D 132 -7.00 31.35 17.65
C ALA D 132 -8.12 32.35 17.47
N HIS D 133 -8.00 33.48 18.15
CA HIS D 133 -8.97 34.55 18.07
C HIS D 133 -8.95 35.18 16.68
N GLU D 134 -7.74 35.36 16.14
CA GLU D 134 -7.49 35.53 14.70
C GLU D 134 -8.54 34.92 13.80
N ARG D 135 -8.64 33.60 13.93
CA ARG D 135 -9.28 32.74 12.96
C ARG D 135 -10.74 32.52 13.31
N GLY D 136 -11.15 33.01 14.47
CA GLY D 136 -12.51 32.79 14.96
C GLY D 136 -12.76 31.35 15.35
N VAL D 137 -11.73 30.66 15.81
CA VAL D 137 -11.82 29.26 16.21
C VAL D 137 -11.66 29.06 17.71
N VAL D 138 -11.99 27.85 18.19
CA VAL D 138 -11.83 27.51 19.60
C VAL D 138 -10.46 26.94 19.89
N LEU D 139 -9.75 27.53 20.86
CA LEU D 139 -8.53 26.93 21.41
C LEU D 139 -8.74 26.53 22.87
N ALA D 140 -8.40 25.29 23.18
CA ALA D 140 -8.67 24.73 24.48
C ALA D 140 -7.51 23.87 24.90
N HIS D 141 -7.27 23.81 26.21
CA HIS D 141 -6.16 23.02 26.73
C HIS D 141 -6.62 21.84 27.59
N GLY D 142 -5.78 20.83 27.68
CA GLY D 142 -6.15 19.59 28.34
C GLY D 142 -6.00 19.57 29.86
N GLY D 143 -6.43 20.63 30.53
CA GLY D 143 -6.56 20.61 31.98
C GLY D 143 -7.80 19.84 32.44
N ASN D 144 -7.71 18.53 32.49
CA ASN D 144 -8.89 17.69 32.71
C ASN D 144 -9.42 17.68 34.14
N PHE D 145 -8.55 17.79 35.13
CA PHE D 145 -8.98 17.59 36.51
C PHE D 145 -9.88 18.71 36.99
N VAL D 146 -9.88 19.87 36.34
CA VAL D 146 -10.85 20.89 36.74
C VAL D 146 -12.26 20.56 36.22
N TYR D 147 -12.38 19.47 35.49
CA TYR D 147 -13.68 19.01 35.01
C TYR D 147 -14.13 17.75 35.73
N ALA D 148 -13.27 17.22 36.61
CA ALA D 148 -13.59 16.01 37.34
C ALA D 148 -14.76 16.23 38.30
N PRO D 149 -15.77 15.36 38.22
CA PRO D 149 -17.04 15.48 38.96
C PRO D 149 -16.86 15.68 40.48
N LYS D 150 -15.94 14.95 41.08
CA LYS D 150 -15.64 15.12 42.50
C LYS D 150 -15.06 16.49 42.79
N PHE D 151 -14.19 16.99 41.92
CA PHE D 151 -13.55 18.29 42.15
C PHE D 151 -14.50 19.44 41.89
N VAL D 152 -15.36 19.29 40.89
CA VAL D 152 -16.37 20.30 40.58
C VAL D 152 -17.27 20.50 41.79
N ARG D 153 -17.70 19.39 42.38
CA ARG D 153 -18.45 19.47 43.63
C ARG D 153 -17.64 20.13 44.76
N ALA D 154 -16.37 19.80 44.93
CA ALA D 154 -15.57 20.43 45.98
C ALA D 154 -15.42 21.93 45.70
N HIS D 155 -15.27 22.27 44.45
CA HIS D 155 -15.14 23.68 44.07
C HIS D 155 -16.41 24.48 44.37
N GLU D 156 -17.55 23.83 44.26
CA GLU D 156 -18.81 24.49 44.60
C GLU D 156 -18.93 24.75 46.10
N LEU D 157 -18.47 23.80 46.92
CA LEU D 157 -18.50 24.02 48.36
C LEU D 157 -17.48 25.08 48.76
N ALA D 158 -16.34 25.09 48.07
CA ALA D 158 -15.29 26.04 48.38
C ALA D 158 -15.66 27.47 48.00
N ALA D 159 -16.71 27.64 47.21
CA ALA D 159 -17.10 28.96 46.72
C ALA D 159 -18.16 29.59 47.63
N ASP D 160 -18.70 28.80 48.56
CA ASP D 160 -19.63 29.30 49.57
C ASP D 160 -18.89 30.20 50.55
N ARG D 161 -18.99 31.51 50.36
CA ARG D 161 -18.19 32.43 51.16
C ARG D 161 -18.60 32.48 52.62
N GLU D 162 -19.86 32.17 52.91
CA GLU D 162 -20.34 32.21 54.27
C GLU D 162 -19.87 30.99 55.06
N ALA D 163 -19.76 29.86 54.38
CA ALA D 163 -19.37 28.60 55.03
C ALA D 163 -17.89 28.58 55.39
N LEU D 164 -17.07 29.17 54.53
CA LEU D 164 -15.62 29.07 54.65
C LEU D 164 -14.91 30.31 55.22
N GLY D 165 -15.62 31.44 55.26
CA GLY D 165 -15.02 32.71 55.63
C GLY D 165 -13.93 33.18 54.68
N THR D 166 -12.87 33.73 55.23
CA THR D 166 -11.76 34.19 54.40
C THR D 166 -10.85 33.01 54.14
N VAL D 167 -10.65 32.69 52.86
CA VAL D 167 -9.81 31.57 52.47
C VAL D 167 -8.35 32.00 52.48
N HIS D 168 -7.52 31.24 53.17
CA HIS D 168 -6.12 31.61 53.30
C HIS D 168 -5.20 30.56 52.75
N SER D 169 -5.74 29.40 52.40
CA SER D 169 -4.85 28.30 52.06
C SER D 169 -5.45 27.35 51.05
N VAL D 170 -4.64 26.97 50.08
CA VAL D 170 -5.03 25.90 49.19
C VAL D 170 -3.82 25.04 48.97
N ARG D 171 -4.03 23.74 48.90
CA ARG D 171 -2.93 22.84 48.62
C ARG D 171 -3.36 21.72 47.70
N VAL D 172 -2.56 21.51 46.67
CA VAL D 172 -2.77 20.41 45.76
C VAL D 172 -1.55 19.55 45.81
N ALA D 173 -1.73 18.26 45.98
CA ALA D 173 -0.63 17.32 45.97
C ALA D 173 -0.85 16.29 44.87
N PHE D 174 0.14 16.10 44.02
CA PHE D 174 0.02 15.17 42.91
C PHE D 174 1.27 14.31 42.86
N ARG D 175 1.09 13.04 43.22
CA ARG D 175 2.15 12.05 43.32
C ARG D 175 1.92 10.89 42.36
N THR D 176 2.95 10.53 41.58
CA THR D 176 2.98 9.32 40.75
C THR D 176 4.32 8.61 40.87
N SER D 177 4.42 7.44 40.26
CA SER D 177 5.65 6.69 40.31
C SER D 177 6.50 6.98 39.09
N GLY D 178 6.06 7.93 38.29
CA GLY D 178 6.86 8.43 37.21
C GLY D 178 6.31 8.05 35.85
N PRO D 179 6.80 8.73 34.82
CA PRO D 179 6.23 8.51 33.49
C PRO D 179 6.79 7.24 32.85
N ASP D 180 6.02 6.68 31.93
CA ASP D 180 6.38 5.44 31.24
C ASP D 180 7.36 5.69 30.09
N THR D 181 6.99 6.61 29.20
CA THR D 181 7.74 6.90 28.00
C THR D 181 8.91 7.87 28.27
N ASP D 182 9.97 7.76 27.46
CA ASP D 182 11.23 8.43 27.76
C ASP D 182 11.27 9.93 27.45
N TRP D 183 10.49 10.38 26.48
CA TRP D 183 10.51 11.80 26.12
C TRP D 183 10.09 12.68 27.31
N PHE D 184 9.39 12.09 28.28
CA PHE D 184 8.99 12.80 29.49
C PHE D 184 10.17 13.25 30.32
N ARG D 185 11.22 12.44 30.32
CA ARG D 185 12.42 12.79 31.07
C ARG D 185 13.44 13.56 30.23
N SER D 186 12.97 14.19 29.16
CA SER D 186 13.84 14.97 28.27
C SER D 186 13.44 16.44 28.24
N LYS D 187 14.37 17.30 28.64
CA LYS D 187 14.12 18.73 28.83
C LYS D 187 13.76 19.42 27.52
N ALA D 188 14.25 18.87 26.42
CA ALA D 188 14.09 19.47 25.12
C ALA D 188 12.72 19.15 24.51
N THR D 189 12.27 17.90 24.66
CA THR D 189 10.99 17.49 24.12
C THR D 189 9.82 17.70 25.10
N ALA D 190 10.08 17.49 26.39
CA ALA D 190 9.05 17.63 27.41
C ALA D 190 8.97 19.04 27.98
N GLY D 191 10.10 19.74 28.02
CA GLY D 191 10.14 21.09 28.56
C GLY D 191 10.24 21.16 30.07
N GLY D 192 10.44 20.01 30.71
CA GLY D 192 10.55 19.95 32.16
C GLY D 192 10.20 18.59 32.70
N GLY D 193 10.32 18.43 34.01
CA GLY D 193 10.00 17.17 34.67
C GLY D 193 8.67 17.23 35.38
N ALA D 194 8.67 16.77 36.64
CA ALA D 194 7.47 16.68 37.45
C ALA D 194 6.73 18.01 37.57
N LEU D 195 7.49 19.10 37.63
CA LEU D 195 6.92 20.44 37.78
C LEU D 195 6.10 20.84 36.55
N THR D 196 6.39 20.20 35.43
CA THR D 196 5.68 20.50 34.20
C THR D 196 4.55 19.48 34.01
N ASP D 197 4.93 18.21 34.06
CA ASP D 197 4.03 17.11 33.87
C ASP D 197 2.87 17.15 34.85
N LEU D 198 3.18 17.11 36.14
CA LEU D 198 2.15 17.11 37.16
C LEU D 198 1.84 18.50 37.63
N GLY D 199 2.84 19.37 37.58
CA GLY D 199 2.71 20.70 38.15
C GLY D 199 1.77 21.58 37.38
N TRP D 200 1.63 21.34 36.08
CA TRP D 200 0.59 21.99 35.29
C TRP D 200 -0.79 21.85 35.95
N HIS D 201 -1.17 20.63 36.30
CA HIS D 201 -2.47 20.37 36.92
C HIS D 201 -2.63 20.97 38.30
N ALA D 202 -1.58 20.86 39.10
CA ALA D 202 -1.61 21.34 40.47
C ALA D 202 -1.80 22.86 40.53
N VAL D 203 -1.08 23.58 39.68
CA VAL D 203 -1.25 25.03 39.63
C VAL D 203 -2.64 25.39 39.10
N GLU D 204 -3.11 24.66 38.11
CA GLU D 204 -4.44 24.98 37.57
C GLU D 204 -5.51 24.71 38.63
N LEU D 205 -5.42 23.58 39.32
CA LEU D 205 -6.35 23.26 40.40
C LEU D 205 -6.34 24.29 41.53
N CYS D 206 -5.14 24.66 42.02
CA CYS D 206 -4.99 25.67 43.10
C CYS D 206 -5.67 26.96 42.74
N ARG D 207 -5.37 27.42 41.54
CA ARG D 207 -5.87 28.67 41.02
C ARG D 207 -7.39 28.66 40.94
N TRP D 208 -7.90 27.60 40.33
CA TRP D 208 -9.31 27.40 40.14
C TRP D 208 -10.08 27.31 41.46
N MET D 209 -9.53 26.60 42.44
CA MET D 209 -10.24 26.42 43.71
C MET D 209 -10.44 27.73 44.45
N LEU D 210 -9.62 28.74 44.17
CA LEU D 210 -9.78 30.06 44.79
C LEU D 210 -10.59 31.06 43.97
N GLY D 211 -11.12 30.66 42.83
CA GLY D 211 -11.87 31.58 42.00
C GLY D 211 -10.99 32.34 41.03
N LYS D 212 -9.87 31.73 40.67
CA LYS D 212 -8.92 32.28 39.71
C LYS D 212 -8.41 33.70 40.00
N PRO D 213 -7.82 33.91 41.19
CA PRO D 213 -7.29 35.24 41.45
C PRO D 213 -5.89 35.41 40.86
N ALA D 214 -5.44 36.67 40.78
CA ALA D 214 -4.13 36.98 40.23
C ALA D 214 -3.02 36.47 41.13
N ILE D 215 -1.96 35.95 40.53
CA ILE D 215 -0.81 35.48 41.27
C ILE D 215 0.22 36.60 41.44
N ARG D 216 0.56 36.91 42.69
CA ARG D 216 1.51 37.96 42.99
C ARG D 216 2.98 37.50 43.00
N ALA D 217 3.25 36.29 43.47
CA ALA D 217 4.64 35.82 43.56
C ALA D 217 4.72 34.31 43.70
N VAL D 218 5.88 33.77 43.38
CA VAL D 218 6.08 32.33 43.40
C VAL D 218 7.44 31.97 44.01
N THR D 219 7.45 31.01 44.92
CA THR D 219 8.70 30.43 45.41
C THR D 219 8.68 28.95 45.10
N ALA D 220 9.82 28.36 44.75
CA ALA D 220 9.80 26.96 44.36
C ALA D 220 11.10 26.22 44.69
N CYS D 221 10.99 24.91 44.83
CA CYS D 221 12.13 24.04 45.06
C CYS D 221 12.01 22.70 44.32
N THR D 222 13.10 22.26 43.70
CA THR D 222 13.12 21.05 42.88
C THR D 222 14.27 20.09 43.19
N ARG D 223 14.09 18.84 42.78
CA ARG D 223 15.10 17.79 42.94
C ARG D 223 15.07 16.79 41.79
N GLN D 224 16.23 16.47 41.24
CA GLN D 224 16.34 15.31 40.37
C GLN D 224 16.82 14.14 41.23
N LEU D 225 16.09 13.03 41.17
CA LEU D 225 16.42 11.83 41.94
C LEU D 225 16.90 10.73 41.02
N SER D 226 16.22 10.62 39.89
CA SER D 226 16.56 9.66 38.85
C SER D 226 17.84 10.01 38.11
N ALA D 227 18.69 9.02 37.89
CA ALA D 227 19.90 9.19 37.10
C ALA D 227 19.56 9.44 35.62
N ALA D 228 18.34 9.07 35.24
CA ALA D 228 17.88 9.25 33.86
C ALA D 228 17.27 10.63 33.62
N GLY D 229 17.62 11.21 32.48
CA GLY D 229 17.03 12.47 32.06
C GLY D 229 17.77 13.68 32.58
N ASP D 230 17.29 14.84 32.19
CA ASP D 230 17.86 16.11 32.63
C ASP D 230 16.78 16.96 33.33
N VAL D 231 15.78 16.29 33.90
CA VAL D 231 14.69 16.98 34.56
C VAL D 231 14.48 16.52 35.99
N GLU D 232 13.76 17.33 36.76
CA GLU D 232 13.47 17.07 38.16
C GLU D 232 12.36 16.03 38.37
N ASP D 233 12.42 15.31 39.49
CA ASP D 233 11.43 14.30 39.87
C ASP D 233 10.46 14.76 40.96
N GLN D 234 10.87 15.74 41.76
CA GLN D 234 9.96 16.33 42.72
C GLN D 234 10.02 17.85 42.67
N GLY D 235 8.97 18.48 43.16
CA GLY D 235 8.91 19.92 43.21
C GLY D 235 7.85 20.36 44.18
N VAL D 236 8.14 21.44 44.90
CA VAL D 236 7.16 22.09 45.73
C VAL D 236 7.13 23.56 45.34
N VAL D 237 5.93 24.07 45.06
CA VAL D 237 5.73 25.46 44.68
C VAL D 237 4.85 26.15 45.70
N LEU D 238 5.30 27.30 46.17
CA LEU D 238 4.53 28.11 47.07
C LEU D 238 4.04 29.33 46.32
N ILE D 239 2.74 29.52 46.28
CA ILE D 239 2.18 30.60 45.51
C ILE D 239 1.54 31.63 46.43
N GLU D 240 1.94 32.88 46.28
CA GLU D 240 1.26 33.97 46.96
C GLU D 240 0.22 34.56 46.01
N PHE D 241 -1.06 34.37 46.33
CA PHE D 241 -2.11 35.01 45.58
C PHE D 241 -2.34 36.44 46.06
N ALA D 242 -2.86 37.29 45.18
CA ALA D 242 -3.01 38.72 45.41
C ALA D 242 -3.83 39.02 46.65
N ASP D 243 -4.75 38.13 46.97
CA ASP D 243 -5.59 38.24 48.15
C ASP D 243 -4.75 38.11 49.43
N GLY D 244 -3.62 37.42 49.33
CA GLY D 244 -2.80 37.11 50.47
C GLY D 244 -2.81 35.62 50.80
N ALA D 245 -3.66 34.87 50.12
CA ALA D 245 -3.75 33.44 50.34
C ALA D 245 -2.54 32.70 49.82
N ILE D 246 -2.14 31.64 50.50
CA ILE D 246 -1.00 30.85 50.07
C ILE D 246 -1.43 29.53 49.46
N GLY D 247 -0.92 29.26 48.26
CA GLY D 247 -1.14 27.97 47.63
C GLY D 247 0.11 27.13 47.69
N GLN D 248 -0.06 25.84 47.91
CA GLN D 248 1.05 24.90 47.79
C GLN D 248 0.75 23.87 46.71
N CYS D 249 1.72 23.66 45.84
CA CYS D 249 1.64 22.58 44.88
C CYS D 249 2.81 21.67 45.14
N ASP D 250 2.50 20.43 45.49
CA ASP D 250 3.46 19.43 45.86
C ASP D 250 3.36 18.32 44.82
N VAL D 251 4.39 18.16 43.99
CA VAL D 251 4.34 17.10 43.00
C VAL D 251 5.57 16.24 43.05
N SER D 252 5.42 14.98 42.64
CA SER D 252 6.53 14.04 42.65
C SER D 252 6.30 12.89 41.70
N TRP D 253 7.40 12.46 41.05
CA TRP D 253 7.44 11.27 40.22
C TRP D 253 8.01 10.08 40.98
N ALA D 254 8.37 10.26 42.25
CA ALA D 254 9.07 9.20 42.94
C ALA D 254 8.25 8.57 44.05
N CYS D 255 6.92 8.55 43.90
CA CYS D 255 6.10 8.06 45.00
C CYS D 255 5.56 6.66 44.70
N PRO D 256 5.84 5.68 45.56
CA PRO D 256 5.37 4.30 45.41
C PRO D 256 3.93 4.13 45.90
N GLY D 257 3.28 3.04 45.54
CA GLY D 257 1.99 2.69 46.13
C GLY D 257 0.75 3.06 45.33
N GLY D 258 0.95 3.75 44.21
CA GLY D 258 -0.17 4.22 43.43
C GLY D 258 -0.37 5.72 43.46
N GLU D 259 -0.77 6.24 42.32
CA GLU D 259 -1.11 7.64 42.12
C GLU D 259 -1.92 8.28 43.26
N GLN D 260 -1.57 9.51 43.62
CA GLN D 260 -2.35 10.31 44.57
C GLN D 260 -2.64 11.71 44.02
N LEU D 261 -3.88 12.16 44.14
CA LEU D 261 -4.23 13.53 43.80
C LEU D 261 -5.26 14.05 44.79
N THR D 262 -4.91 15.10 45.52
CA THR D 262 -5.77 15.65 46.55
C THR D 262 -5.80 17.15 46.49
N VAL D 263 -6.91 17.70 46.94
CA VAL D 263 -7.12 19.12 46.92
C VAL D 263 -7.68 19.51 48.26
N GLU D 264 -7.27 20.67 48.75
CA GLU D 264 -7.61 21.08 50.09
C GLU D 264 -7.68 22.59 50.09
N VAL D 265 -8.76 23.12 50.63
CA VAL D 265 -8.98 24.54 50.70
C VAL D 265 -9.37 24.89 52.11
N ILE D 266 -8.64 25.80 52.74
CA ILE D 266 -8.92 26.15 54.13
C ILE D 266 -9.21 27.61 54.32
N GLY D 267 -10.31 27.91 55.00
CA GLY D 267 -10.64 29.27 55.37
C GLY D 267 -10.80 29.42 56.87
N THR D 268 -11.09 30.64 57.30
CA THR D 268 -11.26 30.95 58.72
C THR D 268 -12.50 30.35 59.39
N GLU D 269 -13.53 30.04 58.61
CA GLU D 269 -14.76 29.52 59.18
C GLU D 269 -15.04 28.09 58.78
N GLY D 270 -14.34 27.61 57.77
CA GLY D 270 -14.51 26.25 57.32
C GLY D 270 -13.45 25.80 56.34
N LEU D 271 -13.55 24.56 55.90
CA LEU D 271 -12.60 24.01 54.95
C LEU D 271 -13.26 22.99 54.02
N VAL D 272 -12.61 22.71 52.90
CA VAL D 272 -13.07 21.68 51.97
C VAL D 272 -11.90 20.84 51.48
N THR D 273 -12.13 19.55 51.33
CA THR D 273 -11.11 18.57 50.98
C THR D 273 -11.64 17.54 49.97
N ALA D 274 -10.83 17.15 48.99
CA ALA D 274 -11.26 16.14 48.02
C ALA D 274 -10.12 15.25 47.61
N ASP D 275 -10.40 13.96 47.59
CA ASP D 275 -9.39 12.96 47.29
C ASP D 275 -9.82 12.12 46.08
N LEU D 276 -9.07 12.20 44.99
CA LEU D 276 -9.48 11.49 43.78
C LEU D 276 -9.21 9.98 43.87
N TRP D 277 -7.94 9.57 43.95
CA TRP D 277 -7.65 8.13 43.85
C TRP D 277 -7.78 7.37 45.17
N GLN D 278 -7.67 8.03 46.30
CA GLN D 278 -7.82 7.32 47.58
C GLN D 278 -9.20 7.56 48.13
N GLY D 279 -10.00 8.28 47.35
CA GLY D 279 -11.37 8.53 47.72
C GLY D 279 -12.41 7.89 46.83
N MET D 280 -12.10 6.73 46.25
CA MET D 280 -13.04 6.08 45.34
C MET D 280 -14.00 5.19 46.09
N GLY D 281 -13.70 4.90 47.36
CA GLY D 281 -14.61 4.20 48.25
C GLY D 281 -14.69 2.71 48.05
N VAL D 282 -13.72 2.15 47.36
CA VAL D 282 -13.60 0.70 47.22
C VAL D 282 -12.30 0.21 47.83
N GLU D 283 -12.39 -0.84 48.63
CA GLU D 283 -11.21 -1.41 49.25
C GLU D 283 -11.14 -2.89 48.96
N ALA D 284 -9.94 -3.42 48.79
CA ALA D 284 -9.79 -4.85 48.56
C ALA D 284 -8.51 -5.38 49.17
N TYR D 285 -8.55 -6.66 49.53
CA TYR D 285 -7.35 -7.36 49.91
C TYR D 285 -7.30 -8.71 49.20
N THR D 286 -6.10 -9.13 48.83
CA THR D 286 -5.88 -10.51 48.45
C THR D 286 -4.50 -11.03 48.86
N ASN D 287 -4.47 -12.28 49.31
CA ASN D 287 -3.23 -13.05 49.48
C ASN D 287 -2.50 -13.35 48.17
N THR D 288 -3.17 -13.17 47.03
CA THR D 288 -2.52 -13.40 45.74
C THR D 288 -2.53 -12.12 44.90
N LYS D 289 -3.41 -12.04 43.90
CA LYS D 289 -3.49 -10.81 43.09
C LYS D 289 -4.86 -10.63 42.46
N PHE D 290 -5.22 -9.39 42.14
CA PHE D 290 -6.43 -9.09 41.38
C PHE D 290 -6.02 -8.76 39.98
N GLY D 291 -6.37 -9.61 39.02
CA GLY D 291 -6.04 -9.37 37.63
C GLY D 291 -6.63 -8.12 37.02
N ALA D 292 -7.80 -7.70 37.50
CA ALA D 292 -8.45 -6.56 36.88
C ALA D 292 -8.00 -5.22 37.46
N VAL D 293 -7.00 -5.26 38.34
CA VAL D 293 -6.52 -4.06 39.00
C VAL D 293 -5.13 -3.61 38.52
N TRP D 294 -4.99 -2.30 38.36
CA TRP D 294 -3.76 -1.63 37.95
C TRP D 294 -2.49 -1.95 38.73
N GLU D 295 -1.37 -1.75 38.04
CA GLU D 295 0.01 -1.74 38.56
C GLU D 295 0.29 -2.51 39.88
N PRO D 296 0.05 -1.94 41.08
CA PRO D 296 0.35 -2.87 42.16
C PRO D 296 -0.92 -3.51 42.72
N ASN D 297 -1.07 -4.82 42.55
CA ASN D 297 -2.35 -5.46 42.81
C ASN D 297 -2.36 -6.66 43.77
N GLN D 298 -1.47 -6.65 44.76
CA GLN D 298 -1.46 -7.65 45.83
C GLN D 298 -1.59 -6.98 47.20
N GLY D 299 -2.14 -7.70 48.17
CA GLY D 299 -2.33 -7.16 49.49
C GLY D 299 -3.48 -6.15 49.50
N TRP D 300 -3.39 -5.11 50.32
CA TRP D 300 -4.47 -4.13 50.41
C TRP D 300 -4.44 -3.15 49.25
N LEU D 301 -5.61 -2.89 48.69
CA LEU D 301 -5.75 -2.00 47.54
C LEU D 301 -6.93 -1.07 47.68
N ARG D 302 -6.83 0.06 46.97
CA ARG D 302 -7.95 0.95 46.80
C ARG D 302 -8.16 1.13 45.29
N PRO D 303 -8.88 0.18 44.67
CA PRO D 303 -9.03 0.16 43.21
C PRO D 303 -9.84 1.32 42.68
N GLU D 304 -9.51 1.77 41.48
CA GLU D 304 -10.25 2.84 40.84
C GLU D 304 -11.53 2.32 40.21
N TRP D 305 -12.48 3.21 39.94
CA TRP D 305 -13.60 2.87 39.07
C TRP D 305 -13.84 4.06 38.15
N GLU D 306 -14.21 3.77 36.91
CA GLU D 306 -14.42 4.77 35.85
C GLU D 306 -13.34 5.85 35.83
N TRP D 307 -12.08 5.45 35.73
CA TRP D 307 -11.01 6.41 35.94
C TRP D 307 -11.02 7.53 34.92
N ILE D 308 -11.57 7.27 33.74
CA ILE D 308 -11.56 8.24 32.68
C ILE D 308 -12.54 9.34 32.97
N ARG D 309 -13.76 8.95 33.29
CA ARG D 309 -14.79 9.91 33.61
C ARG D 309 -14.46 10.60 34.92
N ASN D 310 -13.95 9.86 35.89
CA ASN D 310 -13.65 10.48 37.18
C ASN D 310 -12.45 11.42 37.12
N SER D 311 -11.61 11.30 36.09
CA SER D 311 -10.53 12.26 35.90
C SER D 311 -10.99 13.52 35.17
N GLY D 312 -12.22 13.53 34.71
CA GLY D 312 -12.71 14.71 34.03
C GLY D 312 -12.60 14.74 32.51
N TYR D 313 -12.03 13.69 31.91
CA TYR D 313 -11.85 13.65 30.46
C TYR D 313 -13.17 13.73 29.69
N VAL D 314 -14.19 13.01 30.17
CA VAL D 314 -15.47 13.00 29.51
C VAL D 314 -16.11 14.40 29.54
N HIS D 315 -16.09 15.06 30.69
CA HIS D 315 -16.76 16.36 30.77
C HIS D 315 -15.97 17.46 30.07
N GLN D 316 -14.65 17.32 30.05
CA GLN D 316 -13.83 18.28 29.33
C GLN D 316 -14.14 18.22 27.85
N ASP D 317 -14.05 17.02 27.31
CA ASP D 317 -14.22 16.82 25.89
C ASP D 317 -15.65 17.13 25.47
N ARG D 318 -16.61 16.87 26.35
CA ARG D 318 -17.97 17.25 26.01
C ARG D 318 -18.14 18.76 25.94
N GLN D 319 -17.53 19.51 26.85
CA GLN D 319 -17.67 20.96 26.85
C GLN D 319 -16.90 21.60 25.71
N VAL D 320 -15.77 20.99 25.34
CA VAL D 320 -15.02 21.48 24.19
C VAL D 320 -15.87 21.33 22.93
N VAL D 321 -16.45 20.15 22.74
CA VAL D 321 -17.33 19.91 21.60
C VAL D 321 -18.54 20.85 21.61
N ASP D 322 -19.14 21.08 22.76
CA ASP D 322 -20.24 22.02 22.86
C ASP D 322 -19.81 23.42 22.43
N ALA D 323 -18.54 23.75 22.64
CA ALA D 323 -18.06 25.07 22.33
C ALA D 323 -17.98 25.27 20.83
N VAL D 324 -17.43 24.30 20.12
CA VAL D 324 -17.28 24.42 18.68
C VAL D 324 -18.62 24.32 17.95
N LEU D 325 -19.58 23.58 18.49
CA LEU D 325 -20.83 23.33 17.78
C LEU D 325 -21.91 24.35 18.07
N ASP D 326 -22.03 24.76 19.31
CA ASP D 326 -23.12 25.64 19.69
C ASP D 326 -22.61 26.97 20.20
N GLY D 327 -21.31 27.19 20.08
CA GLY D 327 -20.71 28.40 20.57
C GLY D 327 -20.94 28.62 22.05
N ARG D 328 -21.16 27.53 22.79
CA ARG D 328 -21.29 27.62 24.24
C ARG D 328 -19.93 27.92 24.89
N PRO D 329 -19.86 29.05 25.60
CA PRO D 329 -18.62 29.65 26.14
C PRO D 329 -17.91 28.74 27.14
N MET D 330 -16.61 28.57 26.95
CA MET D 330 -15.84 27.68 27.80
C MET D 330 -15.46 28.34 29.12
N THR D 331 -15.78 27.67 30.21
CA THR D 331 -15.42 28.11 31.55
C THR D 331 -13.93 28.34 31.69
N HIS D 332 -13.14 27.51 31.03
CA HIS D 332 -11.68 27.60 31.10
C HIS D 332 -11.07 28.05 29.78
N THR D 333 -10.66 29.31 29.77
CA THR D 333 -10.19 30.02 28.61
C THR D 333 -8.70 29.84 28.38
N PRO D 334 -8.21 30.25 27.20
CA PRO D 334 -6.77 30.28 26.95
C PRO D 334 -6.02 31.26 27.87
N ASP D 335 -6.70 32.25 28.41
CA ASP D 335 -6.06 33.13 29.39
C ASP D 335 -5.60 32.32 30.60
N ASP D 336 -6.45 31.40 31.05
CA ASP D 336 -6.12 30.51 32.13
C ASP D 336 -4.86 29.73 31.84
N ALA D 337 -4.77 29.22 30.62
CA ALA D 337 -3.61 28.47 30.20
C ALA D 337 -2.37 29.35 30.28
N VAL D 338 -2.53 30.63 29.96
CA VAL D 338 -1.40 31.55 29.95
C VAL D 338 -0.90 31.81 31.37
N ALA D 339 -1.84 31.97 32.30
CA ALA D 339 -1.49 32.18 33.70
C ALA D 339 -0.70 31.00 34.24
N VAL D 340 -1.12 29.80 33.90
CA VAL D 340 -0.42 28.62 34.37
C VAL D 340 0.98 28.52 33.76
N VAL D 341 1.10 28.79 32.46
CA VAL D 341 2.40 28.72 31.78
C VAL D 341 3.38 29.66 32.44
N GLU D 342 2.88 30.85 32.74
CA GLU D 342 3.63 31.93 33.30
C GLU D 342 4.01 31.65 34.76
N THR D 343 3.15 30.97 35.49
CA THR D 343 3.46 30.60 36.85
C THR D 343 4.51 29.50 36.88
N LEU D 344 4.50 28.62 35.89
CA LEU D 344 5.47 27.54 35.83
C LEU D 344 6.87 28.04 35.48
N GLU D 345 6.94 29.03 34.61
CA GLU D 345 8.22 29.62 34.24
C GLU D 345 8.82 30.30 35.45
N ALA D 346 7.99 31.07 36.15
CA ALA D 346 8.41 31.76 37.35
C ALA D 346 8.86 30.76 38.43
N ALA D 347 8.14 29.65 38.53
CA ALA D 347 8.51 28.61 39.49
C ALA D 347 9.89 28.04 39.18
N TYR D 348 10.20 27.88 37.90
CA TYR D 348 11.49 27.32 37.51
C TYR D 348 12.64 28.29 37.77
N ARG D 349 12.42 29.58 37.52
CA ARG D 349 13.46 30.55 37.84
C ARG D 349 13.72 30.62 39.34
N SER D 350 12.65 30.61 40.13
CA SER D 350 12.80 30.57 41.58
C SER D 350 13.67 29.40 42.04
N ALA D 351 13.38 28.24 41.47
CA ALA D 351 14.11 27.02 41.80
C ALA D 351 15.58 27.19 41.50
N ALA D 352 15.88 27.87 40.41
CA ALA D 352 17.25 28.01 39.93
C ALA D 352 18.04 29.07 40.70
N ASP D 353 17.33 30.10 41.15
CA ASP D 353 17.96 31.26 41.76
C ASP D 353 17.82 31.32 43.27
N GLY D 354 17.14 30.34 43.85
CA GLY D 354 16.96 30.30 45.29
C GLY D 354 16.30 31.55 45.85
N ARG D 355 15.35 32.12 45.11
CA ARG D 355 14.65 33.29 45.59
C ARG D 355 13.21 33.40 45.08
N LYS D 356 12.46 34.25 45.75
CA LYS D 356 11.05 34.46 45.45
C LYS D 356 10.89 35.36 44.23
N VAL D 357 10.18 34.86 43.22
CA VAL D 357 9.93 35.59 41.99
C VAL D 357 8.61 36.33 42.02
N GLU D 358 8.66 37.64 41.78
CA GLU D 358 7.46 38.47 41.65
C GLU D 358 6.91 38.43 40.22
N MET D 359 5.69 38.92 40.01
CA MET D 359 5.08 38.84 38.68
C MET D 359 4.97 40.21 37.98
N ASN D 360 4.97 41.29 38.76
CA ASN D 360 4.75 42.65 38.26
C ASN D 360 5.51 42.99 36.97
N GLU E 23 12.31 33.69 -63.67
CA GLU E 23 10.98 33.25 -63.26
C GLU E 23 10.42 34.21 -62.20
N ARG E 24 9.10 34.42 -62.21
CA ARG E 24 8.53 35.53 -61.46
C ARG E 24 7.22 35.18 -60.74
N LEU E 25 7.17 35.47 -59.44
CA LEU E 25 6.07 35.03 -58.58
C LEU E 25 5.44 36.16 -57.76
N GLY E 26 4.12 36.33 -57.91
CA GLY E 26 3.39 37.40 -57.25
C GLY E 26 2.91 37.02 -55.87
N VAL E 27 3.15 37.89 -54.91
CA VAL E 27 2.97 37.53 -53.51
C VAL E 27 2.18 38.60 -52.72
N ALA E 28 1.29 38.13 -51.86
CA ALA E 28 0.58 39.00 -50.92
C ALA E 28 0.85 38.57 -49.50
N VAL E 29 1.22 39.52 -48.66
CA VAL E 29 1.42 39.23 -47.26
C VAL E 29 0.20 39.71 -46.49
N VAL E 30 -0.38 38.81 -45.68
CA VAL E 30 -1.55 39.14 -44.89
C VAL E 30 -1.19 39.22 -43.42
N GLY E 31 -1.36 40.41 -42.86
CA GLY E 31 -0.93 40.68 -41.51
C GLY E 31 0.43 41.34 -41.62
N GLY E 32 0.46 42.65 -41.40
CA GLY E 32 1.67 43.42 -41.60
C GLY E 32 2.38 43.82 -40.32
N GLY E 33 2.20 42.99 -39.29
CA GLY E 33 2.88 43.18 -38.03
C GLY E 33 4.30 42.61 -38.07
N PHE E 34 4.75 42.14 -36.93
CA PHE E 34 6.13 41.67 -36.80
C PHE E 34 6.49 40.58 -37.80
N MET E 35 5.75 39.49 -37.78
CA MET E 35 6.11 38.33 -38.58
C MET E 35 5.84 38.56 -40.07
N GLY E 36 4.83 39.36 -40.37
CA GLY E 36 4.61 39.79 -41.74
C GLY E 36 5.74 40.64 -42.26
N GLY E 37 6.32 41.46 -41.38
CA GLY E 37 7.47 42.27 -41.73
C GLY E 37 8.70 41.43 -42.05
N VAL E 38 8.94 40.42 -41.24
CA VAL E 38 10.07 39.50 -41.44
C VAL E 38 9.97 38.73 -42.74
N HIS E 39 8.80 38.14 -42.99
CA HIS E 39 8.52 37.52 -44.28
C HIS E 39 8.70 38.45 -45.46
N ALA E 40 8.22 39.69 -45.38
CA ALA E 40 8.41 40.65 -46.46
C ALA E 40 9.88 40.81 -46.75
N GLU E 41 10.67 41.01 -45.68
CA GLU E 41 12.11 41.21 -45.82
C GLU E 41 12.82 40.01 -46.47
N VAL E 42 12.39 38.80 -46.15
CA VAL E 42 13.01 37.60 -46.67
C VAL E 42 12.61 37.39 -48.12
N LEU E 43 11.32 37.52 -48.36
CA LEU E 43 10.75 37.27 -49.67
C LEU E 43 11.22 38.30 -50.70
N THR E 44 11.31 39.56 -50.32
CA THR E 44 11.74 40.56 -51.29
C THR E 44 13.20 40.39 -51.66
N ALA E 45 13.97 39.70 -50.81
CA ALA E 45 15.39 39.44 -51.12
C ALA E 45 15.58 38.34 -52.15
N ASP E 46 14.51 37.61 -52.44
CA ASP E 46 14.53 36.56 -53.45
C ASP E 46 14.18 37.18 -54.82
N PRO E 47 15.06 37.02 -55.83
CA PRO E 47 14.89 37.72 -57.12
C PRO E 47 13.67 37.22 -57.91
N ARG E 48 13.14 36.06 -57.52
CA ARG E 48 11.95 35.50 -58.16
C ARG E 48 10.64 36.10 -57.66
N VAL E 49 10.71 36.85 -56.56
CA VAL E 49 9.48 37.25 -55.88
C VAL E 49 9.11 38.72 -56.08
N ASP E 50 7.84 38.97 -56.35
CA ASP E 50 7.31 40.32 -56.39
C ASP E 50 6.22 40.49 -55.34
N LEU E 51 6.50 41.33 -54.37
CA LEU E 51 5.57 41.60 -53.28
C LEU E 51 4.58 42.66 -53.72
N ARG E 52 3.35 42.23 -53.98
CA ARG E 52 2.35 43.08 -54.61
C ARG E 52 1.37 43.71 -53.63
N TRP E 53 1.05 42.98 -52.57
CA TRP E 53 0.05 43.44 -51.61
C TRP E 53 0.39 43.19 -50.15
N VAL E 54 0.06 44.16 -49.31
CA VAL E 54 0.03 43.95 -47.87
C VAL E 54 -1.39 44.11 -47.38
N VAL E 55 -1.94 43.06 -46.80
CA VAL E 55 -3.30 43.04 -46.31
C VAL E 55 -3.31 43.06 -44.80
N ASP E 56 -3.93 44.07 -44.21
CA ASP E 56 -3.98 44.22 -42.76
C ASP E 56 -5.23 44.99 -42.32
N ARG E 57 -5.90 44.49 -41.29
CA ARG E 57 -7.06 45.16 -40.70
C ARG E 57 -6.77 46.62 -40.36
N ASP E 58 -5.58 46.89 -39.87
CA ASP E 58 -5.11 48.24 -39.59
C ASP E 58 -4.49 48.82 -40.85
N GLU E 59 -4.78 50.08 -41.13
CA GLU E 59 -4.24 50.64 -42.36
C GLU E 59 -2.92 51.39 -42.13
N ARG E 60 -2.70 51.94 -40.94
CA ARG E 60 -1.41 52.57 -40.73
C ARG E 60 -0.31 51.51 -40.69
N VAL E 61 -0.57 50.42 -39.98
CA VAL E 61 0.36 49.31 -39.93
C VAL E 61 0.58 48.74 -41.33
N GLY E 62 -0.52 48.43 -42.01
CA GLY E 62 -0.46 47.90 -43.36
C GLY E 62 0.25 48.81 -44.35
N THR E 63 -0.02 50.11 -44.28
CA THR E 63 0.60 51.06 -45.21
C THR E 63 2.08 51.23 -44.92
N ASP E 64 2.44 51.36 -43.64
CA ASP E 64 3.84 51.51 -43.24
C ASP E 64 4.71 50.42 -43.85
N LEU E 65 4.24 49.19 -43.73
CA LEU E 65 4.95 48.05 -44.28
C LEU E 65 4.93 48.08 -45.80
N ALA E 66 3.81 48.48 -46.37
CA ALA E 66 3.66 48.50 -47.82
C ALA E 66 4.60 49.52 -48.45
N THR E 67 4.72 50.68 -47.81
CA THR E 67 5.60 51.73 -48.31
C THR E 67 7.06 51.29 -48.21
N ARG E 68 7.36 50.54 -47.16
CA ARG E 68 8.74 50.11 -46.92
C ARG E 68 9.23 49.17 -48.03
N PHE E 69 8.29 48.52 -48.71
CA PHE E 69 8.66 47.58 -49.78
C PHE E 69 8.04 47.92 -51.14
N GLY E 70 7.38 49.07 -51.23
CA GLY E 70 6.79 49.51 -52.48
C GLY E 70 5.70 48.58 -53.00
N ALA E 71 4.81 48.18 -52.12
CA ALA E 71 3.68 47.36 -52.54
C ALA E 71 2.38 48.10 -52.32
N ARG E 72 1.31 47.60 -52.90
CA ARG E 72 -0.02 48.16 -52.70
C ARG E 72 -0.57 47.71 -51.35
N VAL E 73 -1.47 48.50 -50.78
CA VAL E 73 -2.00 48.16 -49.46
C VAL E 73 -3.52 48.04 -49.51
N THR E 74 -4.07 47.15 -48.70
CA THR E 74 -5.52 47.04 -48.60
C THR E 74 -5.88 46.46 -47.26
N THR E 75 -7.12 46.69 -46.84
CA THR E 75 -7.61 46.12 -45.60
C THR E 75 -8.54 44.98 -45.95
N THR E 76 -8.68 44.71 -47.24
CA THR E 76 -9.59 43.68 -47.73
C THR E 76 -8.85 42.61 -48.51
N LEU E 77 -8.90 41.40 -48.01
CA LEU E 77 -8.21 40.29 -48.63
C LEU E 77 -8.71 40.11 -50.06
N ASP E 78 -10.00 40.32 -50.25
CA ASP E 78 -10.61 40.12 -51.56
C ASP E 78 -9.99 41.01 -52.64
N GLU E 79 -9.62 42.24 -52.28
CA GLU E 79 -9.01 43.13 -53.26
C GLU E 79 -7.71 42.54 -53.77
N ALA E 80 -6.94 41.92 -52.87
CA ALA E 80 -5.65 41.35 -53.24
C ALA E 80 -5.83 40.08 -54.05
N LEU E 81 -6.89 39.34 -53.73
CA LEU E 81 -7.19 38.11 -54.45
C LEU E 81 -7.81 38.41 -55.82
N ALA E 82 -8.25 39.64 -56.01
CA ALA E 82 -8.68 40.09 -57.33
C ALA E 82 -7.50 40.09 -58.29
N ASP E 83 -6.35 40.56 -57.82
CA ASP E 83 -5.12 40.56 -58.60
C ASP E 83 -4.75 39.14 -59.06
N ASP E 84 -4.76 38.90 -60.36
CA ASP E 84 -4.48 37.58 -60.89
C ASP E 84 -2.99 37.23 -60.85
N THR E 85 -2.16 38.24 -60.65
CA THR E 85 -0.72 38.04 -60.61
C THR E 85 -0.32 37.41 -59.27
N VAL E 86 -1.10 37.71 -58.24
CA VAL E 86 -0.94 37.11 -56.92
C VAL E 86 -1.18 35.62 -56.98
N ARG E 87 -0.15 34.85 -56.68
CA ARG E 87 -0.19 33.39 -56.76
C ARG E 87 0.22 32.77 -55.43
N PHE E 88 0.67 33.60 -54.51
CA PHE E 88 1.19 33.13 -53.25
C PHE E 88 0.87 34.11 -52.14
N VAL E 89 0.27 33.58 -51.08
CA VAL E 89 -0.13 34.41 -49.95
C VAL E 89 0.52 33.91 -48.66
N VAL E 90 1.06 34.85 -47.90
CA VAL E 90 1.60 34.56 -46.58
C VAL E 90 0.60 35.00 -45.55
N VAL E 91 0.16 34.09 -44.69
CA VAL E 91 -0.78 34.47 -43.65
C VAL E 91 -0.07 34.59 -42.32
N ALA E 92 0.01 35.82 -41.83
CA ALA E 92 0.75 36.15 -40.63
C ALA E 92 -0.12 37.01 -39.73
N THR E 93 -1.29 36.47 -39.40
CA THR E 93 -2.27 37.16 -38.58
C THR E 93 -2.42 36.41 -37.26
N PRO E 94 -3.15 37.00 -36.28
CA PRO E 94 -3.42 36.26 -35.05
C PRO E 94 -3.95 34.85 -35.29
N ALA E 95 -3.51 33.89 -34.48
CA ALA E 95 -3.75 32.46 -34.70
C ALA E 95 -5.21 32.08 -34.99
N ALA E 96 -6.16 32.71 -34.29
CA ALA E 96 -7.56 32.37 -34.47
C ALA E 96 -8.06 32.64 -35.90
N THR E 97 -7.50 33.67 -36.54
CA THR E 97 -7.96 34.07 -37.87
C THR E 97 -7.40 33.18 -39.01
N HIS E 98 -6.51 32.24 -38.69
CA HIS E 98 -5.84 31.46 -39.72
C HIS E 98 -6.77 30.55 -40.48
N GLU E 99 -7.66 29.89 -39.75
CA GLU E 99 -8.58 28.96 -40.39
C GLU E 99 -9.45 29.66 -41.43
N PRO E 100 -10.11 30.79 -41.09
CA PRO E 100 -10.89 31.40 -42.17
C PRO E 100 -10.03 31.94 -43.31
N ILE E 101 -8.94 32.65 -43.00
CA ILE E 101 -8.16 33.29 -44.04
C ILE E 101 -7.50 32.28 -44.97
N ALA E 102 -6.90 31.24 -44.40
CA ALA E 102 -6.27 30.21 -45.21
C ALA E 102 -7.28 29.57 -46.14
N ALA E 103 -8.48 29.31 -45.63
CA ALA E 103 -9.49 28.59 -46.40
C ALA E 103 -9.93 29.42 -47.61
N GLN E 104 -10.09 30.72 -47.39
CA GLN E 104 -10.42 31.63 -48.46
C GLN E 104 -9.34 31.68 -49.54
N VAL E 105 -8.08 31.66 -49.12
CA VAL E 105 -6.97 31.74 -50.07
C VAL E 105 -6.91 30.50 -50.93
N ILE E 106 -7.12 29.34 -50.32
CA ILE E 106 -7.10 28.09 -51.04
C ILE E 106 -8.29 28.00 -52.00
N ALA E 107 -9.44 28.47 -51.53
CA ALA E 107 -10.65 28.42 -52.33
C ALA E 107 -10.52 29.34 -53.54
N ALA E 108 -9.69 30.37 -53.42
CA ALA E 108 -9.39 31.27 -54.54
C ALA E 108 -8.27 30.75 -55.43
N GLY E 109 -7.87 29.50 -55.22
CA GLY E 109 -6.85 28.88 -56.05
C GLY E 109 -5.43 29.41 -55.83
N ARG E 110 -5.15 29.86 -54.63
CA ARG E 110 -3.80 30.35 -54.32
C ARG E 110 -2.99 29.39 -53.45
N ASN E 111 -1.67 29.46 -53.59
CA ASN E 111 -0.76 28.78 -52.69
C ASN E 111 -0.69 29.59 -51.43
N VAL E 112 -0.56 28.93 -50.28
CA VAL E 112 -0.53 29.71 -49.06
C VAL E 112 0.52 29.19 -48.08
N LEU E 113 1.18 30.12 -47.41
CA LEU E 113 2.06 29.82 -46.30
C LEU E 113 1.42 30.38 -45.06
N VAL E 114 1.06 29.50 -44.13
CA VAL E 114 0.39 29.91 -42.90
C VAL E 114 1.33 29.85 -41.70
N GLU E 115 1.46 30.96 -40.99
CA GLU E 115 2.34 30.99 -39.83
C GLU E 115 1.84 30.06 -38.75
N LYS E 116 2.75 29.67 -37.86
CA LYS E 116 2.41 28.92 -36.65
C LYS E 116 1.44 29.71 -35.77
N PRO E 117 0.55 29.00 -35.05
CA PRO E 117 0.25 27.59 -35.28
C PRO E 117 -0.70 27.50 -36.47
N LEU E 118 -0.62 26.42 -37.24
CA LEU E 118 -1.42 26.30 -38.46
C LEU E 118 -2.88 26.63 -38.17
N VAL E 119 -3.55 25.72 -37.47
CA VAL E 119 -4.88 25.98 -36.94
C VAL E 119 -4.94 25.44 -35.53
N LEU E 120 -6.11 25.44 -34.92
CA LEU E 120 -6.24 25.11 -33.51
C LEU E 120 -6.86 23.74 -33.27
N SER E 121 -7.63 23.25 -34.23
CA SER E 121 -8.24 21.94 -34.09
C SER E 121 -7.66 21.02 -35.13
N THR E 122 -7.64 19.73 -34.83
CA THR E 122 -7.05 18.75 -35.73
C THR E 122 -7.89 18.59 -36.99
N GLY E 123 -9.21 18.66 -36.83
CA GLY E 123 -10.11 18.48 -37.95
C GLY E 123 -9.92 19.55 -39.01
N HIS E 124 -9.92 20.80 -38.58
CA HIS E 124 -9.69 21.92 -39.49
C HIS E 124 -8.37 21.78 -40.21
N ALA E 125 -7.34 21.37 -39.47
CA ALA E 125 -6.04 21.08 -40.05
C ALA E 125 -6.16 20.08 -41.18
N ARG E 126 -6.96 19.04 -40.97
CA ARG E 126 -7.09 18.01 -42.01
C ARG E 126 -7.91 18.50 -43.20
N GLN E 127 -8.88 19.37 -42.94
CA GLN E 127 -9.72 19.88 -44.02
C GLN E 127 -8.94 20.83 -44.88
N LEU E 128 -8.21 21.72 -44.23
CA LEU E 128 -7.31 22.63 -44.90
C LEU E 128 -6.34 21.88 -45.81
N ALA E 129 -5.89 20.72 -45.37
CA ALA E 129 -4.91 19.97 -46.15
C ALA E 129 -5.59 19.29 -47.32
N ALA E 130 -6.79 18.75 -47.08
CA ALA E 130 -7.54 18.09 -48.13
C ALA E 130 -7.96 19.10 -49.20
N ALA E 131 -8.34 20.30 -48.77
CA ALA E 131 -8.76 21.33 -49.72
C ALA E 131 -7.62 21.69 -50.67
N ALA E 132 -6.49 22.07 -50.10
CA ALA E 132 -5.32 22.44 -50.88
C ALA E 132 -4.93 21.36 -51.86
N HIS E 133 -5.00 20.10 -51.41
CA HIS E 133 -4.66 19.00 -52.28
C HIS E 133 -5.61 18.90 -53.47
N GLU E 134 -6.92 19.02 -53.19
CA GLU E 134 -7.92 18.98 -54.25
C GLU E 134 -7.62 20.03 -55.32
N ARG E 135 -7.38 21.25 -54.87
CA ARG E 135 -7.13 22.39 -55.75
C ARG E 135 -5.74 22.36 -56.37
N GLY E 136 -4.90 21.43 -55.93
CA GLY E 136 -3.57 21.28 -56.46
C GLY E 136 -2.59 22.39 -56.11
N VAL E 137 -2.84 23.11 -55.03
CA VAL E 137 -1.93 24.18 -54.60
C VAL E 137 -1.07 23.73 -53.41
N VAL E 138 -0.02 24.50 -53.12
CA VAL E 138 0.83 24.20 -51.97
C VAL E 138 0.29 24.83 -50.70
N LEU E 139 0.14 24.00 -49.68
CA LEU E 139 -0.15 24.45 -48.33
C LEU E 139 1.07 24.25 -47.47
N ALA E 140 1.62 25.35 -46.95
CA ALA E 140 2.84 25.27 -46.17
C ALA E 140 2.63 25.93 -44.80
N HIS E 141 3.44 25.54 -43.83
CA HIS E 141 3.27 26.09 -42.50
C HIS E 141 4.58 26.63 -41.97
N GLY E 142 4.49 27.58 -41.03
CA GLY E 142 5.64 28.36 -40.62
C GLY E 142 6.58 27.84 -39.53
N GLY E 143 6.90 26.55 -39.56
CA GLY E 143 7.88 26.02 -38.63
C GLY E 143 9.31 26.27 -39.06
N ASN E 144 9.85 27.44 -38.77
CA ASN E 144 11.14 27.84 -39.34
C ASN E 144 12.39 27.15 -38.78
N PHE E 145 12.39 26.79 -37.49
CA PHE E 145 13.62 26.30 -36.88
C PHE E 145 14.06 24.93 -37.42
N VAL E 146 13.17 24.17 -38.02
CA VAL E 146 13.60 22.94 -38.67
C VAL E 146 14.34 23.25 -39.97
N TYR E 147 14.39 24.53 -40.34
CA TYR E 147 15.24 24.95 -41.46
C TYR E 147 16.51 25.70 -41.02
N ALA E 148 16.69 25.92 -39.72
CA ALA E 148 17.89 26.62 -39.25
C ALA E 148 19.13 25.80 -39.54
N PRO E 149 20.10 26.40 -40.24
CA PRO E 149 21.30 25.70 -40.73
C PRO E 149 22.05 24.96 -39.62
N LYS E 150 22.11 25.54 -38.42
CA LYS E 150 22.77 24.89 -37.31
C LYS E 150 22.00 23.64 -36.87
N PHE E 151 20.69 23.71 -36.85
CA PHE E 151 19.87 22.60 -36.43
C PHE E 151 19.81 21.54 -37.53
N VAL E 152 19.90 21.97 -38.78
CA VAL E 152 19.93 21.04 -39.88
C VAL E 152 21.21 20.18 -39.79
N ARG E 153 22.33 20.83 -39.48
CA ARG E 153 23.54 20.11 -39.19
C ARG E 153 23.37 19.13 -38.01
N ALA E 154 22.73 19.57 -36.93
CA ALA E 154 22.57 18.72 -35.75
C ALA E 154 21.76 17.48 -36.10
N HIS E 155 20.72 17.69 -36.89
CA HIS E 155 19.83 16.66 -37.35
C HIS E 155 20.58 15.58 -38.15
N GLU E 156 21.46 16.02 -39.03
CA GLU E 156 22.33 15.14 -39.80
C GLU E 156 23.21 14.25 -38.89
N LEU E 157 23.81 14.84 -37.87
CA LEU E 157 24.60 14.03 -36.93
C LEU E 157 23.73 13.05 -36.15
N ALA E 158 22.55 13.48 -35.72
CA ALA E 158 21.68 12.65 -34.90
C ALA E 158 21.03 11.53 -35.70
N ALA E 159 21.22 11.55 -37.01
CA ALA E 159 20.67 10.50 -37.86
C ALA E 159 21.71 9.42 -38.12
N ASP E 160 22.95 9.66 -37.72
CA ASP E 160 23.99 8.65 -37.82
C ASP E 160 23.73 7.56 -36.77
N ARG E 161 23.15 6.46 -37.22
CA ARG E 161 22.71 5.41 -36.31
C ARG E 161 23.87 4.67 -35.66
N GLU E 162 24.97 4.51 -36.36
CA GLU E 162 26.13 3.85 -35.76
C GLU E 162 26.76 4.71 -34.67
N ALA E 163 26.69 6.02 -34.83
CA ALA E 163 27.35 6.94 -33.90
C ALA E 163 26.53 7.12 -32.62
N LEU E 164 25.20 7.10 -32.74
CA LEU E 164 24.35 7.33 -31.59
C LEU E 164 23.80 6.07 -30.97
N GLY E 165 23.76 4.98 -31.75
CA GLY E 165 23.07 3.78 -31.32
C GLY E 165 21.59 4.05 -31.17
N THR E 166 20.98 3.50 -30.13
CA THR E 166 19.56 3.62 -29.99
C THR E 166 19.20 4.92 -29.28
N VAL E 167 18.37 5.73 -29.91
CA VAL E 167 18.00 7.00 -29.33
C VAL E 167 16.88 6.84 -28.32
N HIS E 168 17.07 7.35 -27.11
CA HIS E 168 16.04 7.22 -26.10
C HIS E 168 15.53 8.55 -25.57
N SER E 169 16.07 9.67 -26.04
CA SER E 169 15.78 10.92 -25.39
C SER E 169 16.01 12.13 -26.27
N VAL E 170 15.02 13.03 -26.29
CA VAL E 170 15.10 14.29 -27.00
C VAL E 170 14.62 15.35 -26.06
N ARG E 171 15.33 16.47 -26.02
CA ARG E 171 14.84 17.59 -25.25
C ARG E 171 14.96 18.85 -26.06
N VAL E 172 13.89 19.61 -26.09
CA VAL E 172 13.94 20.93 -26.70
C VAL E 172 13.51 21.92 -25.66
N ALA E 173 14.35 22.91 -25.41
CA ALA E 173 14.02 23.97 -24.47
C ALA E 173 13.89 25.32 -25.17
N PHE E 174 12.75 25.98 -24.98
CA PHE E 174 12.50 27.26 -25.64
C PHE E 174 11.95 28.26 -24.62
N ARG E 175 12.81 29.18 -24.24
CA ARG E 175 12.48 30.13 -23.19
C ARG E 175 12.54 31.52 -23.74
N THR E 176 11.62 32.35 -23.30
CA THR E 176 11.53 33.68 -23.87
C THR E 176 11.04 34.61 -22.77
N SER E 177 11.06 35.91 -23.01
CA SER E 177 10.56 36.83 -22.00
C SER E 177 9.09 37.19 -22.27
N GLY E 178 8.49 36.53 -23.24
CA GLY E 178 7.08 36.69 -23.52
C GLY E 178 6.84 37.62 -24.69
N PRO E 179 5.65 37.53 -25.30
CA PRO E 179 5.18 38.38 -26.39
C PRO E 179 4.68 39.69 -25.82
N ASP E 180 4.44 40.72 -26.63
CA ASP E 180 3.90 41.93 -26.03
C ASP E 180 2.71 42.53 -26.75
N THR E 181 2.40 42.04 -27.94
CA THR E 181 1.11 42.37 -28.51
C THR E 181 0.06 41.56 -27.74
N ASP E 182 -1.09 42.16 -27.47
CA ASP E 182 -2.03 41.63 -26.48
C ASP E 182 -2.74 40.34 -26.87
N TRP E 183 -2.92 40.10 -28.16
CA TRP E 183 -3.75 38.97 -28.59
C TRP E 183 -3.14 37.63 -28.23
N PHE E 184 -1.83 37.60 -27.99
CA PHE E 184 -1.16 36.37 -27.60
C PHE E 184 -1.72 35.83 -26.28
N ARG E 185 -2.17 36.73 -25.41
CA ARG E 185 -2.58 36.33 -24.08
C ARG E 185 -4.09 36.10 -23.92
N SER E 186 -4.83 36.16 -25.03
CA SER E 186 -6.24 35.80 -25.03
C SER E 186 -6.42 34.46 -25.73
N LYS E 187 -7.05 33.51 -25.04
CA LYS E 187 -7.23 32.17 -25.59
C LYS E 187 -8.14 32.20 -26.81
N ALA E 188 -8.97 33.24 -26.89
CA ALA E 188 -9.91 33.38 -27.98
C ALA E 188 -9.21 33.62 -29.30
N THR E 189 -8.16 34.43 -29.26
CA THR E 189 -7.47 34.84 -30.46
C THR E 189 -6.15 34.11 -30.69
N ALA E 190 -5.61 33.50 -29.62
CA ALA E 190 -4.31 32.84 -29.69
C ALA E 190 -4.43 31.33 -29.68
N GLY E 191 -5.51 30.83 -29.06
CA GLY E 191 -5.73 29.40 -28.96
C GLY E 191 -4.97 28.77 -27.82
N GLY E 192 -4.10 29.55 -27.19
CA GLY E 192 -3.27 29.01 -26.13
C GLY E 192 -2.15 29.94 -25.77
N GLY E 193 -1.39 29.57 -24.75
CA GLY E 193 -0.28 30.38 -24.30
C GLY E 193 1.05 29.85 -24.80
N ALA E 194 2.03 29.84 -23.90
CA ALA E 194 3.38 29.45 -24.23
C ALA E 194 3.44 28.08 -24.88
N LEU E 195 2.50 27.20 -24.52
CA LEU E 195 2.48 25.83 -25.04
C LEU E 195 2.11 25.81 -26.51
N THR E 196 1.37 26.84 -26.93
CA THR E 196 0.98 26.99 -28.32
C THR E 196 2.05 27.74 -29.08
N ASP E 197 2.37 28.92 -28.57
CA ASP E 197 3.23 29.85 -29.26
C ASP E 197 4.67 29.36 -29.35
N LEU E 198 5.20 28.78 -28.28
CA LEU E 198 6.55 28.24 -28.29
C LEU E 198 6.51 26.74 -28.46
N GLY E 199 5.46 26.13 -27.93
CA GLY E 199 5.38 24.68 -27.92
C GLY E 199 5.22 24.10 -29.30
N TRP E 200 4.67 24.90 -30.22
CA TRP E 200 4.58 24.45 -31.60
C TRP E 200 5.98 24.09 -32.12
N HIS E 201 6.91 25.03 -31.99
CA HIS E 201 8.28 24.80 -32.44
C HIS E 201 8.95 23.63 -31.74
N ALA E 202 8.79 23.57 -30.43
CA ALA E 202 9.48 22.59 -29.63
C ALA E 202 9.01 21.19 -30.01
N VAL E 203 7.71 21.03 -30.21
CA VAL E 203 7.18 19.74 -30.63
C VAL E 203 7.64 19.39 -32.05
N GLU E 204 7.66 20.38 -32.94
CA GLU E 204 8.13 20.10 -34.29
C GLU E 204 9.61 19.69 -34.31
N LEU E 205 10.42 20.35 -33.51
CA LEU E 205 11.83 20.04 -33.41
C LEU E 205 12.08 18.65 -32.79
N CYS E 206 11.31 18.28 -31.77
CA CYS E 206 11.44 16.95 -31.14
C CYS E 206 11.15 15.84 -32.14
N ARG E 207 10.01 15.94 -32.82
CA ARG E 207 9.61 14.97 -33.84
C ARG E 207 10.70 14.77 -34.84
N TRP E 208 11.16 15.90 -35.38
CA TRP E 208 12.08 15.94 -36.48
C TRP E 208 13.44 15.35 -36.14
N MET E 209 14.00 15.74 -34.99
CA MET E 209 15.31 15.23 -34.59
C MET E 209 15.31 13.70 -34.48
N LEU E 210 14.14 13.13 -34.22
CA LEU E 210 13.99 11.68 -34.15
C LEU E 210 13.70 10.98 -35.47
N GLY E 211 13.55 11.72 -36.56
CA GLY E 211 13.17 11.14 -37.84
C GLY E 211 11.66 10.95 -38.00
N LYS E 212 10.91 11.84 -37.36
CA LYS E 212 9.44 11.89 -37.38
C LYS E 212 8.69 10.58 -37.09
N PRO E 213 8.98 9.94 -35.94
CA PRO E 213 8.20 8.73 -35.59
C PRO E 213 6.82 9.11 -35.08
N ALA E 214 5.95 8.11 -35.00
CA ALA E 214 4.60 8.35 -34.49
C ALA E 214 4.66 8.61 -33.00
N ILE E 215 3.79 9.50 -32.54
CA ILE E 215 3.65 9.82 -31.13
C ILE E 215 2.56 9.00 -30.45
N ARG E 216 2.95 8.20 -29.46
CA ARG E 216 2.05 7.30 -28.76
C ARG E 216 1.28 7.98 -27.63
N ALA E 217 1.93 8.86 -26.87
CA ALA E 217 1.24 9.47 -25.75
C ALA E 217 1.88 10.76 -25.29
N VAL E 218 1.08 11.56 -24.60
CA VAL E 218 1.51 12.85 -24.13
C VAL E 218 1.13 13.07 -22.66
N THR E 219 2.09 13.54 -21.87
CA THR E 219 1.80 14.06 -20.54
C THR E 219 2.26 15.51 -20.47
N ALA E 220 1.48 16.38 -19.84
CA ALA E 220 1.87 17.79 -19.76
C ALA E 220 1.44 18.52 -18.48
N CYS E 221 2.18 19.59 -18.17
CA CYS E 221 1.86 20.45 -17.04
C CYS E 221 1.99 21.89 -17.48
N THR E 222 1.02 22.71 -17.11
CA THR E 222 1.04 24.12 -17.48
C THR E 222 0.81 25.00 -16.26
N ARG E 223 1.14 26.26 -16.39
CA ARG E 223 0.94 27.18 -15.30
C ARG E 223 0.80 28.59 -15.79
N GLN E 224 -0.19 29.29 -15.28
CA GLN E 224 -0.26 30.71 -15.55
C GLN E 224 0.45 31.44 -14.45
N LEU E 225 1.24 32.43 -14.82
CA LEU E 225 2.06 33.17 -13.87
C LEU E 225 1.64 34.63 -13.88
N SER E 226 1.55 35.19 -15.08
CA SER E 226 1.11 36.56 -15.26
C SER E 226 -0.33 36.71 -14.81
N ALA E 227 -0.62 37.83 -14.17
CA ALA E 227 -1.98 38.13 -13.74
C ALA E 227 -2.81 38.63 -14.93
N ALA E 228 -2.13 38.85 -16.05
CA ALA E 228 -2.78 39.29 -17.28
C ALA E 228 -3.12 38.14 -18.22
N GLY E 229 -4.26 38.26 -18.89
CA GLY E 229 -4.68 37.27 -19.85
C GLY E 229 -5.26 36.03 -19.20
N ASP E 230 -5.55 35.03 -20.01
CA ASP E 230 -6.10 33.79 -19.49
C ASP E 230 -5.39 32.58 -20.08
N VAL E 231 -4.13 32.76 -20.47
CA VAL E 231 -3.34 31.64 -20.98
C VAL E 231 -2.10 31.37 -20.14
N GLU E 232 -1.55 30.17 -20.26
CA GLU E 232 -0.40 29.72 -19.49
C GLU E 232 0.90 30.40 -19.91
N ASP E 233 1.81 30.55 -18.96
CA ASP E 233 3.11 31.16 -19.20
C ASP E 233 4.21 30.12 -19.38
N GLN E 234 4.00 28.93 -18.83
CA GLN E 234 5.01 27.89 -18.95
C GLN E 234 4.37 26.55 -19.21
N GLY E 235 5.17 25.65 -19.76
CA GLY E 235 4.70 24.31 -20.03
C GLY E 235 5.79 23.31 -20.22
N VAL E 236 5.55 22.10 -19.73
CA VAL E 236 6.43 20.98 -19.98
C VAL E 236 5.62 19.83 -20.51
N VAL E 237 6.05 19.26 -21.63
CA VAL E 237 5.37 18.14 -22.25
C VAL E 237 6.30 16.93 -22.29
N LEU E 238 5.80 15.78 -21.85
CA LEU E 238 6.53 14.54 -21.99
C LEU E 238 5.93 13.75 -23.12
N ILE E 239 6.69 13.58 -24.17
CA ILE E 239 6.19 12.87 -25.31
C ILE E 239 6.72 11.45 -25.31
N GLU E 240 5.80 10.50 -25.37
CA GLU E 240 6.16 9.10 -25.55
C GLU E 240 6.04 8.77 -27.05
N PHE E 241 7.17 8.46 -27.68
CA PHE E 241 7.16 8.09 -29.09
C PHE E 241 6.93 6.59 -29.23
N ALA E 242 6.67 6.15 -30.46
CA ALA E 242 6.31 4.77 -30.73
C ALA E 242 7.38 3.77 -30.26
N ASP E 243 8.63 4.05 -30.62
CA ASP E 243 9.74 3.16 -30.26
C ASP E 243 10.10 3.25 -28.77
N GLY E 244 9.43 4.14 -28.04
CA GLY E 244 9.68 4.28 -26.62
C GLY E 244 10.59 5.43 -26.19
N ALA E 245 11.18 6.14 -27.14
CA ALA E 245 11.96 7.31 -26.78
C ALA E 245 11.08 8.36 -26.11
N ILE E 246 11.63 9.04 -25.11
CA ILE E 246 10.92 10.12 -24.45
C ILE E 246 11.42 11.47 -24.94
N GLY E 247 10.49 12.31 -25.38
CA GLY E 247 10.81 13.66 -25.76
C GLY E 247 10.37 14.61 -24.66
N GLN E 248 11.17 15.64 -24.44
CA GLN E 248 10.80 16.67 -23.50
C GLN E 248 10.68 18.00 -24.21
N CYS E 249 9.63 18.73 -23.92
CA CYS E 249 9.47 20.08 -24.41
C CYS E 249 9.25 20.98 -23.22
N ASP E 250 10.11 21.96 -23.09
CA ASP E 250 10.10 22.81 -21.94
C ASP E 250 10.03 24.24 -22.48
N VAL E 251 8.92 24.93 -22.24
CA VAL E 251 8.78 26.26 -22.78
C VAL E 251 8.29 27.27 -21.75
N SER E 252 8.63 28.54 -21.96
CA SER E 252 8.33 29.56 -20.97
C SER E 252 8.35 30.98 -21.52
N TRP E 253 7.41 31.80 -21.05
CA TRP E 253 7.35 33.21 -21.37
C TRP E 253 7.96 34.05 -20.27
N ALA E 254 8.44 33.41 -19.21
CA ALA E 254 8.86 34.18 -18.04
C ALA E 254 10.34 34.05 -17.77
N CYS E 255 11.12 33.88 -18.84
CA CYS E 255 12.54 33.70 -18.65
C CYS E 255 13.30 34.96 -19.01
N PRO E 256 14.09 35.48 -18.06
CA PRO E 256 14.83 36.72 -18.28
C PRO E 256 16.19 36.44 -18.91
N GLY E 257 16.88 37.49 -19.34
CA GLY E 257 18.25 37.36 -19.77
C GLY E 257 18.53 37.15 -21.25
N GLY E 258 17.46 37.01 -22.04
CA GLY E 258 17.61 36.73 -23.45
C GLY E 258 17.02 35.38 -23.83
N GLU E 259 16.50 35.31 -25.04
CA GLU E 259 15.88 34.13 -25.61
C GLU E 259 16.79 32.89 -25.63
N GLN E 260 16.25 31.72 -25.29
CA GLN E 260 17.02 30.48 -25.31
C GLN E 260 16.35 29.42 -26.21
N LEU E 261 17.13 28.72 -27.02
CA LEU E 261 16.57 27.62 -27.78
C LEU E 261 17.61 26.54 -27.96
N THR E 262 17.38 25.41 -27.32
CA THR E 262 18.35 24.33 -27.33
C THR E 262 17.70 23.03 -27.75
N VAL E 263 18.53 22.14 -28.29
CA VAL E 263 18.06 20.84 -28.73
C VAL E 263 19.07 19.81 -28.26
N GLU E 264 18.58 18.68 -27.82
CA GLU E 264 19.44 17.62 -27.30
C GLU E 264 18.86 16.26 -27.66
N VAL E 265 19.67 15.41 -28.28
CA VAL E 265 19.31 14.05 -28.61
C VAL E 265 20.33 13.10 -27.99
N ILE E 266 19.87 12.21 -27.12
CA ILE E 266 20.76 11.27 -26.46
C ILE E 266 20.45 9.82 -26.84
N GLY E 267 21.49 9.10 -27.24
CA GLY E 267 21.36 7.69 -27.50
C GLY E 267 22.35 6.90 -26.66
N THR E 268 22.34 5.59 -26.81
CA THR E 268 23.22 4.75 -26.02
C THR E 268 24.69 4.84 -26.41
N GLU E 269 25.00 5.18 -27.66
CA GLU E 269 26.42 5.24 -28.02
C GLU E 269 26.89 6.66 -28.20
N GLY E 270 25.96 7.60 -28.25
CA GLY E 270 26.33 8.98 -28.57
C GLY E 270 25.23 9.97 -28.26
N LEU E 271 25.54 11.25 -28.48
CA LEU E 271 24.60 12.34 -28.24
C LEU E 271 24.96 13.53 -29.12
N VAL E 272 23.97 14.39 -29.38
CA VAL E 272 24.16 15.63 -30.12
C VAL E 272 23.39 16.76 -29.46
N THR E 273 24.03 17.92 -29.30
CA THR E 273 23.37 19.09 -28.76
C THR E 273 23.58 20.29 -29.65
N ALA E 274 22.63 21.21 -29.62
CA ALA E 274 22.71 22.42 -30.41
C ALA E 274 22.04 23.56 -29.67
N ASP E 275 22.73 24.69 -29.66
CA ASP E 275 22.32 25.87 -28.96
C ASP E 275 22.24 27.03 -29.94
N LEU E 276 21.04 27.49 -30.22
CA LEU E 276 20.88 28.56 -31.20
C LEU E 276 21.39 29.92 -30.70
N TRP E 277 20.82 30.45 -29.63
CA TRP E 277 21.09 31.84 -29.23
C TRP E 277 22.30 32.02 -28.32
N GLN E 278 22.73 30.96 -27.65
CA GLN E 278 23.90 31.04 -26.79
C GLN E 278 25.08 30.33 -27.44
N GLY E 279 24.85 29.80 -28.63
CA GLY E 279 25.94 29.22 -29.40
C GLY E 279 26.35 30.01 -30.64
N MET E 280 26.30 31.34 -30.58
CA MET E 280 26.61 32.16 -31.74
C MET E 280 28.10 32.47 -31.81
N GLY E 281 28.83 32.18 -30.74
CA GLY E 281 30.28 32.37 -30.73
C GLY E 281 30.79 33.79 -30.53
N VAL E 282 29.90 34.73 -30.24
CA VAL E 282 30.35 36.08 -29.97
C VAL E 282 30.04 36.43 -28.53
N GLU E 283 31.02 37.02 -27.85
CA GLU E 283 30.83 37.48 -26.47
C GLU E 283 31.23 38.95 -26.36
N ALA E 284 30.55 39.69 -25.50
CA ALA E 284 30.93 41.08 -25.29
C ALA E 284 30.65 41.52 -23.86
N TYR E 285 31.41 42.51 -23.41
CA TYR E 285 31.15 43.15 -22.15
C TYR E 285 31.19 44.66 -22.30
N THR E 286 30.32 45.37 -21.60
CA THR E 286 30.47 46.81 -21.48
C THR E 286 29.97 47.37 -20.14
N ASN E 287 30.68 48.38 -19.65
CA ASN E 287 30.29 49.12 -18.47
C ASN E 287 29.11 50.04 -18.73
N THR E 288 28.96 50.45 -19.98
CA THR E 288 27.83 51.27 -20.39
C THR E 288 26.82 50.46 -21.18
N LYS E 289 26.79 50.67 -22.50
CA LYS E 289 25.78 50.05 -23.36
C LYS E 289 26.28 49.80 -24.77
N PHE E 290 25.80 48.74 -25.41
CA PHE E 290 25.98 48.54 -26.84
C PHE E 290 24.72 48.95 -27.60
N GLY E 291 24.78 50.02 -28.37
CA GLY E 291 23.64 50.45 -29.16
C GLY E 291 23.09 49.44 -30.15
N ALA E 292 23.97 48.64 -30.76
CA ALA E 292 23.56 47.73 -31.82
C ALA E 292 23.13 46.36 -31.32
N VAL E 293 22.76 46.28 -30.04
CA VAL E 293 22.37 45.01 -29.45
C VAL E 293 21.00 45.09 -28.80
N TRP E 294 20.20 44.05 -28.99
CA TRP E 294 18.93 43.86 -28.28
C TRP E 294 19.12 43.94 -26.75
N GLU E 295 18.06 44.27 -26.03
CA GLU E 295 18.09 44.18 -24.56
C GLU E 295 18.10 42.72 -24.11
N PRO E 296 18.96 42.35 -23.14
CA PRO E 296 19.95 43.18 -22.43
C PRO E 296 21.13 43.59 -23.29
N ASN E 297 21.53 44.84 -23.18
CA ASN E 297 22.70 45.32 -23.89
C ASN E 297 23.73 45.93 -22.96
N GLN E 298 23.74 45.50 -21.69
CA GLN E 298 24.70 45.98 -20.69
C GLN E 298 25.34 44.81 -19.96
N GLY E 299 26.57 44.99 -19.53
CA GLY E 299 27.29 43.91 -18.88
C GLY E 299 27.73 42.85 -19.89
N TRP E 300 27.71 41.60 -19.47
CA TRP E 300 28.14 40.51 -20.34
C TRP E 300 27.03 40.09 -21.27
N LEU E 301 27.37 39.96 -22.56
CA LEU E 301 26.38 39.69 -23.58
C LEU E 301 26.81 38.58 -24.52
N ARG E 302 25.84 37.85 -25.07
CA ARG E 302 26.13 36.92 -26.15
C ARG E 302 25.29 37.30 -27.38
N PRO E 303 25.74 38.32 -28.13
CA PRO E 303 24.92 38.92 -29.19
C PRO E 303 24.72 38.03 -30.39
N GLU E 304 23.55 38.15 -31.00
CA GLU E 304 23.23 37.41 -32.20
C GLU E 304 23.91 38.02 -33.44
N TRP E 305 24.10 37.20 -34.45
CA TRP E 305 24.45 37.70 -35.78
C TRP E 305 23.53 36.97 -36.76
N GLU E 306 23.14 37.67 -37.83
CA GLU E 306 22.22 37.15 -38.84
C GLU E 306 21.05 36.36 -38.27
N TRP E 307 20.30 36.97 -37.36
CA TRP E 307 19.29 36.21 -36.63
C TRP E 307 18.17 35.68 -37.52
N ILE E 308 17.82 36.39 -38.58
CA ILE E 308 16.78 35.93 -39.49
C ILE E 308 17.21 34.66 -40.23
N ARG E 309 18.41 34.69 -40.82
CA ARG E 309 18.90 33.51 -41.52
C ARG E 309 19.18 32.34 -40.57
N ASN E 310 19.73 32.64 -39.38
CA ASN E 310 20.09 31.57 -38.47
C ASN E 310 18.85 30.96 -37.81
N SER E 311 17.75 31.70 -37.82
CA SER E 311 16.47 31.19 -37.32
C SER E 311 15.76 30.30 -38.33
N GLY E 312 16.27 30.27 -39.57
CA GLY E 312 15.70 29.45 -40.61
C GLY E 312 14.65 30.10 -41.51
N TYR E 313 14.40 31.39 -41.36
CA TYR E 313 13.36 32.02 -42.18
C TYR E 313 13.73 32.06 -43.64
N VAL E 314 15.01 32.26 -43.91
CA VAL E 314 15.47 32.37 -45.28
C VAL E 314 15.34 31.01 -45.98
N HIS E 315 15.70 29.94 -45.31
CA HIS E 315 15.67 28.64 -45.97
C HIS E 315 14.25 28.11 -46.12
N GLN E 316 13.42 28.41 -45.14
CA GLN E 316 12.02 28.04 -45.19
C GLN E 316 11.38 28.67 -46.41
N ASP E 317 11.44 29.99 -46.45
CA ASP E 317 10.76 30.74 -47.48
C ASP E 317 11.34 30.47 -48.87
N ARG E 318 12.60 30.07 -48.94
CA ARG E 318 13.20 29.71 -50.22
C ARG E 318 12.61 28.40 -50.74
N GLN E 319 12.55 27.39 -49.89
CA GLN E 319 11.98 26.09 -50.27
C GLN E 319 10.49 26.15 -50.55
N VAL E 320 9.78 27.04 -49.89
CA VAL E 320 8.35 27.16 -50.13
C VAL E 320 8.16 27.73 -51.54
N VAL E 321 8.91 28.78 -51.85
CA VAL E 321 8.89 29.35 -53.18
C VAL E 321 9.35 28.36 -54.25
N ASP E 322 10.33 27.52 -53.93
CA ASP E 322 10.73 26.46 -54.84
C ASP E 322 9.54 25.53 -55.13
N ALA E 323 8.76 25.25 -54.10
CA ALA E 323 7.66 24.31 -54.23
C ALA E 323 6.61 24.84 -55.18
N VAL E 324 6.33 26.13 -55.09
CA VAL E 324 5.30 26.74 -55.92
C VAL E 324 5.77 26.92 -57.37
N LEU E 325 7.00 27.42 -57.56
CA LEU E 325 7.51 27.72 -58.90
C LEU E 325 8.06 26.51 -59.64
N ASP E 326 8.47 25.48 -58.91
CA ASP E 326 9.23 24.40 -59.54
C ASP E 326 8.73 23.03 -59.17
N GLY E 327 7.63 22.96 -58.45
CA GLY E 327 7.09 21.71 -57.99
C GLY E 327 8.07 20.90 -57.13
N ARG E 328 9.16 21.52 -56.72
CA ARG E 328 10.16 20.87 -55.87
C ARG E 328 9.56 20.53 -54.50
N PRO E 329 9.40 19.23 -54.21
CA PRO E 329 8.62 18.70 -53.07
C PRO E 329 9.18 19.14 -51.73
N MET E 330 8.30 19.32 -50.76
CA MET E 330 8.76 19.87 -49.50
C MET E 330 9.14 18.83 -48.44
N THR E 331 10.24 19.10 -47.76
CA THR E 331 10.70 18.31 -46.65
C THR E 331 9.63 18.19 -45.58
N HIS E 332 8.96 19.31 -45.31
CA HIS E 332 7.98 19.36 -44.24
C HIS E 332 6.58 19.65 -44.80
N THR E 333 5.69 18.70 -44.60
CA THR E 333 4.40 18.69 -45.27
C THR E 333 3.28 19.08 -44.33
N PRO E 334 2.06 19.28 -44.88
CA PRO E 334 0.86 19.41 -44.04
C PRO E 334 0.69 18.25 -43.04
N ASP E 335 1.13 17.05 -43.40
CA ASP E 335 1.05 15.91 -42.49
C ASP E 335 1.86 16.17 -41.21
N ASP E 336 2.99 16.84 -41.35
CA ASP E 336 3.78 17.20 -40.18
C ASP E 336 3.04 18.22 -39.33
N ALA E 337 2.35 19.16 -39.99
CA ALA E 337 1.55 20.15 -39.28
C ALA E 337 0.44 19.49 -38.48
N VAL E 338 -0.27 18.54 -39.10
CA VAL E 338 -1.36 17.86 -38.42
C VAL E 338 -0.88 17.13 -37.17
N ALA E 339 0.28 16.47 -37.25
CA ALA E 339 0.82 15.77 -36.07
C ALA E 339 1.09 16.74 -34.94
N VAL E 340 1.57 17.93 -35.26
CA VAL E 340 1.83 18.93 -34.23
C VAL E 340 0.53 19.45 -33.63
N VAL E 341 -0.48 19.68 -34.47
CA VAL E 341 -1.78 20.13 -33.97
C VAL E 341 -2.40 19.09 -33.03
N GLU E 342 -2.36 17.82 -33.41
CA GLU E 342 -2.89 16.75 -32.57
C GLU E 342 -2.18 16.69 -31.21
N THR E 343 -0.86 16.82 -31.25
CA THR E 343 -0.03 16.72 -30.07
C THR E 343 -0.26 17.86 -29.08
N LEU E 344 -0.46 19.06 -29.58
CA LEU E 344 -0.76 20.19 -28.73
C LEU E 344 -2.11 20.07 -28.04
N GLU E 345 -3.11 19.53 -28.73
CA GLU E 345 -4.43 19.46 -28.13
C GLU E 345 -4.47 18.32 -27.11
N ALA E 346 -3.68 17.29 -27.35
CA ALA E 346 -3.56 16.20 -26.38
C ALA E 346 -2.86 16.69 -25.13
N ALA E 347 -1.81 17.47 -25.33
CA ALA E 347 -1.09 18.09 -24.23
C ALA E 347 -1.98 18.97 -23.38
N TYR E 348 -2.87 19.74 -24.00
CA TYR E 348 -3.77 20.59 -23.24
C TYR E 348 -4.82 19.77 -22.50
N ARG E 349 -5.24 18.66 -23.08
CA ARG E 349 -6.18 17.77 -22.44
C ARG E 349 -5.50 17.12 -21.24
N SER E 350 -4.25 16.72 -21.42
CA SER E 350 -3.48 16.10 -20.35
C SER E 350 -3.23 17.04 -19.18
N ALA E 351 -3.00 18.30 -19.51
CA ALA E 351 -2.73 19.31 -18.50
C ALA E 351 -3.98 19.58 -17.69
N ALA E 352 -5.13 19.46 -18.36
CA ALA E 352 -6.42 19.70 -17.72
C ALA E 352 -6.85 18.54 -16.81
N ASP E 353 -6.55 17.32 -17.22
CA ASP E 353 -7.04 16.11 -16.55
C ASP E 353 -6.03 15.49 -15.59
N GLY E 354 -4.80 15.99 -15.63
CA GLY E 354 -3.74 15.42 -14.81
C GLY E 354 -3.47 13.95 -15.12
N ARG E 355 -3.52 13.60 -16.40
CA ARG E 355 -3.30 12.23 -16.80
C ARG E 355 -2.53 12.14 -18.10
N LYS E 356 -1.99 10.96 -18.39
CA LYS E 356 -1.41 10.63 -19.67
C LYS E 356 -2.50 10.41 -20.73
N VAL E 357 -2.44 11.19 -21.82
CA VAL E 357 -3.37 11.08 -22.95
C VAL E 357 -2.77 10.25 -24.07
N GLU E 358 -3.46 9.19 -24.51
CA GLU E 358 -2.82 8.15 -25.31
C GLU E 358 -3.00 8.17 -26.84
N MET E 359 -3.45 9.27 -27.44
CA MET E 359 -3.32 9.47 -28.92
C MET E 359 -3.77 8.29 -29.81
N ASN E 360 -5.02 8.32 -30.24
CA ASN E 360 -5.90 7.16 -30.44
C ASN E 360 -5.11 5.86 -30.45
N VAL F 22 -29.04 6.90 16.71
CA VAL F 22 -27.61 6.83 16.45
C VAL F 22 -27.39 5.78 15.31
N GLU F 23 -28.22 5.87 14.28
CA GLU F 23 -28.37 4.81 13.26
C GLU F 23 -27.66 5.06 11.92
N ARG F 24 -26.56 4.37 11.68
CA ARG F 24 -25.74 4.60 10.50
C ARG F 24 -25.62 3.40 9.57
N LEU F 25 -25.36 3.68 8.31
CA LEU F 25 -25.24 2.66 7.30
C LEU F 25 -23.96 2.91 6.48
N GLY F 26 -23.00 2.01 6.65
CA GLY F 26 -21.76 2.09 5.94
C GLY F 26 -21.97 1.61 4.53
N VAL F 27 -21.52 2.42 3.57
CA VAL F 27 -21.80 2.20 2.15
C VAL F 27 -20.50 2.21 1.33
N ALA F 28 -20.40 1.32 0.36
CA ALA F 28 -19.35 1.42 -0.65
C ALA F 28 -20.00 1.61 -2.02
N VAL F 29 -19.39 2.45 -2.85
CA VAL F 29 -19.79 2.58 -4.24
C VAL F 29 -18.74 1.94 -5.13
N VAL F 30 -19.17 1.01 -5.97
CA VAL F 30 -18.29 0.39 -6.95
C VAL F 30 -18.55 0.95 -8.34
N GLY F 31 -17.52 1.57 -8.92
CA GLY F 31 -17.63 2.25 -10.19
C GLY F 31 -17.80 3.72 -9.90
N GLY F 32 -16.74 4.50 -10.09
CA GLY F 32 -16.82 5.90 -9.76
C GLY F 32 -17.04 6.80 -10.95
N GLY F 33 -17.78 6.31 -11.93
CA GLY F 33 -18.00 7.05 -13.16
C GLY F 33 -19.22 7.95 -13.04
N PHE F 34 -19.97 8.09 -14.14
CA PHE F 34 -21.16 8.90 -14.11
C PHE F 34 -22.16 8.50 -13.03
N MET F 35 -22.63 7.25 -13.06
CA MET F 35 -23.72 6.85 -12.18
C MET F 35 -23.27 6.62 -10.73
N GLY F 36 -22.00 6.30 -10.52
CA GLY F 36 -21.44 6.25 -9.19
C GLY F 36 -21.43 7.62 -8.56
N GLY F 37 -21.10 8.62 -9.36
CA GLY F 37 -21.15 10.01 -8.94
C GLY F 37 -22.54 10.41 -8.51
N VAL F 38 -23.54 10.06 -9.32
CA VAL F 38 -24.92 10.36 -8.98
C VAL F 38 -25.37 9.70 -7.68
N HIS F 39 -25.12 8.40 -7.53
CA HIS F 39 -25.52 7.71 -6.31
C HIS F 39 -24.76 8.26 -5.10
N ALA F 40 -23.48 8.56 -5.28
CA ALA F 40 -22.70 9.14 -4.20
C ALA F 40 -23.35 10.46 -3.75
N GLU F 41 -23.75 11.29 -4.70
CA GLU F 41 -24.41 12.57 -4.39
C GLU F 41 -25.75 12.36 -3.65
N VAL F 42 -26.53 11.39 -4.10
CA VAL F 42 -27.83 11.06 -3.51
C VAL F 42 -27.71 10.42 -2.13
N LEU F 43 -26.81 9.45 -2.01
CA LEU F 43 -26.64 8.73 -0.75
C LEU F 43 -26.08 9.61 0.37
N THR F 44 -25.11 10.46 0.06
CA THR F 44 -24.54 11.30 1.10
C THR F 44 -25.51 12.39 1.57
N ALA F 45 -26.54 12.68 0.78
CA ALA F 45 -27.56 13.62 1.20
C ALA F 45 -28.47 13.03 2.26
N ASP F 46 -28.47 11.70 2.33
CA ASP F 46 -29.24 10.95 3.34
C ASP F 46 -28.45 10.86 4.66
N PRO F 47 -28.98 11.47 5.73
CA PRO F 47 -28.24 11.54 7.01
C PRO F 47 -28.02 10.19 7.67
N ARG F 48 -28.79 9.18 7.30
CA ARG F 48 -28.55 7.83 7.81
C ARG F 48 -27.33 7.15 7.19
N VAL F 49 -26.76 7.76 6.15
CA VAL F 49 -25.72 7.10 5.36
C VAL F 49 -24.32 7.64 5.61
N ASP F 50 -23.38 6.71 5.75
CA ASP F 50 -21.96 7.00 5.78
C ASP F 50 -21.25 6.34 4.56
N LEU F 51 -20.89 7.15 3.58
CA LEU F 51 -20.14 6.70 2.42
C LEU F 51 -18.68 6.47 2.76
N ARG F 52 -18.28 5.21 2.86
CA ARG F 52 -16.95 4.89 3.34
C ARG F 52 -15.93 4.64 2.23
N TRP F 53 -16.39 4.08 1.12
CA TRP F 53 -15.49 3.62 0.09
C TRP F 53 -15.96 3.96 -1.32
N VAL F 54 -14.99 4.32 -2.15
CA VAL F 54 -15.18 4.32 -3.59
C VAL F 54 -14.25 3.25 -4.16
N VAL F 55 -14.81 2.34 -4.96
CA VAL F 55 -14.04 1.27 -5.57
C VAL F 55 -14.08 1.48 -7.08
N ASP F 56 -12.91 1.63 -7.70
CA ASP F 56 -12.83 1.80 -9.14
C ASP F 56 -11.51 1.27 -9.64
N ARG F 57 -11.53 0.52 -10.73
CA ARG F 57 -10.32 -0.07 -11.27
C ARG F 57 -9.40 1.07 -11.78
N ASP F 58 -10.01 2.19 -12.13
CA ASP F 58 -9.28 3.40 -12.53
C ASP F 58 -9.05 4.30 -11.32
N GLU F 59 -7.80 4.36 -10.86
CA GLU F 59 -7.52 4.99 -9.58
C GLU F 59 -7.73 6.49 -9.63
N ARG F 60 -7.40 7.11 -10.74
CA ARG F 60 -7.60 8.54 -10.90
C ARG F 60 -9.06 8.91 -10.75
N VAL F 61 -9.93 8.17 -11.42
CA VAL F 61 -11.35 8.44 -11.36
C VAL F 61 -11.89 8.17 -9.95
N GLY F 62 -11.43 7.09 -9.33
CA GLY F 62 -11.83 6.72 -7.99
C GLY F 62 -11.40 7.72 -6.94
N THR F 63 -10.19 8.26 -7.08
CA THR F 63 -9.67 9.21 -6.11
C THR F 63 -10.38 10.56 -6.21
N ASP F 64 -10.68 10.99 -7.43
CA ASP F 64 -11.48 12.19 -7.65
C ASP F 64 -12.83 12.12 -6.97
N LEU F 65 -13.48 10.96 -7.06
CA LEU F 65 -14.80 10.85 -6.49
C LEU F 65 -14.71 10.77 -4.96
N ALA F 66 -13.76 9.98 -4.47
CA ALA F 66 -13.62 9.81 -3.03
C ALA F 66 -13.31 11.12 -2.34
N THR F 67 -12.37 11.87 -2.91
CA THR F 67 -12.01 13.20 -2.42
C THR F 67 -13.20 14.13 -2.34
N ARG F 68 -14.04 14.11 -3.36
CA ARG F 68 -15.21 14.97 -3.40
C ARG F 68 -16.15 14.67 -2.24
N PHE F 69 -16.24 13.41 -1.83
CA PHE F 69 -17.17 13.04 -0.77
C PHE F 69 -16.51 12.54 0.53
N GLY F 70 -15.20 12.67 0.66
CA GLY F 70 -14.49 12.31 1.88
C GLY F 70 -14.41 10.82 2.17
N ALA F 71 -14.32 10.00 1.14
CA ALA F 71 -14.31 8.57 1.34
C ALA F 71 -12.91 8.01 1.13
N ARG F 72 -12.71 6.77 1.54
CA ARG F 72 -11.49 6.05 1.22
C ARG F 72 -11.58 5.62 -0.23
N VAL F 73 -10.45 5.42 -0.87
CA VAL F 73 -10.45 4.97 -2.25
C VAL F 73 -9.70 3.65 -2.37
N THR F 74 -10.14 2.78 -3.26
CA THR F 74 -9.41 1.54 -3.52
C THR F 74 -9.70 1.06 -4.92
N THR F 75 -8.76 0.30 -5.49
CA THR F 75 -8.96 -0.37 -6.76
C THR F 75 -9.47 -1.81 -6.60
N THR F 76 -9.64 -2.28 -5.36
CA THR F 76 -10.12 -3.64 -5.12
C THR F 76 -11.40 -3.72 -4.28
N LEU F 77 -12.40 -4.39 -4.81
CA LEU F 77 -13.63 -4.58 -4.04
C LEU F 77 -13.36 -5.34 -2.75
N ASP F 78 -12.35 -6.22 -2.73
CA ASP F 78 -11.99 -7.00 -1.52
C ASP F 78 -11.67 -6.10 -0.32
N GLU F 79 -10.98 -4.99 -0.59
CA GLU F 79 -10.56 -4.11 0.48
C GLU F 79 -11.76 -3.44 1.14
N ALA F 80 -12.80 -3.15 0.37
CA ALA F 80 -13.98 -2.47 0.90
C ALA F 80 -14.87 -3.43 1.69
N LEU F 81 -14.97 -4.68 1.22
CA LEU F 81 -15.71 -5.74 1.90
C LEU F 81 -14.98 -6.21 3.16
N ALA F 82 -13.68 -5.92 3.24
CA ALA F 82 -12.91 -6.29 4.42
C ALA F 82 -13.27 -5.35 5.57
N ASP F 83 -13.92 -4.23 5.23
CA ASP F 83 -14.42 -3.27 6.21
C ASP F 83 -15.82 -3.69 6.66
N ASP F 84 -15.92 -4.17 7.89
CA ASP F 84 -17.16 -4.74 8.40
C ASP F 84 -18.21 -3.67 8.66
N THR F 85 -17.84 -2.42 8.61
CA THR F 85 -18.82 -1.33 8.71
C THR F 85 -19.69 -1.21 7.44
N VAL F 86 -19.13 -1.60 6.29
CA VAL F 86 -19.86 -1.60 5.02
C VAL F 86 -20.97 -2.65 5.00
N ARG F 87 -22.22 -2.21 4.98
CA ARG F 87 -23.38 -3.09 5.00
C ARG F 87 -24.10 -3.07 3.67
N PHE F 88 -23.74 -2.11 2.81
CA PHE F 88 -24.49 -1.85 1.60
C PHE F 88 -23.56 -1.37 0.49
N VAL F 89 -23.59 -2.07 -0.64
CA VAL F 89 -22.79 -1.73 -1.78
C VAL F 89 -23.65 -1.35 -2.98
N VAL F 90 -23.33 -0.22 -3.60
CA VAL F 90 -23.91 0.19 -4.86
C VAL F 90 -22.97 -0.22 -5.99
N VAL F 91 -23.51 -0.89 -6.99
CA VAL F 91 -22.73 -1.37 -8.12
C VAL F 91 -23.07 -0.64 -9.41
N ALA F 92 -22.17 0.23 -9.85
CA ALA F 92 -22.37 1.04 -11.05
C ALA F 92 -21.16 0.96 -12.00
N THR F 93 -20.95 -0.24 -12.52
CA THR F 93 -19.82 -0.55 -13.37
C THR F 93 -20.41 -0.94 -14.73
N PRO F 94 -19.58 -1.20 -15.75
CA PRO F 94 -20.10 -1.74 -17.01
C PRO F 94 -20.94 -3.00 -16.80
N ALA F 95 -21.94 -3.18 -17.66
CA ALA F 95 -22.97 -4.20 -17.42
C ALA F 95 -22.43 -5.62 -17.19
N ALA F 96 -21.40 -6.05 -17.91
CA ALA F 96 -20.94 -7.44 -17.81
C ALA F 96 -20.31 -7.77 -16.49
N THR F 97 -19.88 -6.74 -15.76
CA THR F 97 -19.27 -6.96 -14.47
C THR F 97 -20.28 -7.05 -13.35
N HIS F 98 -21.53 -6.71 -13.63
CA HIS F 98 -22.54 -6.67 -12.58
C HIS F 98 -22.66 -8.02 -11.87
N GLU F 99 -22.82 -9.11 -12.65
CA GLU F 99 -22.99 -10.45 -12.08
C GLU F 99 -21.82 -10.88 -11.15
N PRO F 100 -20.57 -10.88 -11.66
CA PRO F 100 -19.50 -11.29 -10.74
C PRO F 100 -19.31 -10.34 -9.54
N ILE F 101 -19.59 -9.05 -9.71
CA ILE F 101 -19.47 -8.16 -8.57
C ILE F 101 -20.59 -8.39 -7.54
N ALA F 102 -21.84 -8.43 -7.99
CA ALA F 102 -22.94 -8.68 -7.06
C ALA F 102 -22.77 -10.02 -6.35
N ALA F 103 -22.33 -11.03 -7.10
CA ALA F 103 -22.13 -12.35 -6.53
C ALA F 103 -21.12 -12.24 -5.39
N GLN F 104 -20.06 -11.46 -5.59
CA GLN F 104 -19.06 -11.29 -4.56
C GLN F 104 -19.61 -10.53 -3.35
N VAL F 105 -20.39 -9.49 -3.60
CA VAL F 105 -20.98 -8.71 -2.52
C VAL F 105 -21.90 -9.58 -1.65
N ILE F 106 -22.78 -10.33 -2.29
CA ILE F 106 -23.73 -11.19 -1.63
C ILE F 106 -23.05 -12.33 -0.87
N ALA F 107 -21.97 -12.85 -1.44
CA ALA F 107 -21.24 -13.91 -0.77
C ALA F 107 -20.62 -13.36 0.52
N ALA F 108 -20.23 -12.09 0.52
CA ALA F 108 -19.71 -11.47 1.73
C ALA F 108 -20.80 -11.08 2.73
N GLY F 109 -22.05 -11.39 2.40
CA GLY F 109 -23.17 -11.04 3.24
C GLY F 109 -23.56 -9.56 3.30
N ARG F 110 -23.27 -8.78 2.25
CA ARG F 110 -23.75 -7.39 2.22
C ARG F 110 -25.01 -7.21 1.35
N ASN F 111 -25.75 -6.18 1.65
CA ASN F 111 -26.83 -5.73 0.79
C ASN F 111 -26.26 -5.03 -0.44
N VAL F 112 -26.91 -5.21 -1.59
CA VAL F 112 -26.39 -4.65 -2.84
C VAL F 112 -27.48 -4.02 -3.72
N LEU F 113 -27.16 -2.87 -4.29
CA LEU F 113 -27.96 -2.23 -5.31
C LEU F 113 -27.16 -2.32 -6.61
N VAL F 114 -27.75 -2.98 -7.60
CA VAL F 114 -27.08 -3.20 -8.87
C VAL F 114 -27.75 -2.35 -9.91
N GLU F 115 -26.97 -1.54 -10.60
CA GLU F 115 -27.50 -0.67 -11.62
C GLU F 115 -28.06 -1.52 -12.77
N LYS F 116 -29.03 -0.97 -13.48
CA LYS F 116 -29.66 -1.68 -14.57
C LYS F 116 -28.65 -2.03 -15.66
N PRO F 117 -29.11 -2.84 -16.62
CA PRO F 117 -28.96 -4.26 -16.86
C PRO F 117 -28.48 -4.91 -15.58
N LEU F 118 -29.41 -5.52 -14.84
CA LEU F 118 -29.03 -6.31 -13.67
C LEU F 118 -27.93 -7.30 -14.09
N VAL F 119 -28.29 -8.20 -15.00
CA VAL F 119 -27.40 -9.17 -15.61
C VAL F 119 -27.91 -9.39 -17.02
N LEU F 120 -27.17 -10.14 -17.83
CA LEU F 120 -27.60 -10.46 -19.20
C LEU F 120 -28.52 -11.69 -19.28
N SER F 121 -28.17 -12.75 -18.55
CA SER F 121 -28.93 -14.00 -18.70
C SER F 121 -29.96 -14.19 -17.57
N THR F 122 -31.08 -14.79 -17.93
CA THR F 122 -32.14 -15.04 -16.98
C THR F 122 -31.69 -16.01 -15.91
N GLY F 123 -30.88 -16.98 -16.29
CA GLY F 123 -30.36 -17.94 -15.33
C GLY F 123 -29.58 -17.28 -14.20
N HIS F 124 -28.63 -16.41 -14.55
CA HIS F 124 -27.88 -15.63 -13.57
C HIS F 124 -28.74 -14.70 -12.71
N ALA F 125 -29.80 -14.16 -13.28
CA ALA F 125 -30.65 -13.30 -12.47
C ALA F 125 -31.36 -14.12 -11.37
N ARG F 126 -31.89 -15.29 -11.72
CA ARG F 126 -32.50 -16.13 -10.70
C ARG F 126 -31.47 -16.59 -9.68
N GLN F 127 -30.26 -16.86 -10.16
CA GLN F 127 -29.15 -17.26 -9.30
C GLN F 127 -28.80 -16.21 -8.24
N LEU F 128 -28.70 -14.95 -8.66
CA LEU F 128 -28.40 -13.88 -7.72
C LEU F 128 -29.54 -13.68 -6.72
N ALA F 129 -30.77 -13.75 -7.22
CA ALA F 129 -31.93 -13.63 -6.36
C ALA F 129 -31.95 -14.72 -5.30
N ALA F 130 -31.69 -15.96 -5.71
CA ALA F 130 -31.67 -17.07 -4.75
C ALA F 130 -30.54 -16.88 -3.75
N ALA F 131 -29.39 -16.43 -4.22
CA ALA F 131 -28.25 -16.25 -3.33
C ALA F 131 -28.56 -15.17 -2.29
N ALA F 132 -29.17 -14.09 -2.73
CA ALA F 132 -29.47 -12.99 -1.81
C ALA F 132 -30.54 -13.37 -0.80
N HIS F 133 -31.52 -14.14 -1.25
CA HIS F 133 -32.57 -14.61 -0.38
C HIS F 133 -32.01 -15.57 0.66
N GLU F 134 -31.06 -16.40 0.24
CA GLU F 134 -30.44 -17.36 1.14
C GLU F 134 -29.64 -16.70 2.27
N ARG F 135 -28.83 -15.71 1.90
CA ARG F 135 -28.00 -15.04 2.90
C ARG F 135 -28.76 -13.94 3.62
N GLY F 136 -30.04 -13.79 3.31
CA GLY F 136 -30.87 -12.79 3.96
C GLY F 136 -30.54 -11.33 3.71
N VAL F 137 -29.98 -10.99 2.54
CA VAL F 137 -29.70 -9.59 2.26
C VAL F 137 -30.60 -9.02 1.19
N VAL F 138 -30.66 -7.69 1.13
CA VAL F 138 -31.44 -7.03 0.07
C VAL F 138 -30.66 -7.03 -1.25
N LEU F 139 -31.32 -7.52 -2.29
CA LEU F 139 -30.83 -7.37 -3.66
C LEU F 139 -31.77 -6.42 -4.41
N ALA F 140 -31.30 -5.22 -4.72
CA ALA F 140 -32.12 -4.26 -5.41
C ALA F 140 -31.52 -3.94 -6.79
N HIS F 141 -32.36 -3.49 -7.71
CA HIS F 141 -31.87 -3.10 -9.03
C HIS F 141 -32.23 -1.66 -9.33
N GLY F 142 -31.44 -1.04 -10.19
CA GLY F 142 -31.52 0.38 -10.38
C GLY F 142 -32.48 0.91 -11.44
N GLY F 143 -33.71 0.45 -11.42
CA GLY F 143 -34.73 1.01 -12.30
C GLY F 143 -35.39 2.25 -11.71
N ASN F 144 -34.75 3.40 -11.89
CA ASN F 144 -35.10 4.60 -11.16
C ASN F 144 -36.38 5.29 -11.63
N PHE F 145 -36.73 5.15 -12.91
CA PHE F 145 -37.85 5.92 -13.45
C PHE F 145 -39.19 5.46 -12.90
N VAL F 146 -39.30 4.25 -12.37
CA VAL F 146 -40.55 3.87 -11.69
C VAL F 146 -40.65 4.54 -10.32
N TYR F 147 -39.65 5.33 -9.94
CA TYR F 147 -39.71 6.07 -8.68
C TYR F 147 -39.82 7.57 -8.93
N ALA F 148 -39.76 7.96 -10.18
CA ALA F 148 -39.82 9.37 -10.55
C ALA F 148 -41.18 9.90 -10.14
N PRO F 149 -41.22 10.99 -9.37
CA PRO F 149 -42.49 11.50 -8.81
C PRO F 149 -43.59 11.78 -9.87
N LYS F 150 -43.22 12.28 -11.05
CA LYS F 150 -44.17 12.55 -12.10
C LYS F 150 -44.77 11.23 -12.59
N PHE F 151 -43.94 10.20 -12.70
CA PHE F 151 -44.40 8.92 -13.23
C PHE F 151 -45.26 8.16 -12.21
N VAL F 152 -44.95 8.30 -10.93
CA VAL F 152 -45.71 7.66 -9.87
C VAL F 152 -47.16 8.15 -9.91
N ARG F 153 -47.30 9.44 -10.19
CA ARG F 153 -48.60 10.07 -10.25
C ARG F 153 -49.37 9.57 -11.45
N ALA F 154 -48.70 9.50 -12.59
CA ALA F 154 -49.28 8.97 -13.81
C ALA F 154 -49.74 7.53 -13.62
N HIS F 155 -48.92 6.75 -12.92
CA HIS F 155 -49.24 5.37 -12.64
C HIS F 155 -50.49 5.24 -11.78
N GLU F 156 -50.63 6.09 -10.78
CA GLU F 156 -51.83 6.10 -9.96
C GLU F 156 -53.08 6.35 -10.82
N LEU F 157 -52.98 7.32 -11.72
CA LEU F 157 -54.10 7.63 -12.60
C LEU F 157 -54.37 6.50 -13.59
N ALA F 158 -53.31 5.87 -14.09
CA ALA F 158 -53.49 4.77 -15.02
C ALA F 158 -54.11 3.55 -14.35
N ALA F 159 -54.17 3.54 -13.02
CA ALA F 159 -54.70 2.39 -12.32
C ALA F 159 -56.17 2.59 -11.95
N ASP F 160 -56.73 3.74 -12.33
CA ASP F 160 -58.14 4.03 -12.11
C ASP F 160 -58.96 3.36 -13.20
N ARG F 161 -59.46 2.16 -12.90
CA ARG F 161 -60.11 1.33 -13.89
C ARG F 161 -61.41 1.94 -14.41
N GLU F 162 -62.10 2.67 -13.55
CA GLU F 162 -63.31 3.35 -13.96
C GLU F 162 -63.02 4.46 -14.98
N ALA F 163 -61.93 5.20 -14.76
CA ALA F 163 -61.56 6.29 -15.65
C ALA F 163 -61.03 5.79 -16.99
N LEU F 164 -60.31 4.68 -17.00
CA LEU F 164 -59.59 4.28 -18.21
C LEU F 164 -60.31 3.22 -19.01
N GLY F 165 -61.20 2.47 -18.37
CA GLY F 165 -61.80 1.32 -19.02
C GLY F 165 -60.79 0.22 -19.29
N THR F 166 -61.01 -0.49 -20.40
CA THR F 166 -60.13 -1.59 -20.77
C THR F 166 -58.84 -1.03 -21.34
N VAL F 167 -57.73 -1.21 -20.64
CA VAL F 167 -56.45 -0.69 -21.11
C VAL F 167 -55.87 -1.54 -22.24
N HIS F 168 -55.61 -0.96 -23.40
CA HIS F 168 -55.16 -1.77 -24.53
C HIS F 168 -53.81 -1.34 -25.08
N SER F 169 -53.33 -0.18 -24.67
CA SER F 169 -52.08 0.33 -25.22
C SER F 169 -51.19 0.97 -24.18
N VAL F 170 -49.91 0.66 -24.26
CA VAL F 170 -48.93 1.42 -23.53
C VAL F 170 -47.75 1.64 -24.44
N ARG F 171 -47.18 2.83 -24.37
CA ARG F 171 -46.01 3.12 -25.15
C ARG F 171 -44.98 3.90 -24.34
N VAL F 172 -43.74 3.45 -24.39
CA VAL F 172 -42.68 4.23 -23.80
C VAL F 172 -41.65 4.55 -24.84
N ALA F 173 -41.32 5.83 -24.99
CA ALA F 173 -40.29 6.26 -25.90
C ALA F 173 -39.13 6.82 -25.11
N PHE F 174 -37.94 6.34 -25.42
CA PHE F 174 -36.75 6.80 -24.70
C PHE F 174 -35.68 7.16 -25.74
N ARG F 175 -35.38 8.44 -25.89
CA ARG F 175 -34.41 8.89 -26.86
C ARG F 175 -33.29 9.72 -26.28
N THR F 176 -32.07 9.38 -26.65
CA THR F 176 -30.87 10.11 -26.29
C THR F 176 -29.95 10.29 -27.49
N SER F 177 -28.87 11.03 -27.31
CA SER F 177 -27.88 11.16 -28.37
C SER F 177 -26.75 10.18 -28.12
N GLY F 178 -26.96 9.22 -27.24
CA GLY F 178 -26.04 8.12 -27.16
C GLY F 178 -24.99 8.30 -26.09
N PRO F 179 -24.30 7.21 -25.76
CA PRO F 179 -23.35 7.18 -24.65
C PRO F 179 -22.03 7.79 -25.03
N ASP F 180 -21.31 8.30 -24.06
CA ASP F 180 -20.02 8.94 -24.31
C ASP F 180 -18.82 8.04 -23.98
N THR F 181 -19.07 6.94 -23.29
CA THR F 181 -18.00 5.99 -22.93
C THR F 181 -17.95 4.80 -23.88
N ASP F 182 -16.75 4.25 -24.08
CA ASP F 182 -16.54 3.19 -25.05
C ASP F 182 -17.24 1.89 -24.74
N TRP F 183 -17.25 1.48 -23.48
CA TRP F 183 -17.73 0.14 -23.16
C TRP F 183 -19.21 -0.09 -23.52
N PHE F 184 -20.00 0.98 -23.60
CA PHE F 184 -21.42 0.88 -23.97
C PHE F 184 -21.63 0.27 -25.34
N ARG F 185 -20.63 0.42 -26.21
CA ARG F 185 -20.77 -0.01 -27.59
C ARG F 185 -20.06 -1.32 -27.91
N SER F 186 -19.64 -2.04 -26.88
CA SER F 186 -19.02 -3.33 -27.08
C SER F 186 -19.94 -4.37 -26.50
N LYS F 187 -20.33 -5.37 -27.29
CA LYS F 187 -21.31 -6.34 -26.83
C LYS F 187 -20.81 -7.18 -25.65
N ALA F 188 -19.50 -7.40 -25.59
CA ALA F 188 -18.92 -8.21 -24.53
C ALA F 188 -19.06 -7.54 -23.16
N THR F 189 -18.85 -6.23 -23.10
CA THR F 189 -18.92 -5.54 -21.83
C THR F 189 -20.29 -4.91 -21.54
N ALA F 190 -21.13 -4.74 -22.55
CA ALA F 190 -22.37 -4.01 -22.35
C ALA F 190 -23.60 -4.90 -22.47
N GLY F 191 -23.44 -6.06 -23.08
CA GLY F 191 -24.55 -6.98 -23.30
C GLY F 191 -25.42 -6.68 -24.52
N GLY F 192 -25.39 -5.42 -24.97
CA GLY F 192 -26.22 -4.99 -26.08
C GLY F 192 -26.18 -3.48 -26.15
N GLY F 193 -26.86 -2.92 -27.15
CA GLY F 193 -26.84 -1.49 -27.38
C GLY F 193 -28.04 -0.80 -26.75
N ALA F 194 -28.70 0.05 -27.53
CA ALA F 194 -29.78 0.89 -27.05
C ALA F 194 -30.93 0.09 -26.44
N LEU F 195 -31.16 -1.10 -26.97
CA LEU F 195 -32.22 -1.96 -26.48
C LEU F 195 -31.94 -2.44 -25.06
N THR F 196 -30.67 -2.55 -24.71
CA THR F 196 -30.27 -2.90 -23.35
C THR F 196 -30.20 -1.64 -22.49
N ASP F 197 -29.42 -0.68 -22.94
CA ASP F 197 -29.15 0.54 -22.21
C ASP F 197 -30.41 1.35 -21.91
N LEU F 198 -31.23 1.59 -22.90
CA LEU F 198 -32.46 2.34 -22.73
C LEU F 198 -33.65 1.41 -22.63
N GLY F 199 -33.57 0.30 -23.35
CA GLY F 199 -34.71 -0.58 -23.45
C GLY F 199 -35.10 -1.20 -22.12
N TRP F 200 -34.12 -1.34 -21.22
CA TRP F 200 -34.39 -1.79 -19.86
C TRP F 200 -35.47 -0.97 -19.23
N HIS F 201 -35.24 0.34 -19.18
CA HIS F 201 -36.19 1.29 -18.62
C HIS F 201 -37.53 1.26 -19.37
N ALA F 202 -37.48 1.20 -20.70
CA ALA F 202 -38.71 1.21 -21.48
C ALA F 202 -39.57 0.01 -21.08
N VAL F 203 -38.96 -1.16 -21.00
CA VAL F 203 -39.70 -2.37 -20.68
C VAL F 203 -40.20 -2.35 -19.25
N GLU F 204 -39.35 -1.96 -18.32
CA GLU F 204 -39.80 -1.93 -16.93
C GLU F 204 -40.95 -0.93 -16.77
N LEU F 205 -40.86 0.22 -17.45
CA LEU F 205 -41.94 1.22 -17.39
C LEU F 205 -43.26 0.72 -17.99
N CYS F 206 -43.21 0.12 -19.19
CA CYS F 206 -44.41 -0.47 -19.81
C CYS F 206 -45.12 -1.42 -18.86
N ARG F 207 -44.38 -2.42 -18.40
CA ARG F 207 -44.86 -3.46 -17.52
C ARG F 207 -45.50 -2.88 -16.24
N TRP F 208 -44.81 -1.94 -15.62
CA TRP F 208 -45.29 -1.27 -14.40
C TRP F 208 -46.58 -0.47 -14.62
N MET F 209 -46.67 0.26 -15.73
CA MET F 209 -47.83 1.10 -16.00
C MET F 209 -49.12 0.27 -16.19
N LEU F 210 -48.97 -0.98 -16.61
CA LEU F 210 -50.12 -1.85 -16.80
C LEU F 210 -50.50 -2.64 -15.56
N GLY F 211 -49.84 -2.35 -14.44
CA GLY F 211 -50.01 -3.15 -13.23
C GLY F 211 -49.29 -4.50 -13.27
N LYS F 212 -48.17 -4.56 -13.96
CA LYS F 212 -47.30 -5.73 -14.05
C LYS F 212 -47.98 -7.04 -14.47
N PRO F 213 -48.71 -7.02 -15.59
CA PRO F 213 -49.18 -8.30 -16.14
C PRO F 213 -48.04 -9.11 -16.73
N ALA F 214 -48.30 -10.37 -17.07
CA ALA F 214 -47.30 -11.21 -17.69
C ALA F 214 -47.03 -10.86 -19.16
N ILE F 215 -45.81 -11.04 -19.59
CA ILE F 215 -45.44 -10.84 -20.97
C ILE F 215 -45.46 -12.17 -21.72
N ARG F 216 -46.21 -12.21 -22.81
CA ARG F 216 -46.55 -13.45 -23.47
C ARG F 216 -45.88 -13.57 -24.83
N ALA F 217 -45.47 -12.43 -25.39
CA ALA F 217 -44.84 -12.43 -26.69
C ALA F 217 -44.08 -11.14 -26.90
N VAL F 218 -43.01 -11.22 -27.67
CA VAL F 218 -42.19 -10.07 -27.99
C VAL F 218 -41.81 -10.09 -29.48
N THR F 219 -41.94 -8.95 -30.15
CA THR F 219 -41.43 -8.76 -31.50
C THR F 219 -40.54 -7.53 -31.51
N ALA F 220 -39.37 -7.63 -32.12
CA ALA F 220 -38.41 -6.54 -32.02
C ALA F 220 -37.64 -6.28 -33.31
N CYS F 221 -37.33 -5.01 -33.55
CA CYS F 221 -36.48 -4.60 -34.65
C CYS F 221 -35.34 -3.77 -34.14
N THR F 222 -34.16 -3.95 -34.71
CA THR F 222 -32.97 -3.20 -34.35
C THR F 222 -32.09 -2.85 -35.52
N ARG F 223 -31.34 -1.77 -35.38
CA ARG F 223 -30.38 -1.29 -36.39
C ARG F 223 -29.15 -0.75 -35.72
N GLN F 224 -27.99 -0.96 -36.33
CA GLN F 224 -26.80 -0.23 -35.95
C GLN F 224 -26.60 0.90 -36.98
N LEU F 225 -26.38 2.13 -36.49
CA LEU F 225 -26.09 3.28 -37.36
C LEU F 225 -24.63 3.65 -37.24
N SER F 226 -24.15 3.68 -36.01
CA SER F 226 -22.79 4.07 -35.73
C SER F 226 -21.78 3.15 -36.42
N ALA F 227 -20.72 3.75 -36.96
CA ALA F 227 -19.63 3.01 -37.56
C ALA F 227 -18.82 2.28 -36.49
N ALA F 228 -18.87 2.82 -35.28
CA ALA F 228 -18.11 2.28 -34.16
C ALA F 228 -18.90 1.28 -33.37
N GLY F 229 -18.22 0.25 -32.90
CA GLY F 229 -18.82 -0.70 -31.99
C GLY F 229 -19.52 -1.81 -32.73
N ASP F 230 -20.22 -2.66 -32.00
CA ASP F 230 -20.88 -3.82 -32.58
C ASP F 230 -22.28 -3.99 -32.01
N VAL F 231 -22.82 -2.95 -31.41
CA VAL F 231 -24.19 -3.03 -30.89
C VAL F 231 -25.12 -2.05 -31.62
N GLU F 232 -26.42 -2.24 -31.44
CA GLU F 232 -27.43 -1.46 -32.14
C GLU F 232 -27.62 -0.07 -31.51
N ASP F 233 -28.01 0.89 -32.34
CA ASP F 233 -28.28 2.26 -31.90
C ASP F 233 -29.76 2.55 -31.73
N GLN F 234 -30.62 1.72 -32.28
CA GLN F 234 -32.04 1.99 -32.19
C GLN F 234 -32.81 0.70 -32.14
N GLY F 235 -33.98 0.74 -31.54
CA GLY F 235 -34.78 -0.46 -31.48
C GLY F 235 -36.22 -0.18 -31.18
N VAL F 236 -37.09 -1.04 -31.70
CA VAL F 236 -38.50 -1.03 -31.34
C VAL F 236 -38.90 -2.43 -30.90
N VAL F 237 -39.59 -2.52 -29.78
CA VAL F 237 -40.10 -3.80 -29.32
C VAL F 237 -41.61 -3.72 -29.17
N LEU F 238 -42.31 -4.66 -29.79
CA LEU F 238 -43.74 -4.81 -29.56
C LEU F 238 -43.97 -5.92 -28.54
N ILE F 239 -44.62 -5.57 -27.44
CA ILE F 239 -44.89 -6.53 -26.39
C ILE F 239 -46.35 -6.90 -26.34
N GLU F 240 -46.63 -8.19 -26.31
CA GLU F 240 -47.99 -8.64 -26.09
C GLU F 240 -48.15 -9.07 -24.64
N PHE F 241 -49.02 -8.38 -23.92
CA PHE F 241 -49.29 -8.76 -22.55
C PHE F 241 -50.45 -9.72 -22.46
N ALA F 242 -50.56 -10.41 -21.33
CA ALA F 242 -51.61 -11.42 -21.16
C ALA F 242 -53.00 -10.83 -21.24
N ASP F 243 -53.18 -9.61 -20.73
CA ASP F 243 -54.49 -8.97 -20.71
C ASP F 243 -54.91 -8.45 -22.09
N GLY F 244 -54.15 -8.78 -23.13
CA GLY F 244 -54.44 -8.31 -24.47
C GLY F 244 -53.66 -7.08 -24.91
N ALA F 245 -53.32 -6.21 -23.95
CA ALA F 245 -52.68 -4.93 -24.27
C ALA F 245 -51.39 -5.09 -25.07
N ILE F 246 -51.13 -4.10 -25.91
CA ILE F 246 -49.94 -4.03 -26.72
C ILE F 246 -49.05 -2.91 -26.21
N GLY F 247 -47.83 -3.27 -25.83
CA GLY F 247 -46.84 -2.29 -25.40
C GLY F 247 -45.86 -1.99 -26.51
N GLN F 248 -45.50 -0.73 -26.65
CA GLN F 248 -44.44 -0.35 -27.57
C GLN F 248 -43.27 0.26 -26.80
N CYS F 249 -42.06 -0.22 -27.09
CA CYS F 249 -40.84 0.34 -26.54
C CYS F 249 -40.00 0.85 -27.69
N ASP F 250 -39.80 2.16 -27.72
CA ASP F 250 -39.12 2.82 -28.82
C ASP F 250 -37.86 3.47 -28.26
N VAL F 251 -36.70 2.91 -28.55
CA VAL F 251 -35.48 3.49 -28.02
C VAL F 251 -34.47 3.84 -29.10
N SER F 252 -33.63 4.83 -28.81
CA SER F 252 -32.65 5.33 -29.76
C SER F 252 -31.49 6.08 -29.11
N TRP F 253 -30.29 5.79 -29.59
CA TRP F 253 -29.08 6.51 -29.26
C TRP F 253 -28.74 7.58 -30.29
N ALA F 254 -29.60 7.79 -31.26
CA ALA F 254 -29.22 8.64 -32.38
C ALA F 254 -30.13 9.82 -32.52
N CYS F 255 -30.74 10.24 -31.42
CA CYS F 255 -31.70 11.33 -31.48
C CYS F 255 -31.13 12.62 -30.90
N PRO F 256 -31.10 13.68 -31.72
CA PRO F 256 -30.45 14.93 -31.33
C PRO F 256 -31.41 15.84 -30.58
N GLY F 257 -30.90 16.92 -30.01
CA GLY F 257 -31.74 17.98 -29.49
C GLY F 257 -32.10 17.90 -28.03
N GLY F 258 -31.58 16.88 -27.35
CA GLY F 258 -31.93 16.66 -25.96
C GLY F 258 -32.72 15.38 -25.73
N GLU F 259 -32.45 14.76 -24.60
CA GLU F 259 -33.10 13.56 -24.13
C GLU F 259 -34.65 13.63 -24.12
N GLN F 260 -35.31 12.53 -24.48
CA GLN F 260 -36.78 12.45 -24.40
C GLN F 260 -37.20 11.17 -23.74
N LEU F 261 -38.13 11.26 -22.80
CA LEU F 261 -38.70 10.07 -22.17
C LEU F 261 -40.16 10.30 -21.88
N THR F 262 -41.02 9.56 -22.58
CA THR F 262 -42.43 9.75 -22.45
C THR F 262 -43.12 8.42 -22.19
N VAL F 263 -44.24 8.48 -21.47
CA VAL F 263 -45.09 7.32 -21.17
C VAL F 263 -46.53 7.60 -21.59
N GLU F 264 -47.19 6.58 -22.11
CA GLU F 264 -48.54 6.75 -22.64
C GLU F 264 -49.33 5.48 -22.39
N VAL F 265 -50.45 5.62 -21.71
CA VAL F 265 -51.36 4.51 -21.45
C VAL F 265 -52.76 4.84 -21.97
N ILE F 266 -53.28 3.96 -22.82
CA ILE F 266 -54.57 4.20 -23.48
C ILE F 266 -55.60 3.09 -23.27
N GLY F 267 -56.76 3.47 -22.75
CA GLY F 267 -57.86 2.56 -22.57
C GLY F 267 -59.07 2.92 -23.42
N THR F 268 -60.17 2.21 -23.20
CA THR F 268 -61.38 2.47 -23.97
C THR F 268 -62.05 3.78 -23.53
N GLU F 269 -61.94 4.12 -22.25
CA GLU F 269 -62.66 5.26 -21.68
C GLU F 269 -61.75 6.42 -21.32
N GLY F 270 -60.45 6.18 -21.27
CA GLY F 270 -59.56 7.27 -20.90
C GLY F 270 -58.14 6.99 -21.29
N LEU F 271 -57.26 7.95 -21.03
CA LEU F 271 -55.86 7.76 -21.29
C LEU F 271 -55.04 8.61 -20.36
N VAL F 272 -53.78 8.19 -20.15
CA VAL F 272 -52.85 9.00 -19.38
C VAL F 272 -51.49 9.11 -20.08
N THR F 273 -50.91 10.30 -20.00
CA THR F 273 -49.64 10.61 -20.66
C THR F 273 -48.72 11.30 -19.67
N ALA F 274 -47.42 11.07 -19.76
CA ALA F 274 -46.49 11.81 -18.93
C ALA F 274 -45.21 11.99 -19.68
N ASP F 275 -44.62 13.15 -19.47
CA ASP F 275 -43.44 13.59 -20.22
C ASP F 275 -42.37 14.10 -19.23
N LEU F 276 -41.23 13.44 -19.16
CA LEU F 276 -40.23 13.80 -18.16
C LEU F 276 -39.47 15.10 -18.49
N TRP F 277 -38.72 15.09 -19.58
CA TRP F 277 -37.85 16.21 -19.92
C TRP F 277 -38.50 17.38 -20.67
N GLN F 278 -39.53 17.09 -21.47
CA GLN F 278 -40.25 18.14 -22.17
C GLN F 278 -41.48 18.58 -21.39
N GLY F 279 -41.64 18.05 -20.19
CA GLY F 279 -42.76 18.45 -19.35
C GLY F 279 -42.35 19.08 -18.03
N MET F 280 -41.27 19.84 -18.04
CA MET F 280 -40.76 20.43 -16.82
C MET F 280 -41.37 21.81 -16.60
N GLY F 281 -41.95 22.39 -17.64
CA GLY F 281 -42.69 23.62 -17.51
C GLY F 281 -41.85 24.88 -17.50
N VAL F 282 -40.59 24.77 -17.91
CA VAL F 282 -39.74 25.95 -18.02
C VAL F 282 -39.28 26.09 -19.45
N GLU F 283 -39.42 27.28 -20.01
CA GLU F 283 -38.90 27.57 -21.34
C GLU F 283 -37.96 28.74 -21.28
N ALA F 284 -36.97 28.76 -22.16
CA ALA F 284 -36.09 29.90 -22.23
C ALA F 284 -35.60 30.11 -23.63
N TYR F 285 -35.26 31.35 -23.95
CA TYR F 285 -34.64 31.64 -25.22
C TYR F 285 -33.48 32.58 -24.96
N THR F 286 -32.40 32.42 -25.71
CA THR F 286 -31.33 33.41 -25.71
C THR F 286 -30.63 33.53 -27.08
N ASN F 287 -30.27 34.75 -27.46
CA ASN F 287 -29.41 34.97 -28.63
C ASN F 287 -27.96 34.52 -28.40
N THR F 288 -27.53 34.45 -27.15
CA THR F 288 -26.16 34.05 -26.85
C THR F 288 -26.17 32.63 -26.31
N LYS F 289 -25.97 32.46 -25.00
CA LYS F 289 -26.18 31.16 -24.38
C LYS F 289 -26.47 31.27 -22.89
N PHE F 290 -27.03 30.22 -22.32
CA PHE F 290 -27.21 30.13 -20.87
C PHE F 290 -26.11 29.26 -20.27
N GLY F 291 -25.24 29.86 -19.47
CA GLY F 291 -24.21 29.11 -18.76
C GLY F 291 -24.66 27.91 -17.93
N ALA F 292 -25.81 27.99 -17.28
CA ALA F 292 -26.22 26.99 -16.31
C ALA F 292 -27.18 25.93 -16.85
N VAL F 293 -27.17 25.73 -18.17
CA VAL F 293 -28.06 24.76 -18.82
C VAL F 293 -27.25 23.77 -19.65
N TRP F 294 -27.58 22.49 -19.54
CA TRP F 294 -26.96 21.39 -20.29
C TRP F 294 -26.79 21.81 -21.73
N GLU F 295 -25.56 21.69 -22.22
CA GLU F 295 -25.03 22.56 -23.24
C GLU F 295 -25.36 22.24 -24.69
N PRO F 296 -26.56 21.68 -24.94
CA PRO F 296 -27.18 22.30 -26.12
C PRO F 296 -28.00 23.51 -25.62
N ASN F 297 -27.36 24.67 -25.49
CA ASN F 297 -27.89 25.76 -24.67
C ASN F 297 -28.00 27.15 -25.34
N GLN F 298 -28.24 27.15 -26.63
CA GLN F 298 -28.49 28.38 -27.35
C GLN F 298 -29.87 28.30 -27.98
N GLY F 299 -30.46 29.44 -28.28
CA GLY F 299 -31.76 29.48 -28.91
C GLY F 299 -32.83 29.05 -27.93
N TRP F 300 -33.83 28.33 -28.41
CA TRP F 300 -34.95 27.89 -27.59
C TRP F 300 -34.62 26.64 -26.82
N LEU F 301 -34.89 26.68 -25.52
CA LEU F 301 -34.52 25.64 -24.60
C LEU F 301 -35.69 25.23 -23.75
N ARG F 302 -35.74 23.96 -23.36
CA ARG F 302 -36.60 23.55 -22.27
C ARG F 302 -35.77 22.98 -21.10
N PRO F 303 -35.20 23.86 -20.26
CA PRO F 303 -34.26 23.50 -19.20
C PRO F 303 -34.88 22.62 -18.13
N GLU F 304 -34.06 21.71 -17.62
CA GLU F 304 -34.52 20.85 -16.55
C GLU F 304 -34.36 21.57 -15.21
N TRP F 305 -35.13 21.13 -14.22
CA TRP F 305 -34.94 21.52 -12.83
C TRP F 305 -34.94 20.26 -12.00
N GLU F 306 -34.15 20.26 -10.92
CA GLU F 306 -33.99 19.10 -10.04
C GLU F 306 -33.95 17.75 -10.76
N TRP F 307 -33.03 17.60 -11.72
CA TRP F 307 -33.09 16.45 -12.61
C TRP F 307 -32.84 15.12 -11.90
N ILE F 308 -32.07 15.13 -10.82
CA ILE F 308 -31.80 13.92 -10.08
C ILE F 308 -33.04 13.42 -9.33
N ARG F 309 -33.64 14.28 -8.54
CA ARG F 309 -34.84 13.93 -7.83
C ARG F 309 -35.98 13.59 -8.82
N ASN F 310 -36.10 14.37 -9.88
CA ASN F 310 -37.17 14.16 -10.84
C ASN F 310 -36.98 12.88 -11.68
N SER F 311 -35.74 12.41 -11.82
CA SER F 311 -35.52 11.12 -12.48
C SER F 311 -35.81 9.92 -11.58
N GLY F 312 -36.05 10.19 -10.30
CA GLY F 312 -36.38 9.15 -9.36
C GLY F 312 -35.23 8.56 -8.56
N TYR F 313 -34.02 9.09 -8.73
CA TYR F 313 -32.86 8.53 -8.04
C TYR F 313 -32.93 8.69 -6.52
N VAL F 314 -33.41 9.84 -6.07
CA VAL F 314 -33.59 10.12 -4.65
C VAL F 314 -34.59 9.13 -4.02
N HIS F 315 -35.74 8.92 -4.63
CA HIS F 315 -36.75 8.05 -4.01
C HIS F 315 -36.37 6.60 -4.06
N GLN F 316 -35.71 6.19 -5.13
CA GLN F 316 -35.17 4.84 -5.25
C GLN F 316 -34.20 4.54 -4.12
N ASP F 317 -33.20 5.42 -3.97
CA ASP F 317 -32.13 5.16 -3.02
C ASP F 317 -32.63 5.22 -1.58
N ARG F 318 -33.61 6.07 -1.33
CA ARG F 318 -34.22 6.13 0.00
C ARG F 318 -34.97 4.83 0.33
N GLN F 319 -35.63 4.24 -0.66
CA GLN F 319 -36.38 3.01 -0.45
C GLN F 319 -35.45 1.81 -0.24
N VAL F 320 -34.30 1.81 -0.89
CA VAL F 320 -33.35 0.71 -0.71
C VAL F 320 -32.72 0.82 0.68
N VAL F 321 -32.43 2.05 1.11
CA VAL F 321 -31.88 2.27 2.42
C VAL F 321 -32.92 1.92 3.49
N ASP F 322 -34.19 2.28 3.24
CA ASP F 322 -35.26 1.88 4.15
C ASP F 322 -35.31 0.36 4.29
N ALA F 323 -35.22 -0.34 3.17
CA ALA F 323 -35.27 -1.77 3.15
C ALA F 323 -34.15 -2.43 3.97
N VAL F 324 -32.94 -1.95 3.81
CA VAL F 324 -31.78 -2.43 4.55
C VAL F 324 -31.90 -2.11 6.04
N LEU F 325 -32.32 -0.89 6.37
CA LEU F 325 -32.31 -0.40 7.75
C LEU F 325 -33.54 -0.69 8.56
N ASP F 326 -34.68 -0.89 7.90
CA ASP F 326 -35.94 -0.96 8.63
C ASP F 326 -36.77 -2.16 8.24
N GLY F 327 -36.22 -3.02 7.38
CA GLY F 327 -36.98 -4.14 6.86
C GLY F 327 -38.17 -3.70 6.02
N ARG F 328 -38.25 -2.40 5.71
CA ARG F 328 -39.31 -1.84 4.87
C ARG F 328 -39.41 -2.52 3.50
N PRO F 329 -40.47 -3.32 3.29
CA PRO F 329 -40.64 -4.12 2.07
C PRO F 329 -40.56 -3.27 0.82
N MET F 330 -39.87 -3.75 -0.20
CA MET F 330 -39.69 -2.95 -1.40
C MET F 330 -40.79 -3.23 -2.40
N THR F 331 -41.23 -2.16 -3.07
CA THR F 331 -42.24 -2.22 -4.10
C THR F 331 -41.78 -3.01 -5.31
N HIS F 332 -40.57 -2.72 -5.76
CA HIS F 332 -39.98 -3.42 -6.90
C HIS F 332 -38.87 -4.36 -6.42
N THR F 333 -38.90 -5.58 -6.95
CA THR F 333 -38.21 -6.72 -6.39
C THR F 333 -37.38 -7.44 -7.45
N PRO F 334 -36.53 -8.40 -7.05
CA PRO F 334 -35.81 -9.22 -8.03
C PRO F 334 -36.72 -9.90 -9.07
N ASP F 335 -37.95 -10.21 -8.68
CA ASP F 335 -38.93 -10.78 -9.60
C ASP F 335 -39.19 -9.88 -10.81
N ASP F 336 -39.23 -8.58 -10.59
CA ASP F 336 -39.45 -7.63 -11.67
C ASP F 336 -38.24 -7.58 -12.58
N ALA F 337 -37.06 -7.61 -11.97
CA ALA F 337 -35.81 -7.55 -12.71
C ALA F 337 -35.64 -8.79 -13.60
N VAL F 338 -35.98 -9.95 -13.06
CA VAL F 338 -35.95 -11.21 -13.82
C VAL F 338 -36.89 -11.18 -15.05
N ALA F 339 -38.08 -10.61 -14.88
CA ALA F 339 -39.04 -10.46 -15.98
C ALA F 339 -38.52 -9.53 -17.07
N VAL F 340 -37.84 -8.46 -16.70
CA VAL F 340 -37.23 -7.59 -17.69
C VAL F 340 -36.05 -8.26 -18.38
N VAL F 341 -35.22 -8.99 -17.62
CA VAL F 341 -34.08 -9.67 -18.24
C VAL F 341 -34.54 -10.64 -19.31
N GLU F 342 -35.61 -11.37 -19.01
CA GLU F 342 -36.12 -12.36 -19.94
C GLU F 342 -36.72 -11.68 -21.17
N THR F 343 -37.42 -10.58 -20.98
CA THR F 343 -38.01 -9.85 -22.07
C THR F 343 -36.95 -9.29 -23.01
N LEU F 344 -35.82 -8.86 -22.46
CA LEU F 344 -34.73 -8.36 -23.29
C LEU F 344 -34.09 -9.49 -24.08
N GLU F 345 -33.90 -10.66 -23.46
CA GLU F 345 -33.35 -11.80 -24.20
C GLU F 345 -34.29 -12.18 -25.35
N ALA F 346 -35.59 -12.20 -25.10
CA ALA F 346 -36.58 -12.50 -26.14
C ALA F 346 -36.52 -11.50 -27.30
N ALA F 347 -36.42 -10.21 -26.97
CA ALA F 347 -36.30 -9.16 -27.98
C ALA F 347 -35.10 -9.33 -28.91
N TYR F 348 -33.94 -9.62 -28.35
CA TYR F 348 -32.78 -9.84 -29.19
C TYR F 348 -32.92 -11.09 -30.07
N ARG F 349 -33.59 -12.10 -29.55
CA ARG F 349 -33.82 -13.32 -30.31
C ARG F 349 -34.75 -13.02 -31.49
N SER F 350 -35.84 -12.30 -31.21
CA SER F 350 -36.79 -11.90 -32.22
C SER F 350 -36.18 -11.05 -33.32
N ALA F 351 -35.33 -10.10 -32.93
CA ALA F 351 -34.75 -9.19 -33.90
C ALA F 351 -33.74 -9.91 -34.77
N ALA F 352 -33.22 -11.02 -34.26
CA ALA F 352 -32.25 -11.82 -34.97
C ALA F 352 -32.95 -12.79 -35.92
N ASP F 353 -34.04 -13.41 -35.47
CA ASP F 353 -34.78 -14.39 -36.28
C ASP F 353 -35.86 -13.77 -37.18
N GLY F 354 -36.20 -12.51 -36.94
CA GLY F 354 -37.30 -11.88 -37.61
C GLY F 354 -38.62 -12.56 -37.25
N ARG F 355 -38.77 -12.97 -36.00
CA ARG F 355 -39.96 -13.72 -35.61
C ARG F 355 -40.51 -13.30 -34.25
N LYS F 356 -41.82 -13.41 -34.08
CA LYS F 356 -42.41 -13.28 -32.77
C LYS F 356 -41.82 -14.37 -31.85
N VAL F 357 -41.47 -13.98 -30.64
CA VAL F 357 -41.02 -14.90 -29.61
C VAL F 357 -42.08 -15.03 -28.53
N GLU F 358 -42.59 -16.24 -28.31
CA GLU F 358 -43.62 -16.45 -27.28
C GLU F 358 -43.00 -16.91 -25.97
N MET F 359 -43.54 -16.42 -24.87
CA MET F 359 -42.91 -16.61 -23.57
C MET F 359 -43.92 -16.41 -22.45
N ASN F 360 -43.44 -16.49 -21.21
CA ASN F 360 -44.24 -16.19 -20.05
C ASN F 360 -43.32 -15.68 -18.96
N ALA F 361 -43.31 -14.38 -18.74
CA ALA F 361 -42.44 -13.75 -17.75
C ALA F 361 -43.19 -12.76 -16.86
PA NAD G . 10.51 -15.82 -14.75
O1A NAD G . 11.06 -14.52 -14.10
O2A NAD G . 11.50 -16.90 -14.88
O5B NAD G . 9.96 -15.47 -16.18
C5B NAD G . 9.09 -14.36 -16.33
C4B NAD G . 9.12 -14.01 -17.84
O4B NAD G . 8.15 -13.21 -18.15
C3B NAD G . 10.39 -13.26 -18.14
O3B NAD G . 10.96 -13.81 -19.25
C2B NAD G . 9.93 -11.80 -18.41
O2B NAD G . 10.85 -11.19 -19.39
C1B NAD G . 8.79 -11.99 -18.95
N9A NAD G . 7.87 -10.88 -18.80
C8A NAD G . 7.74 -9.99 -17.80
N7A NAD G . 6.71 -9.17 -18.10
C5A NAD G . 6.21 -9.55 -19.28
C6A NAD G . 5.20 -9.05 -20.04
N6A NAD G . 4.37 -7.99 -19.75
N1A NAD G . 4.89 -9.63 -21.19
C2A NAD G . 5.60 -10.69 -21.63
N3A NAD G . 6.62 -11.18 -20.88
C4A NAD G . 6.93 -10.61 -19.71
O3 NAD G . 9.30 -16.27 -13.88
PN NAD G . 8.63 -17.72 -13.82
O1N NAD G . 8.56 -18.42 -15.14
O2N NAD G . 9.34 -18.57 -12.78
O5D NAD G . 7.16 -17.47 -13.33
C5D NAD G . 6.16 -17.00 -14.22
C4D NAD G . 4.78 -17.43 -13.70
O4D NAD G . 4.68 -18.71 -13.52
C3D NAD G . 4.52 -16.82 -12.29
O3D NAD G . 3.27 -16.43 -12.22
C2D NAD G . 4.84 -17.97 -11.32
O2D NAD G . 4.10 -17.77 -10.05
C1D NAD G . 4.46 -19.03 -11.96
N1N NAD G . 5.19 -20.20 -11.60
C2N NAD G . 4.50 -21.40 -11.47
C3N NAD G . 5.15 -22.57 -11.11
C7N NAD G . 4.32 -23.86 -10.96
O7N NAD G . 4.82 -24.85 -10.58
N7N NAD G . 2.92 -23.81 -11.26
C4N NAD G . 6.51 -22.58 -10.87
C5N NAD G . 7.22 -21.39 -11.01
C6N NAD G . 6.54 -20.19 -11.38
PA NAD H . 28.90 -1.88 -3.72
O1A NAD H . 28.32 -3.13 -4.42
O2A NAD H . 30.13 -1.44 -4.41
O5B NAD H . 29.33 -2.24 -2.22
C5B NAD H . 28.36 -2.64 -1.26
C4B NAD H . 29.06 -3.56 -0.21
O4B NAD H . 28.23 -3.92 0.74
C3B NAD H . 29.51 -4.83 -0.87
O3B NAD H . 30.86 -4.96 -0.70
C2B NAD H . 28.76 -5.97 -0.11
O2B NAD H . 29.69 -7.13 -0.01
C1B NAD H . 28.51 -5.45 1.03
N9A NAD H . 27.32 -5.99 1.68
C8A NAD H . 26.20 -6.49 1.13
N7A NAD H . 25.37 -6.83 2.13
C5A NAD H . 25.97 -6.54 3.29
C6A NAD H . 25.56 -6.70 4.60
N6A NAD H . 24.37 -7.22 5.08
N1A NAD H . 26.36 -6.32 5.58
C2A NAD H . 27.58 -5.78 5.29
N3A NAD H . 27.97 -5.64 4.01
C4A NAD H . 27.17 -6.02 3.01
O3 NAD H . 27.83 -0.75 -3.72
PN NAD H . 28.06 0.81 -3.44
O1N NAD H . 28.31 1.55 -4.67
O2N NAD H . 29.25 0.98 -2.46
O5D NAD H . 26.78 1.40 -2.82
C5D NAD H . 26.43 1.07 -1.48
C4D NAD H . 25.56 2.20 -0.93
O4D NAD H . 26.08 3.35 -1.24
C3D NAD H . 24.17 2.20 -1.65
O3D NAD H . 23.22 2.57 -0.82
C2D NAD H . 24.35 3.25 -2.76
O2D NAD H . 23.01 3.71 -3.22
C1D NAD H . 25.02 4.17 -2.15
N1N NAD H . 25.76 5.01 -3.04
C2N NAD H . 25.81 6.38 -2.82
C3N NAD H . 26.55 7.19 -3.67
C7N NAD H . 26.61 8.71 -3.45
O7N NAD H . 27.06 9.39 -4.31
N7N NAD H . 26.12 9.30 -2.24
C4N NAD H . 27.22 6.65 -4.75
C5N NAD H . 27.17 5.29 -4.97
C6N NAD H . 26.43 4.46 -4.10
PA NAD I . -3.95 -43.12 36.21
O1A NAD I . -5.50 -43.01 36.18
O2A NAD I . -3.53 -44.38 35.54
O5B NAD I . -3.46 -43.18 37.72
C5B NAD I . -3.77 -42.10 38.60
C4B NAD I . -3.79 -42.68 40.03
O4B NAD I . -3.88 -41.76 40.95
C3B NAD I . -5.03 -43.53 40.20
O3B NAD I . -4.69 -44.83 40.48
C2B NAD I . -5.81 -42.88 41.37
O2B NAD I . -6.45 -43.98 42.13
C1B NAD I . -4.93 -42.25 42.04
N9A NAD I . -5.46 -41.02 42.65
C8A NAD I . -6.44 -40.21 42.20
N7A NAD I . -6.57 -39.20 43.06
C5A NAD I . -5.68 -39.36 44.04
C6A NAD I . -5.41 -38.62 45.17
N6A NAD I . -6.03 -37.45 45.57
N1A NAD I . -4.45 -39.00 46.00
C2A NAD I . -3.74 -40.14 45.75
N3A NAD I . -4.02 -40.88 44.65
C4A NAD I . -4.98 -40.49 43.79
O3 NAD I . -3.33 -41.87 35.51
PN NAD I . -1.87 -41.68 34.90
O1N NAD I . -1.83 -42.07 33.46
O2N NAD I . -0.83 -42.48 35.66
O5D NAD I . -1.53 -40.15 35.01
C5D NAD I . -1.10 -39.62 36.26
C4D NAD I . -0.22 -38.38 36.02
O4D NAD I . 0.81 -38.68 35.30
C3D NAD I . -1.03 -37.33 35.18
O3D NAD I . -0.77 -36.09 35.57
C2D NAD I . -0.53 -37.55 33.75
O2D NAD I . -0.69 -36.29 32.98
C1D NAD I . 0.73 -37.84 33.93
N1N NAD I . 1.22 -38.61 32.84
C2N NAD I . 2.47 -38.29 32.30
C3N NAD I . 2.99 -39.02 31.23
C7N NAD I . 4.36 -38.66 30.64
O7N NAD I . 4.75 -39.21 29.68
N7N NAD I . 5.17 -37.66 31.24
C4N NAD I . 2.27 -40.06 30.69
C5N NAD I . 1.02 -40.38 31.22
C6N NAD I . 0.50 -39.65 32.30
PA NAD J . 2.90 9.18 24.16
O1A NAD J . 4.43 8.99 23.99
O2A NAD J . 2.34 7.94 24.78
O5B NAD J . 2.22 9.44 22.75
C5B NAD J . 2.56 10.62 22.01
C4B NAD J . 2.45 10.28 20.50
O4B NAD J . 2.68 11.34 19.76
C3B NAD J . 3.54 9.29 20.12
O3B NAD J . 2.99 8.06 19.86
C2B NAD J . 4.25 9.90 18.86
O2B NAD J . 4.42 8.86 17.80
C1B NAD J . 3.47 10.84 18.47
N9A NAD J . 4.22 11.98 17.95
C8A NAD J . 5.41 12.47 18.36
N7A NAD J . 5.69 13.54 17.60
C5A NAD J . 4.68 13.71 16.72
C6A NAD J . 4.48 14.64 15.73
N6A NAD J . 5.30 15.69 15.37
N1A NAD J . 3.38 14.58 14.99
C2A NAD J . 2.46 13.60 15.20
N3A NAD J . 2.66 12.68 16.18
C4A NAD J . 3.78 12.74 16.94
O3 NAD J . 2.64 10.43 25.07
PN NAD J . 1.30 10.74 25.88
O1N NAD J . 1.36 10.06 27.21
O2N NAD J . 0.06 10.26 25.10
O5D NAD J . 1.21 12.28 26.09
C5D NAD J . 1.01 13.14 24.96
C4D NAD J . 0.52 14.51 25.47
O4D NAD J . -0.50 14.35 26.24
C3D NAD J . 1.60 15.20 26.33
O3D NAD J . 1.66 16.48 26.03
C2D NAD J . 1.15 15.03 27.80
O2D NAD J . 1.55 16.24 28.62
C1D NAD J . -0.15 14.94 27.71
N1N NAD J . -0.70 14.10 28.74
C2N NAD J . -1.76 14.57 29.50
C3N NAD J . -2.32 13.77 30.50
C7N NAD J . -3.50 14.34 31.32
O7N NAD J . -4.02 15.33 30.97
N7N NAD J . -3.97 13.69 32.51
C4N NAD J . -1.82 12.52 30.74
C5N NAD J . -0.76 12.03 29.98
C6N NAD J . -0.20 12.84 28.98
PA NAD K . 1.38 41.04 -34.69
O1A NAD K . 2.71 41.81 -34.52
O2A NAD K . 0.39 41.52 -33.70
O5B NAD K . 0.84 41.25 -36.18
C5B NAD K . -0.44 40.71 -36.50
C4B NAD K . -1.04 41.62 -37.61
O4B NAD K . -2.12 41.06 -38.11
C3B NAD K . -1.50 42.91 -37.00
O3B NAD K . -0.92 43.97 -37.67
C2B NAD K . -3.04 42.93 -37.17
O2B NAD K . -3.48 44.33 -37.42
C1B NAD K . -3.21 42.22 -38.22
N9A NAD K . -4.51 41.56 -38.23
C8A NAD K . -5.28 41.15 -37.20
N7A NAD K . -6.38 40.56 -37.70
C5A NAD K . -6.28 40.60 -39.03
C6A NAD K . -7.11 40.14 -40.00
N6A NAD K . -8.32 39.50 -39.82
N1A NAD K . -6.79 40.28 -41.28
C2A NAD K . -5.62 40.91 -41.62
N3A NAD K . -4.80 41.36 -40.66
C4A NAD K . -5.13 41.20 -39.37
O3 NAD K . 1.59 39.52 -34.47
PN NAD K . 2.83 38.66 -34.97
O1N NAD K . 3.90 38.68 -33.94
O2N NAD K . 3.38 39.15 -36.30
O5D NAD K . 2.26 37.22 -35.16
C5D NAD K . 1.45 36.95 -36.30
C4D NAD K . 1.56 35.45 -36.61
O4D NAD K . 2.80 35.11 -36.77
C3D NAD K . 1.03 34.60 -35.40
O3D NAD K . 0.38 33.56 -35.85
C2D NAD K . 2.32 34.16 -34.68
O2D NAD K . 2.06 32.90 -33.91
C1D NAD K . 3.16 33.97 -35.66
N1N NAD K . 4.52 34.18 -35.27
C2N NAD K . 5.51 33.27 -35.68
C3N NAD K . 6.84 33.50 -35.31
C7N NAD K . 7.96 32.51 -35.74
O7N NAD K . 7.78 31.70 -36.57
N7N NAD K . 9.25 32.58 -35.13
C4N NAD K . 7.17 34.58 -34.54
C5N NAD K . 6.18 35.49 -34.13
C6N NAD K . 4.85 35.28 -34.50
PA NAD L . -19.00 5.13 -16.71
O1A NAD L . -19.20 6.64 -16.59
O2A NAD L . -18.25 4.78 -17.94
O5B NAD L . -18.23 4.67 -15.39
C5B NAD L . -18.09 3.30 -15.10
C4B NAD L . -16.94 3.18 -14.04
O4B NAD L . -16.72 1.93 -13.72
C3B NAD L . -15.64 3.69 -14.63
O3B NAD L . -15.15 4.71 -13.85
C2B NAD L . -14.70 2.44 -14.62
O2B NAD L . -13.32 2.87 -14.35
C1B NAD L . -15.14 1.70 -13.65
N9A NAD L . -14.98 0.26 -13.83
C8A NAD L . -14.95 -0.46 -14.96
N7A NAD L . -14.84 -1.76 -14.64
C5A NAD L . -14.80 -1.86 -13.30
C6A NAD L . -14.67 -2.93 -12.45
N6A NAD L . -14.56 -4.27 -12.78
N1A NAD L . -14.66 -2.76 -11.14
C2A NAD L . -14.76 -1.52 -10.62
N3A NAD L . -14.87 -0.46 -11.45
C4A NAD L . -14.89 -0.61 -12.79
O3 NAD L . -20.35 4.36 -16.76
PN NAD L . -21.76 4.83 -16.16
O1N NAD L . -21.55 5.43 -14.81
O2N NAD L . -22.48 5.77 -17.11
O5D NAD L . -22.60 3.52 -16.01
C5D NAD L . -22.25 2.47 -15.11
C4D NAD L . -23.54 1.69 -14.80
O4D NAD L . -24.53 2.50 -14.52
C3D NAD L . -24.00 0.89 -16.07
O3D NAD L . -24.52 -0.27 -15.74
C2D NAD L . -25.10 1.79 -16.64
O2D NAD L . -26.01 0.96 -17.48
C1D NAD L . -25.71 2.24 -15.58
N1N NAD L . -26.34 3.50 -15.85
C2N NAD L . -27.59 3.77 -15.32
C3N NAD L . -28.20 5.00 -15.58
C7N NAD L . -29.60 5.30 -15.03
O7N NAD L . -30.12 4.56 -14.27
N7N NAD L . -30.27 6.47 -15.45
C4N NAD L . -27.57 5.95 -16.35
C5N NAD L . -26.30 5.68 -16.87
C6N NAD L . -25.70 4.44 -16.61
#